data_1V31
#
_entry.id   1V31
#
_entity_poly.entity_id   1
_entity_poly.type   'polypeptide(L)'
_entity_poly.pdbx_seq_one_letter_code
;GSSGSSGVPEKFKLSTALMDVLGIEVETRPRIIAAIWHYVKARKLQNPNDPSFFNCDAALQKVFGEEKLKFTMVSQKISH
HLSPPPPSGPSSG
;
_entity_poly.pdbx_strand_id   A
#
# COMPACT_ATOMS: atom_id res chain seq x y z
N GLY A 1 -19.53 -10.78 14.16
CA GLY A 1 -19.02 -9.83 13.17
C GLY A 1 -18.18 -8.74 13.84
N SER A 2 -17.03 -8.47 13.25
CA SER A 2 -16.13 -7.46 13.77
C SER A 2 -15.51 -6.66 12.62
N SER A 3 -14.83 -7.38 11.74
CA SER A 3 -14.19 -6.76 10.60
C SER A 3 -14.83 -7.26 9.30
N GLY A 4 -15.05 -6.32 8.38
CA GLY A 4 -15.65 -6.66 7.11
C GLY A 4 -15.83 -5.40 6.25
N SER A 5 -16.99 -5.33 5.60
CA SER A 5 -17.30 -4.20 4.74
C SER A 5 -18.77 -3.82 4.89
N SER A 6 -19.05 -3.09 5.97
CA SER A 6 -20.42 -2.67 6.24
C SER A 6 -20.56 -1.16 5.97
N GLY A 7 -21.41 -0.85 5.00
CA GLY A 7 -21.65 0.54 4.64
C GLY A 7 -20.44 1.12 3.90
N VAL A 8 -20.04 2.31 4.34
CA VAL A 8 -18.90 2.98 3.72
C VAL A 8 -17.70 2.04 3.73
N PRO A 9 -16.75 2.31 2.78
CA PRO A 9 -15.56 1.49 2.67
C PRO A 9 -14.57 1.82 3.79
N GLU A 10 -13.35 1.33 3.63
CA GLU A 10 -12.31 1.57 4.62
C GLU A 10 -11.11 2.24 3.97
N LYS A 11 -10.63 3.29 4.63
CA LYS A 11 -9.49 4.04 4.13
C LYS A 11 -8.39 4.06 5.20
N PHE A 12 -7.15 4.05 4.73
CA PHE A 12 -6.01 4.08 5.63
C PHE A 12 -5.02 5.17 5.23
N LYS A 13 -4.54 5.89 6.24
CA LYS A 13 -3.60 6.97 6.00
C LYS A 13 -2.27 6.38 5.55
N LEU A 14 -1.76 6.91 4.45
CA LEU A 14 -0.50 6.44 3.89
C LEU A 14 0.65 6.99 4.73
N SER A 15 1.76 6.27 4.71
CA SER A 15 2.94 6.68 5.46
C SER A 15 3.73 7.73 4.67
N THR A 16 4.64 8.39 5.37
CA THR A 16 5.46 9.40 4.75
C THR A 16 6.24 8.82 3.56
N ALA A 17 6.78 7.63 3.79
CA ALA A 17 7.55 6.94 2.76
C ALA A 17 6.59 6.35 1.73
N LEU A 18 5.55 5.69 2.24
CA LEU A 18 4.56 5.07 1.37
C LEU A 18 3.92 6.14 0.50
N MET A 19 3.82 7.34 1.06
CA MET A 19 3.22 8.45 0.33
C MET A 19 4.17 8.98 -0.75
N ASP A 20 5.46 8.83 -0.48
CA ASP A 20 6.47 9.28 -1.42
C ASP A 20 6.68 8.21 -2.49
N VAL A 21 6.08 7.04 -2.25
CA VAL A 21 6.19 5.94 -3.18
C VAL A 21 5.14 6.11 -4.28
N LEU A 22 3.91 6.28 -3.85
CA LEU A 22 2.81 6.46 -4.80
C LEU A 22 2.53 7.95 -4.98
N GLY A 23 2.13 8.59 -3.89
CA GLY A 23 1.83 10.01 -3.94
C GLY A 23 0.38 10.28 -3.53
N ILE A 24 -0.10 9.48 -2.59
CA ILE A 24 -1.46 9.62 -2.12
C ILE A 24 -1.44 10.11 -0.67
N GLU A 25 -2.62 10.07 -0.06
CA GLU A 25 -2.75 10.50 1.33
C GLU A 25 -3.78 9.63 2.06
N VAL A 26 -4.89 9.40 1.39
CA VAL A 26 -5.95 8.58 1.97
C VAL A 26 -6.51 7.65 0.90
N GLU A 27 -6.15 6.38 1.02
CA GLU A 27 -6.60 5.38 0.07
C GLU A 27 -7.14 4.16 0.80
N THR A 28 -7.58 3.18 0.02
CA THR A 28 -8.13 1.95 0.59
C THR A 28 -7.01 0.92 0.79
N ARG A 29 -7.43 -0.33 0.96
CA ARG A 29 -6.48 -1.41 1.16
C ARG A 29 -5.92 -1.89 -0.18
N PRO A 30 -6.84 -2.07 -1.16
CA PRO A 30 -6.46 -2.53 -2.48
C PRO A 30 -5.79 -1.40 -3.27
N ARG A 31 -6.53 -0.31 -3.43
CA ARG A 31 -6.03 0.84 -4.16
C ARG A 31 -4.52 1.00 -3.91
N ILE A 32 -4.13 0.81 -2.67
CA ILE A 32 -2.74 0.93 -2.29
C ILE A 32 -1.95 -0.24 -2.87
N ILE A 33 -2.31 -1.44 -2.40
CA ILE A 33 -1.65 -2.65 -2.86
C ILE A 33 -1.48 -2.59 -4.38
N ALA A 34 -2.54 -2.15 -5.05
CA ALA A 34 -2.51 -2.04 -6.50
C ALA A 34 -1.59 -0.89 -6.90
N ALA A 35 -1.79 0.25 -6.24
CA ALA A 35 -0.99 1.43 -6.52
C ALA A 35 0.49 1.03 -6.57
N ILE A 36 0.82 0.01 -5.79
CA ILE A 36 2.19 -0.47 -5.72
C ILE A 36 2.45 -1.42 -6.90
N TRP A 37 1.41 -2.17 -7.25
CA TRP A 37 1.51 -3.11 -8.35
C TRP A 37 1.82 -2.33 -9.62
N HIS A 38 1.01 -1.29 -9.85
CA HIS A 38 1.19 -0.46 -11.03
C HIS A 38 2.54 0.25 -10.95
N TYR A 39 2.71 1.04 -9.91
CA TYR A 39 3.95 1.77 -9.71
C TYR A 39 5.17 0.89 -10.01
N VAL A 40 5.21 -0.26 -9.34
CA VAL A 40 6.30 -1.19 -9.52
C VAL A 40 6.57 -1.37 -11.02
N LYS A 41 5.57 -1.89 -11.71
CA LYS A 41 5.69 -2.11 -13.14
C LYS A 41 6.05 -0.80 -13.83
N ALA A 42 5.33 0.25 -13.45
CA ALA A 42 5.56 1.56 -14.02
C ALA A 42 7.06 1.88 -13.97
N ARG A 43 7.66 1.58 -12.84
CA ARG A 43 9.08 1.82 -12.64
C ARG A 43 9.89 0.59 -13.08
N LYS A 44 9.28 -0.19 -13.95
CA LYS A 44 9.94 -1.39 -14.45
C LYS A 44 10.66 -2.10 -13.30
N LEU A 45 9.94 -2.24 -12.20
CA LEU A 45 10.50 -2.89 -11.02
C LEU A 45 10.17 -4.38 -11.07
N GLN A 46 9.08 -4.70 -11.75
CA GLN A 46 8.65 -6.08 -11.87
C GLN A 46 9.86 -7.00 -12.09
N ASN A 47 9.80 -8.16 -11.48
CA ASN A 47 10.88 -9.13 -11.58
C ASN A 47 10.51 -10.19 -12.63
N PRO A 48 11.49 -10.45 -13.54
CA PRO A 48 11.27 -11.44 -14.59
C PRO A 48 11.34 -12.86 -14.04
N ASN A 49 12.34 -13.09 -13.20
CA ASN A 49 12.52 -14.39 -12.60
C ASN A 49 11.22 -14.83 -11.92
N ASP A 50 10.65 -13.90 -11.16
CA ASP A 50 9.42 -14.18 -10.46
C ASP A 50 8.40 -13.07 -10.77
N PRO A 51 7.25 -13.49 -11.38
CA PRO A 51 6.21 -12.54 -11.73
C PRO A 51 5.43 -12.11 -10.49
N SER A 52 5.67 -12.81 -9.40
CA SER A 52 5.01 -12.51 -8.15
C SER A 52 5.82 -11.49 -7.34
N PHE A 53 7.13 -11.52 -7.56
CA PHE A 53 8.03 -10.62 -6.88
C PHE A 53 8.40 -9.43 -7.77
N PHE A 54 8.89 -8.38 -7.13
CA PHE A 54 9.28 -7.18 -7.84
C PHE A 54 10.47 -6.50 -7.16
N ASN A 55 11.34 -5.94 -7.99
CA ASN A 55 12.52 -5.26 -7.48
C ASN A 55 12.09 -3.95 -6.80
N CYS A 56 13.02 -3.40 -6.02
CA CYS A 56 12.74 -2.16 -5.31
C CYS A 56 13.41 -1.02 -6.09
N ASP A 57 12.80 0.16 -5.96
CA ASP A 57 13.32 1.33 -6.64
C ASP A 57 14.24 2.11 -5.70
N ALA A 58 13.71 2.37 -4.50
CA ALA A 58 14.46 3.09 -3.50
C ALA A 58 13.51 3.60 -2.42
N ALA A 59 12.28 3.85 -2.84
CA ALA A 59 11.26 4.34 -1.92
C ALA A 59 10.47 3.16 -1.37
N LEU A 60 10.55 2.05 -2.08
CA LEU A 60 9.85 0.85 -1.67
C LEU A 60 10.59 0.19 -0.50
N GLN A 61 11.87 0.48 -0.42
CA GLN A 61 12.70 -0.06 0.64
C GLN A 61 12.28 0.52 1.99
N LYS A 62 12.47 1.82 2.12
CA LYS A 62 12.12 2.52 3.34
C LYS A 62 10.80 1.95 3.88
N VAL A 63 9.96 1.51 2.95
CA VAL A 63 8.67 0.96 3.31
C VAL A 63 8.87 -0.44 3.89
N PHE A 64 9.31 -1.35 3.03
CA PHE A 64 9.54 -2.73 3.44
C PHE A 64 10.94 -2.88 4.05
N GLY A 65 11.94 -2.67 3.19
CA GLY A 65 13.32 -2.79 3.62
C GLY A 65 14.03 -3.92 2.88
N GLU A 66 13.25 -4.66 2.09
CA GLU A 66 13.79 -5.77 1.33
C GLU A 66 14.02 -5.35 -0.13
N GLU A 67 15.08 -5.90 -0.71
CA GLU A 67 15.42 -5.59 -2.09
C GLU A 67 14.21 -5.79 -2.99
N LYS A 68 13.48 -6.87 -2.72
CA LYS A 68 12.30 -7.19 -3.50
C LYS A 68 11.24 -7.81 -2.58
N LEU A 69 10.01 -7.77 -3.06
CA LEU A 69 8.90 -8.33 -2.29
C LEU A 69 7.87 -8.93 -3.26
N LYS A 70 6.92 -9.65 -2.68
CA LYS A 70 5.88 -10.30 -3.47
C LYS A 70 4.76 -9.28 -3.74
N PHE A 71 3.98 -9.58 -4.77
CA PHE A 71 2.88 -8.71 -5.14
C PHE A 71 1.67 -8.93 -4.22
N THR A 72 1.72 -10.02 -3.48
CA THR A 72 0.65 -10.36 -2.57
C THR A 72 1.03 -10.00 -1.14
N MET A 73 2.30 -10.27 -0.81
CA MET A 73 2.80 -9.97 0.52
C MET A 73 2.57 -8.50 0.88
N VAL A 74 2.64 -7.66 -0.13
CA VAL A 74 2.44 -6.23 0.06
C VAL A 74 1.27 -6.00 1.01
N SER A 75 0.26 -6.85 0.86
CA SER A 75 -0.92 -6.75 1.70
C SER A 75 -0.54 -6.93 3.16
N GLN A 76 0.26 -7.96 3.41
CA GLN A 76 0.71 -8.26 4.76
C GLN A 76 2.02 -7.52 5.06
N LYS A 77 2.21 -6.41 4.37
CA LYS A 77 3.40 -5.61 4.55
C LYS A 77 3.02 -4.13 4.66
N ILE A 78 2.22 -3.69 3.70
CA ILE A 78 1.77 -2.31 3.67
C ILE A 78 0.84 -2.05 4.86
N SER A 79 0.08 -3.09 5.20
CA SER A 79 -0.84 -2.98 6.32
C SER A 79 -0.19 -2.23 7.48
N HIS A 80 0.92 -2.78 7.93
CA HIS A 80 1.66 -2.17 9.04
C HIS A 80 1.75 -0.66 8.83
N HIS A 81 2.03 -0.29 7.59
CA HIS A 81 2.13 1.13 7.25
C HIS A 81 0.76 1.77 7.29
N LEU A 82 -0.23 1.01 6.86
CA LEU A 82 -1.61 1.49 6.84
C LEU A 82 -2.01 1.93 8.24
N SER A 83 -2.67 3.08 8.31
CA SER A 83 -3.12 3.62 9.58
C SER A 83 -4.50 4.26 9.43
N PRO A 84 -5.18 4.44 10.59
CA PRO A 84 -6.50 5.04 10.60
C PRO A 84 -6.44 6.55 10.35
N PRO A 85 -7.20 7.00 9.33
CA PRO A 85 -7.23 8.41 8.98
C PRO A 85 -8.05 9.21 10.00
N PRO A 86 -8.01 10.56 9.84
CA PRO A 86 -8.76 11.43 10.73
C PRO A 86 -10.26 11.40 10.42
N PRO A 87 -11.03 10.87 11.39
CA PRO A 87 -12.48 10.77 11.23
C PRO A 87 -13.13 12.14 11.41
N SER A 88 -14.40 12.19 11.03
CA SER A 88 -15.16 13.43 11.13
C SER A 88 -16.35 13.22 12.07
N GLY A 89 -16.28 13.88 13.22
CA GLY A 89 -17.35 13.78 14.20
C GLY A 89 -16.83 13.16 15.50
N PRO A 90 -17.73 13.17 16.54
CA PRO A 90 -17.38 12.60 17.82
C PRO A 90 -17.41 11.07 17.78
N SER A 91 -16.67 10.47 18.70
CA SER A 91 -16.61 9.02 18.78
C SER A 91 -16.44 8.58 20.24
N SER A 92 -16.64 7.29 20.46
CA SER A 92 -16.51 6.73 21.79
C SER A 92 -15.94 5.31 21.71
N GLY A 93 -16.66 4.46 20.99
CA GLY A 93 -16.24 3.08 20.83
C GLY A 93 -15.81 2.80 19.39
N GLY A 1 -8.73 -16.89 5.57
CA GLY A 1 -10.01 -17.12 4.91
C GLY A 1 -10.80 -15.80 4.79
N SER A 2 -10.30 -14.93 3.94
CA SER A 2 -10.94 -13.64 3.73
C SER A 2 -10.98 -12.85 5.03
N SER A 3 -11.13 -11.54 4.89
CA SER A 3 -11.18 -10.66 6.05
C SER A 3 -12.32 -9.65 5.89
N GLY A 4 -13.23 -9.66 6.85
CA GLY A 4 -14.35 -8.76 6.83
C GLY A 4 -15.52 -9.35 6.03
N SER A 5 -16.27 -10.22 6.69
CA SER A 5 -17.40 -10.87 6.06
C SER A 5 -18.53 -9.85 5.85
N SER A 6 -18.76 -9.53 4.59
CA SER A 6 -19.81 -8.58 4.24
C SER A 6 -19.46 -7.20 4.80
N GLY A 7 -19.54 -6.21 3.93
CA GLY A 7 -19.24 -4.85 4.33
C GLY A 7 -17.98 -4.33 3.63
N VAL A 8 -18.16 -3.24 2.89
CA VAL A 8 -17.04 -2.65 2.17
C VAL A 8 -15.88 -2.42 3.13
N PRO A 9 -14.65 -2.34 2.54
CA PRO A 9 -13.45 -2.12 3.33
C PRO A 9 -13.36 -0.67 3.81
N GLU A 10 -12.27 -0.37 4.49
CA GLU A 10 -12.05 0.97 5.00
C GLU A 10 -10.84 1.61 4.31
N LYS A 11 -10.48 2.79 4.79
CA LYS A 11 -9.35 3.52 4.24
C LYS A 11 -8.21 3.54 5.25
N PHE A 12 -7.03 3.90 4.76
CA PHE A 12 -5.86 3.96 5.62
C PHE A 12 -4.88 5.02 5.12
N LYS A 13 -4.43 5.86 6.05
CA LYS A 13 -3.49 6.92 5.73
C LYS A 13 -2.21 6.30 5.16
N LEU A 14 -1.34 7.17 4.68
CA LEU A 14 -0.07 6.73 4.12
C LEU A 14 1.08 7.33 4.92
N SER A 15 2.19 6.61 4.93
CA SER A 15 3.37 7.07 5.65
C SER A 15 4.13 8.11 4.82
N THR A 16 5.15 8.68 5.45
CA THR A 16 5.95 9.69 4.79
C THR A 16 6.61 9.11 3.53
N ALA A 17 6.91 7.82 3.61
CA ALA A 17 7.55 7.14 2.48
C ALA A 17 6.47 6.64 1.53
N LEU A 18 5.44 6.04 2.11
CA LEU A 18 4.34 5.52 1.32
C LEU A 18 3.64 6.68 0.60
N MET A 19 3.84 7.87 1.13
CA MET A 19 3.23 9.05 0.55
C MET A 19 3.97 9.49 -0.71
N ASP A 20 5.29 9.32 -0.68
CA ASP A 20 6.12 9.69 -1.81
C ASP A 20 6.30 8.48 -2.73
N VAL A 21 5.66 7.38 -2.33
CA VAL A 21 5.74 6.16 -3.11
C VAL A 21 4.65 6.17 -4.18
N LEU A 22 3.44 6.46 -3.74
CA LEU A 22 2.30 6.50 -4.65
C LEU A 22 1.90 7.96 -4.88
N GLY A 23 1.71 8.67 -3.77
CA GLY A 23 1.33 10.07 -3.84
C GLY A 23 -0.06 10.29 -3.24
N ILE A 24 -0.43 9.39 -2.34
CA ILE A 24 -1.72 9.47 -1.69
C ILE A 24 -1.52 9.68 -0.19
N GLU A 25 -2.52 10.27 0.44
CA GLU A 25 -2.47 10.53 1.86
C GLU A 25 -3.35 9.54 2.63
N VAL A 26 -4.37 9.05 1.94
CA VAL A 26 -5.30 8.10 2.53
C VAL A 26 -6.04 7.36 1.43
N GLU A 27 -5.73 6.08 1.29
CA GLU A 27 -6.37 5.25 0.28
C GLU A 27 -6.81 3.92 0.89
N THR A 28 -7.64 3.21 0.13
CA THR A 28 -8.14 1.92 0.58
C THR A 28 -7.00 0.93 0.77
N ARG A 29 -7.37 -0.32 0.98
CA ARG A 29 -6.38 -1.37 1.18
C ARG A 29 -5.86 -1.86 -0.17
N PRO A 30 -6.82 -2.07 -1.11
CA PRO A 30 -6.46 -2.53 -2.45
C PRO A 30 -5.83 -1.41 -3.28
N ARG A 31 -6.52 -0.28 -3.30
CA ARG A 31 -6.05 0.87 -4.04
C ARG A 31 -4.54 1.03 -3.86
N ILE A 32 -4.10 0.88 -2.62
CA ILE A 32 -2.69 1.01 -2.29
C ILE A 32 -1.93 -0.16 -2.92
N ILE A 33 -2.27 -1.36 -2.47
CA ILE A 33 -1.62 -2.56 -2.97
C ILE A 33 -1.47 -2.45 -4.49
N ALA A 34 -2.56 -2.04 -5.13
CA ALA A 34 -2.55 -1.89 -6.57
C ALA A 34 -1.59 -0.78 -6.97
N ALA A 35 -1.75 0.36 -6.31
CA ALA A 35 -0.90 1.51 -6.59
C ALA A 35 0.56 1.04 -6.67
N ILE A 36 0.90 0.10 -5.80
CA ILE A 36 2.25 -0.42 -5.76
C ILE A 36 2.44 -1.43 -6.90
N TRP A 37 1.36 -2.15 -7.19
CA TRP A 37 1.39 -3.14 -8.26
C TRP A 37 1.75 -2.43 -9.56
N HIS A 38 1.13 -1.27 -9.75
CA HIS A 38 1.37 -0.48 -10.96
C HIS A 38 2.72 0.22 -10.84
N TYR A 39 2.82 1.07 -9.82
CA TYR A 39 4.06 1.81 -9.60
C TYR A 39 5.28 0.95 -9.92
N VAL A 40 5.18 -0.32 -9.57
CA VAL A 40 6.26 -1.26 -9.81
C VAL A 40 6.41 -1.48 -11.32
N LYS A 41 5.36 -2.02 -11.91
CA LYS A 41 5.36 -2.29 -13.33
C LYS A 41 5.70 -1.01 -14.09
N ALA A 42 5.21 0.10 -13.56
CA ALA A 42 5.47 1.39 -14.18
C ALA A 42 6.95 1.75 -14.01
N ARG A 43 7.47 1.44 -12.84
CA ARG A 43 8.86 1.73 -12.54
C ARG A 43 9.74 0.54 -12.94
N LYS A 44 9.21 -0.27 -13.84
CA LYS A 44 9.93 -1.43 -14.33
C LYS A 44 10.63 -2.12 -13.15
N LEU A 45 9.92 -2.14 -12.02
CA LEU A 45 10.45 -2.75 -10.82
C LEU A 45 10.14 -4.25 -10.84
N GLN A 46 9.08 -4.59 -11.56
CA GLN A 46 8.66 -5.99 -11.67
C GLN A 46 9.88 -6.88 -11.88
N ASN A 47 9.75 -8.11 -11.41
CA ASN A 47 10.83 -9.08 -11.55
C ASN A 47 10.58 -9.95 -12.78
N PRO A 48 11.65 -10.09 -13.61
CA PRO A 48 11.56 -10.88 -14.82
C PRO A 48 11.58 -12.38 -14.49
N ASN A 49 12.28 -12.71 -13.42
CA ASN A 49 12.39 -14.10 -12.99
C ASN A 49 11.10 -14.50 -12.27
N ASP A 50 10.86 -13.88 -11.13
CA ASP A 50 9.68 -14.17 -10.34
C ASP A 50 8.61 -13.12 -10.64
N PRO A 51 7.50 -13.59 -11.28
CA PRO A 51 6.41 -12.70 -11.63
C PRO A 51 5.58 -12.34 -10.40
N SER A 52 5.87 -13.03 -9.30
CA SER A 52 5.16 -12.81 -8.05
C SER A 52 5.95 -11.82 -7.18
N PHE A 53 7.19 -11.57 -7.61
CA PHE A 53 8.05 -10.66 -6.87
C PHE A 53 8.35 -9.41 -7.71
N PHE A 54 9.10 -8.50 -7.10
CA PHE A 54 9.48 -7.26 -7.77
C PHE A 54 10.58 -6.54 -7.01
N ASN A 55 11.31 -5.70 -7.74
CA ASN A 55 12.39 -4.94 -7.15
C ASN A 55 11.81 -3.80 -6.30
N CYS A 56 12.34 -3.67 -5.09
CA CYS A 56 11.88 -2.64 -4.18
C CYS A 56 12.85 -1.45 -4.28
N ASP A 57 12.40 -0.43 -5.00
CA ASP A 57 13.21 0.76 -5.18
C ASP A 57 13.64 1.29 -3.81
N ALA A 58 14.29 2.45 -3.84
CA ALA A 58 14.77 3.07 -2.61
C ALA A 58 13.57 3.42 -1.74
N ALA A 59 12.47 3.76 -2.40
CA ALA A 59 11.25 4.12 -1.69
C ALA A 59 10.61 2.87 -1.10
N LEU A 60 10.17 1.99 -1.99
CA LEU A 60 9.53 0.75 -1.57
C LEU A 60 10.33 0.14 -0.42
N GLN A 61 11.63 0.44 -0.41
CA GLN A 61 12.50 -0.06 0.63
C GLN A 61 12.12 0.52 1.99
N LYS A 62 12.33 1.83 2.12
CA LYS A 62 12.01 2.52 3.35
C LYS A 62 10.67 2.01 3.89
N VAL A 63 9.82 1.59 2.96
CA VAL A 63 8.52 1.07 3.33
C VAL A 63 8.67 -0.36 3.87
N PHE A 64 9.04 -1.25 2.96
CA PHE A 64 9.22 -2.65 3.33
C PHE A 64 10.54 -2.86 4.07
N GLY A 65 11.63 -2.66 3.34
CA GLY A 65 12.96 -2.82 3.91
C GLY A 65 13.69 -4.01 3.28
N GLU A 66 13.02 -4.63 2.33
CA GLU A 66 13.59 -5.78 1.64
C GLU A 66 13.89 -5.43 0.18
N GLU A 67 15.01 -5.97 -0.31
CA GLU A 67 15.42 -5.72 -1.68
C GLU A 67 14.26 -5.98 -2.64
N LYS A 68 13.58 -7.08 -2.40
CA LYS A 68 12.44 -7.45 -3.24
C LYS A 68 11.30 -7.97 -2.35
N LEU A 69 10.10 -7.91 -2.90
CA LEU A 69 8.93 -8.37 -2.18
C LEU A 69 7.95 -9.03 -3.16
N LYS A 70 6.96 -9.70 -2.59
CA LYS A 70 5.96 -10.38 -3.40
C LYS A 70 4.83 -9.41 -3.71
N PHE A 71 4.13 -9.69 -4.81
CA PHE A 71 3.03 -8.85 -5.23
C PHE A 71 1.80 -9.07 -4.34
N THR A 72 1.83 -10.18 -3.61
CA THR A 72 0.74 -10.52 -2.72
C THR A 72 1.07 -10.10 -1.29
N MET A 73 2.31 -10.39 -0.89
CA MET A 73 2.75 -10.04 0.44
C MET A 73 2.52 -8.57 0.75
N VAL A 74 2.56 -7.77 -0.31
CA VAL A 74 2.36 -6.33 -0.17
C VAL A 74 1.19 -6.08 0.77
N SER A 75 0.21 -6.97 0.71
CA SER A 75 -0.97 -6.86 1.55
C SER A 75 -0.58 -7.06 3.02
N GLN A 76 0.22 -8.08 3.25
CA GLN A 76 0.67 -8.39 4.60
C GLN A 76 1.98 -7.66 4.91
N LYS A 77 2.15 -6.52 4.26
CA LYS A 77 3.35 -5.71 4.45
C LYS A 77 2.94 -4.24 4.61
N ILE A 78 2.18 -3.76 3.64
CA ILE A 78 1.72 -2.39 3.65
C ILE A 78 0.75 -2.18 4.81
N SER A 79 0.02 -3.25 5.12
CA SER A 79 -0.95 -3.19 6.21
C SER A 79 -0.31 -2.57 7.45
N HIS A 80 0.98 -2.82 7.60
CA HIS A 80 1.72 -2.29 8.73
C HIS A 80 1.75 -0.76 8.66
N HIS A 81 1.88 -0.27 7.43
CA HIS A 81 1.93 1.17 7.21
C HIS A 81 0.50 1.74 7.24
N LEU A 82 -0.45 0.91 6.82
CA LEU A 82 -1.84 1.31 6.79
C LEU A 82 -2.26 1.78 8.20
N SER A 83 -2.54 3.06 8.29
CA SER A 83 -2.95 3.64 9.57
C SER A 83 -4.39 4.15 9.46
N PRO A 84 -5.04 4.29 10.65
CA PRO A 84 -6.41 4.77 10.72
C PRO A 84 -6.48 6.28 10.46
N PRO A 85 -7.27 6.65 9.42
CA PRO A 85 -7.43 8.04 9.07
C PRO A 85 -8.35 8.76 10.07
N PRO A 86 -8.43 10.11 9.90
CA PRO A 86 -9.26 10.92 10.78
C PRO A 86 -10.74 10.75 10.45
N PRO A 87 -11.57 10.82 11.52
CA PRO A 87 -13.02 10.66 11.36
C PRO A 87 -13.63 11.92 10.76
N SER A 88 -13.53 13.02 11.51
CA SER A 88 -14.08 14.28 11.06
C SER A 88 -13.17 15.43 11.50
N GLY A 89 -12.95 15.50 12.82
CA GLY A 89 -12.11 16.54 13.38
C GLY A 89 -10.69 16.46 12.82
N PRO A 90 -10.35 17.48 11.99
CA PRO A 90 -9.03 17.53 11.38
C PRO A 90 -7.97 17.97 12.40
N SER A 91 -7.61 17.03 13.26
CA SER A 91 -6.62 17.29 14.29
C SER A 91 -5.26 16.70 13.86
N SER A 92 -4.21 17.24 14.45
CA SER A 92 -2.86 16.78 14.16
C SER A 92 -2.15 16.40 15.46
N GLY A 93 -1.38 15.32 15.37
CA GLY A 93 -0.63 14.83 16.53
C GLY A 93 0.61 15.69 16.77
N GLY A 1 -16.03 -7.91 14.15
CA GLY A 1 -14.88 -8.00 13.28
C GLY A 1 -15.03 -9.16 12.28
N SER A 2 -15.99 -9.02 11.38
CA SER A 2 -16.25 -10.04 10.39
C SER A 2 -16.83 -9.40 9.13
N SER A 3 -16.76 -10.15 8.03
CA SER A 3 -17.28 -9.67 6.76
C SER A 3 -18.73 -10.10 6.59
N GLY A 4 -19.40 -9.47 5.64
CA GLY A 4 -20.79 -9.78 5.36
C GLY A 4 -21.34 -8.92 4.23
N SER A 5 -22.09 -7.89 4.61
CA SER A 5 -22.67 -6.99 3.63
C SER A 5 -21.90 -5.67 3.61
N SER A 6 -21.93 -4.99 4.75
CA SER A 6 -21.24 -3.72 4.88
C SER A 6 -21.85 -2.70 3.92
N GLY A 7 -21.51 -1.43 4.16
CA GLY A 7 -22.02 -0.35 3.33
C GLY A 7 -20.87 0.54 2.85
N VAL A 8 -20.16 1.10 3.81
CA VAL A 8 -19.04 1.97 3.49
C VAL A 8 -17.74 1.16 3.51
N PRO A 9 -16.81 1.54 2.58
CA PRO A 9 -15.54 0.85 2.49
C PRO A 9 -14.61 1.27 3.63
N GLU A 10 -13.35 0.86 3.51
CA GLU A 10 -12.36 1.19 4.52
C GLU A 10 -11.17 1.91 3.89
N LYS A 11 -10.74 2.98 4.55
CA LYS A 11 -9.62 3.76 4.07
C LYS A 11 -8.55 3.84 5.16
N PHE A 12 -7.31 3.95 4.72
CA PHE A 12 -6.19 4.02 5.64
C PHE A 12 -5.25 5.17 5.26
N LYS A 13 -4.46 5.60 6.23
CA LYS A 13 -3.52 6.69 6.02
C LYS A 13 -2.20 6.10 5.49
N LEU A 14 -1.57 6.88 4.61
CA LEU A 14 -0.31 6.47 4.02
C LEU A 14 0.85 7.11 4.79
N SER A 15 1.94 6.37 4.88
CA SER A 15 3.12 6.85 5.57
C SER A 15 3.85 7.88 4.71
N THR A 16 4.83 8.54 5.33
CA THR A 16 5.61 9.55 4.63
C THR A 16 6.39 8.91 3.48
N ALA A 17 6.90 7.71 3.74
CA ALA A 17 7.67 6.99 2.74
C ALA A 17 6.72 6.48 1.66
N LEU A 18 5.64 5.85 2.10
CA LEU A 18 4.66 5.32 1.17
C LEU A 18 4.06 6.45 0.35
N MET A 19 3.78 7.56 1.03
CA MET A 19 3.21 8.71 0.38
C MET A 19 4.15 9.25 -0.70
N ASP A 20 5.39 8.79 -0.65
CA ASP A 20 6.38 9.22 -1.62
C ASP A 20 6.53 8.15 -2.69
N VAL A 21 5.86 7.02 -2.47
CA VAL A 21 5.91 5.92 -3.42
C VAL A 21 4.82 6.12 -4.48
N LEU A 22 3.61 6.33 -4.00
CA LEU A 22 2.48 6.53 -4.90
C LEU A 22 2.17 8.02 -4.99
N GLY A 23 1.84 8.60 -3.86
CA GLY A 23 1.52 10.02 -3.79
C GLY A 23 0.09 10.24 -3.30
N ILE A 24 -0.33 9.38 -2.38
CA ILE A 24 -1.66 9.47 -1.83
C ILE A 24 -1.57 9.90 -0.36
N GLU A 25 -2.70 9.81 0.31
CA GLU A 25 -2.76 10.18 1.72
C GLU A 25 -3.76 9.28 2.46
N VAL A 26 -4.91 9.09 1.84
CA VAL A 26 -5.95 8.27 2.44
C VAL A 26 -6.61 7.43 1.34
N GLU A 27 -6.16 6.18 1.25
CA GLU A 27 -6.69 5.26 0.25
C GLU A 27 -7.15 3.96 0.92
N THR A 28 -7.77 3.11 0.12
CA THR A 28 -8.26 1.83 0.61
C THR A 28 -7.09 0.86 0.83
N ARG A 29 -7.44 -0.41 1.00
CA ARG A 29 -6.45 -1.43 1.22
C ARG A 29 -5.86 -1.90 -0.12
N PRO A 30 -6.78 -2.15 -1.08
CA PRO A 30 -6.37 -2.59 -2.40
C PRO A 30 -5.77 -1.44 -3.21
N ARG A 31 -6.56 -0.39 -3.36
CA ARG A 31 -6.12 0.78 -4.11
C ARG A 31 -4.63 1.02 -3.88
N ILE A 32 -4.21 0.81 -2.65
CA ILE A 32 -2.81 1.00 -2.28
C ILE A 32 -1.98 -0.16 -2.85
N ILE A 33 -2.31 -1.35 -2.39
CA ILE A 33 -1.61 -2.54 -2.85
C ILE A 33 -1.43 -2.47 -4.37
N ALA A 34 -2.50 -2.09 -5.04
CA ALA A 34 -2.47 -1.97 -6.49
C ALA A 34 -1.56 -0.81 -6.90
N ALA A 35 -1.81 0.33 -6.27
CA ALA A 35 -1.02 1.52 -6.55
C ALA A 35 0.46 1.14 -6.60
N ILE A 36 0.81 0.12 -5.84
CA ILE A 36 2.19 -0.35 -5.78
C ILE A 36 2.44 -1.31 -6.94
N TRP A 37 1.45 -2.14 -7.20
CA TRP A 37 1.55 -3.13 -8.28
C TRP A 37 1.84 -2.36 -9.57
N HIS A 38 1.17 -1.22 -9.72
CA HIS A 38 1.34 -0.40 -10.91
C HIS A 38 2.70 0.31 -10.84
N TYR A 39 2.85 1.14 -9.82
CA TYR A 39 4.08 1.88 -9.63
C TYR A 39 5.30 1.00 -9.93
N VAL A 40 5.24 -0.23 -9.45
CA VAL A 40 6.33 -1.17 -9.66
C VAL A 40 6.53 -1.39 -11.17
N LYS A 41 5.45 -1.79 -11.82
CA LYS A 41 5.49 -2.04 -13.26
C LYS A 41 5.84 -0.73 -13.97
N ALA A 42 5.35 0.36 -13.42
CA ALA A 42 5.60 1.68 -14.01
C ALA A 42 7.10 1.97 -13.94
N ARG A 43 7.69 1.62 -12.81
CA ARG A 43 9.12 1.85 -12.61
C ARG A 43 9.92 0.64 -13.10
N LYS A 44 9.21 -0.28 -13.75
CA LYS A 44 9.84 -1.48 -14.27
C LYS A 44 10.57 -2.20 -13.14
N LEU A 45 9.98 -2.13 -11.96
CA LEU A 45 10.56 -2.77 -10.78
C LEU A 45 10.23 -4.26 -10.81
N GLN A 46 9.11 -4.58 -11.45
CA GLN A 46 8.67 -5.96 -11.54
C GLN A 46 9.86 -6.88 -11.84
N ASN A 47 9.81 -8.06 -11.26
CA ASN A 47 10.87 -9.04 -11.46
C ASN A 47 10.47 -10.03 -12.55
N PRO A 48 11.41 -10.26 -13.49
CA PRO A 48 11.16 -11.17 -14.59
C PRO A 48 11.22 -12.63 -14.12
N ASN A 49 12.29 -12.92 -13.39
CA ASN A 49 12.48 -14.27 -12.88
C ASN A 49 11.18 -14.75 -12.22
N ASP A 50 10.63 -13.89 -11.38
CA ASP A 50 9.39 -14.22 -10.69
C ASP A 50 8.37 -13.10 -10.93
N PRO A 51 7.22 -13.49 -11.54
CA PRO A 51 6.16 -12.54 -11.84
C PRO A 51 5.40 -12.17 -10.56
N SER A 52 5.74 -12.86 -9.49
CA SER A 52 5.09 -12.61 -8.20
C SER A 52 5.88 -11.56 -7.41
N PHE A 53 7.20 -11.67 -7.47
CA PHE A 53 8.07 -10.75 -6.78
C PHE A 53 8.34 -9.51 -7.62
N PHE A 54 9.09 -8.57 -7.04
CA PHE A 54 9.43 -7.34 -7.74
C PHE A 54 10.56 -6.61 -7.02
N ASN A 55 11.27 -5.79 -7.78
CA ASN A 55 12.38 -5.02 -7.24
C ASN A 55 11.82 -3.92 -6.33
N CYS A 56 12.56 -3.66 -5.25
CA CYS A 56 12.15 -2.64 -4.31
C CYS A 56 13.21 -1.53 -4.33
N ASP A 57 12.84 -0.41 -4.94
CA ASP A 57 13.73 0.73 -5.04
C ASP A 57 13.95 1.32 -3.64
N ALA A 58 14.62 2.46 -3.62
CA ALA A 58 14.91 3.13 -2.37
C ALA A 58 13.59 3.42 -1.64
N ALA A 59 12.57 3.74 -2.42
CA ALA A 59 11.26 4.04 -1.86
C ALA A 59 10.66 2.76 -1.26
N LEU A 60 10.29 1.86 -2.16
CA LEU A 60 9.70 0.59 -1.74
C LEU A 60 10.48 0.04 -0.55
N GLN A 61 11.77 0.34 -0.54
CA GLN A 61 12.64 -0.11 0.54
C GLN A 61 12.22 0.52 1.87
N LYS A 62 12.36 1.84 1.93
CA LYS A 62 11.99 2.57 3.13
C LYS A 62 10.67 2.02 3.68
N VAL A 63 9.85 1.53 2.76
CA VAL A 63 8.56 0.98 3.14
C VAL A 63 8.76 -0.40 3.78
N PHE A 64 9.17 -1.35 2.95
CA PHE A 64 9.41 -2.70 3.42
C PHE A 64 10.79 -2.82 4.07
N GLY A 65 11.81 -2.63 3.25
CA GLY A 65 13.17 -2.71 3.73
C GLY A 65 13.87 -3.96 3.18
N GLU A 66 13.30 -4.49 2.10
CA GLU A 66 13.86 -5.68 1.47
C GLU A 66 14.13 -5.41 -0.01
N GLU A 67 15.21 -5.99 -0.50
CA GLU A 67 15.59 -5.82 -1.89
C GLU A 67 14.37 -6.01 -2.80
N LYS A 68 13.65 -7.10 -2.55
CA LYS A 68 12.47 -7.41 -3.34
C LYS A 68 11.36 -7.90 -2.40
N LEU A 69 10.15 -7.95 -2.94
CA LEU A 69 9.01 -8.41 -2.18
C LEU A 69 8.01 -9.09 -3.12
N LYS A 70 7.05 -9.78 -2.51
CA LYS A 70 6.04 -10.48 -3.27
C LYS A 70 4.87 -9.54 -3.55
N PHE A 71 4.30 -9.69 -4.73
CA PHE A 71 3.17 -8.86 -5.12
C PHE A 71 1.98 -9.07 -4.19
N THR A 72 1.98 -10.21 -3.52
CA THR A 72 0.92 -10.54 -2.59
C THR A 72 1.26 -10.06 -1.18
N MET A 73 2.51 -10.29 -0.80
CA MET A 73 2.97 -9.88 0.51
C MET A 73 2.66 -8.40 0.77
N VAL A 74 2.80 -7.61 -0.28
CA VAL A 74 2.54 -6.19 -0.18
C VAL A 74 1.28 -5.95 0.66
N SER A 75 0.33 -6.87 0.51
CA SER A 75 -0.92 -6.77 1.25
C SER A 75 -0.64 -6.87 2.75
N GLN A 76 0.10 -7.89 3.12
CA GLN A 76 0.43 -8.11 4.51
C GLN A 76 1.76 -7.41 4.85
N LYS A 77 2.01 -6.32 4.16
CA LYS A 77 3.22 -5.56 4.38
C LYS A 77 2.88 -4.07 4.51
N ILE A 78 2.03 -3.61 3.59
CA ILE A 78 1.62 -2.21 3.60
C ILE A 78 0.78 -1.94 4.84
N SER A 79 0.01 -2.95 5.24
CA SER A 79 -0.84 -2.83 6.42
C SER A 79 -0.09 -2.11 7.53
N HIS A 80 1.04 -2.68 7.91
CA HIS A 80 1.86 -2.10 8.96
C HIS A 80 1.97 -0.59 8.75
N HIS A 81 2.07 -0.21 7.49
CA HIS A 81 2.17 1.20 7.14
C HIS A 81 0.80 1.86 7.24
N LEU A 82 -0.22 1.13 6.83
CA LEU A 82 -1.58 1.62 6.87
C LEU A 82 -1.89 2.11 8.29
N SER A 83 -2.57 3.25 8.35
CA SER A 83 -2.94 3.83 9.64
C SER A 83 -4.38 4.32 9.59
N PRO A 84 -5.00 4.41 10.79
CA PRO A 84 -6.38 4.87 10.90
C PRO A 84 -6.47 6.38 10.70
N PRO A 85 -7.31 6.78 9.70
CA PRO A 85 -7.50 8.19 9.39
C PRO A 85 -8.38 8.87 10.44
N PRO A 86 -8.49 10.22 10.32
CA PRO A 86 -9.30 10.99 11.25
C PRO A 86 -10.79 10.80 10.98
N PRO A 87 -11.49 10.27 12.00
CA PRO A 87 -12.93 10.03 11.88
C PRO A 87 -13.71 11.34 11.98
N SER A 88 -13.62 11.97 13.14
CA SER A 88 -14.32 13.22 13.38
C SER A 88 -13.55 14.37 12.71
N GLY A 89 -14.30 15.23 12.03
CA GLY A 89 -13.71 16.37 11.36
C GLY A 89 -14.74 17.49 11.17
N PRO A 90 -14.61 18.19 10.01
CA PRO A 90 -15.51 19.29 9.70
C PRO A 90 -16.88 18.76 9.27
N SER A 91 -17.48 17.96 10.14
CA SER A 91 -18.79 17.39 9.87
C SER A 91 -18.69 16.39 8.72
N SER A 92 -19.32 15.24 8.92
CA SER A 92 -19.31 14.19 7.90
C SER A 92 -17.89 13.66 7.72
N GLY A 93 -17.62 12.54 8.40
CA GLY A 93 -16.31 11.92 8.32
C GLY A 93 -16.42 10.47 7.88
N GLY A 1 -26.13 -15.47 11.02
CA GLY A 1 -25.83 -14.17 10.43
C GLY A 1 -26.52 -14.04 9.06
N SER A 2 -25.88 -14.63 8.07
CA SER A 2 -26.41 -14.58 6.72
C SER A 2 -26.74 -13.13 6.33
N SER A 3 -25.76 -12.48 5.72
CA SER A 3 -25.93 -11.10 5.32
C SER A 3 -26.09 -10.19 6.54
N GLY A 4 -25.90 -8.90 6.31
CA GLY A 4 -26.02 -7.93 7.37
C GLY A 4 -26.25 -6.53 6.82
N SER A 5 -25.15 -5.80 6.66
CA SER A 5 -25.21 -4.45 6.13
C SER A 5 -23.88 -4.09 5.46
N SER A 6 -22.81 -4.26 6.20
CA SER A 6 -21.48 -3.96 5.68
C SER A 6 -21.40 -2.49 5.26
N GLY A 7 -21.27 -1.63 6.26
CA GLY A 7 -21.18 -0.20 6.02
C GLY A 7 -20.04 0.13 5.06
N VAL A 8 -20.01 1.37 4.62
CA VAL A 8 -18.96 1.82 3.71
C VAL A 8 -17.60 1.43 4.27
N PRO A 9 -16.61 1.28 3.34
CA PRO A 9 -15.26 0.91 3.74
C PRO A 9 -14.53 2.10 4.36
N GLU A 10 -13.40 1.80 4.99
CA GLU A 10 -12.60 2.83 5.62
C GLU A 10 -11.22 2.89 4.99
N LYS A 11 -10.81 4.11 4.66
CA LYS A 11 -9.51 4.32 4.04
C LYS A 11 -8.44 4.41 5.14
N PHE A 12 -7.21 4.14 4.74
CA PHE A 12 -6.09 4.17 5.67
C PHE A 12 -5.06 5.23 5.26
N LYS A 13 -4.64 6.01 6.24
CA LYS A 13 -3.67 7.06 5.99
C LYS A 13 -2.35 6.43 5.53
N LEU A 14 -1.78 7.03 4.50
CA LEU A 14 -0.53 6.54 3.94
C LEU A 14 0.64 7.14 4.74
N SER A 15 1.75 6.41 4.74
CA SER A 15 2.94 6.86 5.44
C SER A 15 3.69 7.88 4.60
N THR A 16 4.62 8.58 5.26
CA THR A 16 5.41 9.59 4.59
C THR A 16 6.20 8.97 3.44
N ALA A 17 6.63 7.73 3.65
CA ALA A 17 7.39 7.01 2.66
C ALA A 17 6.43 6.35 1.66
N LEU A 18 5.40 5.73 2.22
CA LEU A 18 4.41 5.05 1.39
C LEU A 18 3.71 6.08 0.50
N MET A 19 3.71 7.32 0.96
CA MET A 19 3.08 8.39 0.21
C MET A 19 3.98 8.85 -0.95
N ASP A 20 5.28 8.84 -0.69
CA ASP A 20 6.24 9.25 -1.70
C ASP A 20 6.44 8.10 -2.70
N VAL A 21 5.99 6.93 -2.30
CA VAL A 21 6.11 5.75 -3.14
C VAL A 21 5.03 5.80 -4.23
N LEU A 22 3.85 6.24 -3.83
CA LEU A 22 2.75 6.35 -4.76
C LEU A 22 2.42 7.82 -5.02
N GLY A 23 2.06 8.51 -3.95
CA GLY A 23 1.73 9.92 -4.04
C GLY A 23 0.29 10.18 -3.61
N ILE A 24 -0.14 9.41 -2.61
CA ILE A 24 -1.49 9.55 -2.09
C ILE A 24 -1.43 10.07 -0.65
N GLU A 25 -2.58 10.05 -0.01
CA GLU A 25 -2.68 10.51 1.36
C GLU A 25 -3.67 9.64 2.16
N VAL A 26 -4.81 9.38 1.52
CA VAL A 26 -5.83 8.57 2.16
C VAL A 26 -6.41 7.59 1.13
N GLU A 27 -5.97 6.35 1.23
CA GLU A 27 -6.43 5.32 0.32
C GLU A 27 -6.83 4.06 1.11
N THR A 28 -7.41 3.11 0.38
CA THR A 28 -7.85 1.88 0.99
C THR A 28 -6.68 0.91 1.13
N ARG A 29 -7.01 -0.36 1.33
CA ARG A 29 -5.99 -1.39 1.49
C ARG A 29 -5.52 -1.87 0.11
N PRO A 30 -6.50 -2.09 -0.79
CA PRO A 30 -6.19 -2.56 -2.14
C PRO A 30 -5.63 -1.41 -2.99
N ARG A 31 -6.41 -0.35 -3.10
CA ARG A 31 -6.01 0.81 -3.88
C ARG A 31 -4.49 1.03 -3.74
N ILE A 32 -4.01 0.84 -2.53
CA ILE A 32 -2.59 1.02 -2.25
C ILE A 32 -1.81 -0.15 -2.84
N ILE A 33 -2.11 -1.35 -2.33
CA ILE A 33 -1.45 -2.54 -2.80
C ILE A 33 -1.34 -2.51 -4.32
N ALA A 34 -2.41 -2.05 -4.94
CA ALA A 34 -2.46 -1.96 -6.39
C ALA A 34 -1.50 -0.85 -6.86
N ALA A 35 -1.64 0.30 -6.21
CA ALA A 35 -0.80 1.44 -6.55
C ALA A 35 0.65 0.99 -6.66
N ILE A 36 1.01 0.03 -5.81
CA ILE A 36 2.36 -0.50 -5.81
C ILE A 36 2.53 -1.47 -6.99
N TRP A 37 1.46 -2.18 -7.27
CA TRP A 37 1.48 -3.15 -8.36
C TRP A 37 1.79 -2.39 -9.66
N HIS A 38 1.09 -1.28 -9.83
CA HIS A 38 1.27 -0.46 -11.02
C HIS A 38 2.64 0.24 -10.95
N TYR A 39 2.80 1.05 -9.91
CA TYR A 39 4.04 1.77 -9.72
C TYR A 39 5.25 0.88 -10.01
N VAL A 40 5.26 -0.27 -9.37
CA VAL A 40 6.35 -1.22 -9.55
C VAL A 40 6.58 -1.44 -11.05
N LYS A 41 5.55 -1.96 -11.71
CA LYS A 41 5.63 -2.21 -13.13
C LYS A 41 6.03 -0.93 -13.86
N ALA A 42 5.32 0.14 -13.55
CA ALA A 42 5.60 1.43 -14.17
C ALA A 42 7.09 1.74 -14.04
N ARG A 43 7.66 1.31 -12.92
CA ARG A 43 9.07 1.54 -12.66
C ARG A 43 9.89 0.31 -13.08
N LYS A 44 9.34 -0.43 -14.04
CA LYS A 44 10.01 -1.61 -14.54
C LYS A 44 10.61 -2.39 -13.37
N LEU A 45 9.97 -2.26 -12.22
CA LEU A 45 10.42 -2.94 -11.02
C LEU A 45 10.03 -4.42 -11.09
N GLN A 46 8.92 -4.67 -11.75
CA GLN A 46 8.42 -6.03 -11.90
C GLN A 46 9.57 -6.98 -12.21
N ASN A 47 9.60 -8.09 -11.49
CA ASN A 47 10.64 -9.08 -11.68
C ASN A 47 10.38 -9.84 -12.98
N PRO A 48 11.47 -9.98 -13.78
CA PRO A 48 11.38 -10.68 -15.05
C PRO A 48 11.30 -12.19 -14.84
N ASN A 49 12.00 -12.65 -13.82
CA ASN A 49 12.02 -14.07 -13.50
C ASN A 49 10.73 -14.44 -12.76
N ASP A 50 10.54 -13.79 -11.62
CA ASP A 50 9.36 -14.04 -10.81
C ASP A 50 8.33 -12.93 -11.07
N PRO A 51 7.19 -13.36 -11.68
CA PRO A 51 6.12 -12.42 -12.00
C PRO A 51 5.34 -12.04 -10.74
N SER A 52 5.57 -12.82 -9.68
CA SER A 52 4.90 -12.57 -8.42
C SER A 52 5.71 -11.58 -7.58
N PHE A 53 7.01 -11.59 -7.81
CA PHE A 53 7.90 -10.71 -7.08
C PHE A 53 8.26 -9.47 -7.91
N PHE A 54 9.07 -8.62 -7.33
CA PHE A 54 9.49 -7.39 -8.01
C PHE A 54 10.68 -6.74 -7.29
N ASN A 55 11.46 -6.01 -8.06
CA ASN A 55 12.62 -5.32 -7.51
C ASN A 55 12.17 -4.04 -6.81
N CYS A 56 12.96 -3.62 -5.83
CA CYS A 56 12.66 -2.42 -5.09
C CYS A 56 13.41 -1.25 -5.73
N ASP A 57 12.74 -0.12 -5.79
CA ASP A 57 13.34 1.07 -6.37
C ASP A 57 14.26 1.74 -5.35
N ALA A 58 13.64 2.30 -4.32
CA ALA A 58 14.38 2.97 -3.26
C ALA A 58 13.41 3.46 -2.19
N ALA A 59 12.24 3.89 -2.65
CA ALA A 59 11.22 4.40 -1.73
C ALA A 59 10.40 3.22 -1.20
N LEU A 60 10.44 2.12 -1.95
CA LEU A 60 9.71 0.93 -1.55
C LEU A 60 10.43 0.26 -0.38
N GLN A 61 11.72 0.56 -0.27
CA GLN A 61 12.53 0.00 0.79
C GLN A 61 12.08 0.55 2.15
N LYS A 62 12.27 1.85 2.32
CA LYS A 62 11.89 2.50 3.56
C LYS A 62 10.56 1.91 4.06
N VAL A 63 9.74 1.49 3.10
CA VAL A 63 8.45 0.92 3.43
C VAL A 63 8.65 -0.51 3.93
N PHE A 64 9.08 -1.37 3.02
CA PHE A 64 9.31 -2.76 3.36
C PHE A 64 10.65 -2.94 4.07
N GLY A 65 11.72 -2.68 3.32
CA GLY A 65 13.06 -2.81 3.86
C GLY A 65 13.82 -3.96 3.19
N GLU A 66 13.22 -4.48 2.13
CA GLU A 66 13.83 -5.57 1.40
C GLU A 66 14.15 -5.13 -0.04
N GLU A 67 14.97 -5.94 -0.70
CA GLU A 67 15.36 -5.64 -2.07
C GLU A 67 14.18 -5.89 -3.02
N LYS A 68 13.47 -6.97 -2.74
CA LYS A 68 12.32 -7.34 -3.56
C LYS A 68 11.22 -7.91 -2.66
N LEU A 69 9.99 -7.80 -3.13
CA LEU A 69 8.85 -8.30 -2.39
C LEU A 69 7.85 -8.95 -3.36
N LYS A 70 6.87 -9.62 -2.79
CA LYS A 70 5.86 -10.29 -3.59
C LYS A 70 4.71 -9.31 -3.88
N PHE A 71 3.98 -9.60 -4.94
CA PHE A 71 2.87 -8.75 -5.33
C PHE A 71 1.66 -8.99 -4.44
N THR A 72 1.75 -10.04 -3.63
CA THR A 72 0.67 -10.38 -2.72
C THR A 72 1.05 -10.01 -1.29
N MET A 73 2.30 -10.26 -0.96
CA MET A 73 2.79 -9.96 0.39
C MET A 73 2.56 -8.50 0.74
N VAL A 74 2.71 -7.64 -0.27
CA VAL A 74 2.52 -6.22 -0.09
C VAL A 74 1.31 -5.98 0.82
N SER A 75 0.31 -6.83 0.65
CA SER A 75 -0.90 -6.73 1.44
C SER A 75 -0.57 -6.86 2.93
N GLN A 76 0.17 -7.90 3.26
CA GLN A 76 0.58 -8.14 4.63
C GLN A 76 1.90 -7.45 4.93
N LYS A 77 2.11 -6.33 4.25
CA LYS A 77 3.33 -5.57 4.43
C LYS A 77 2.99 -4.08 4.54
N ILE A 78 2.17 -3.62 3.62
CA ILE A 78 1.75 -2.23 3.60
C ILE A 78 0.80 -1.97 4.75
N SER A 79 -0.01 -2.99 5.06
CA SER A 79 -0.97 -2.89 6.13
C SER A 79 -0.31 -2.26 7.37
N HIS A 80 0.85 -2.78 7.70
CA HIS A 80 1.60 -2.29 8.85
C HIS A 80 1.71 -0.76 8.78
N HIS A 81 1.98 -0.29 7.57
CA HIS A 81 2.12 1.15 7.34
C HIS A 81 0.74 1.81 7.43
N LEU A 82 -0.25 1.14 6.86
CA LEU A 82 -1.61 1.65 6.86
C LEU A 82 -1.98 2.08 8.27
N SER A 83 -2.77 3.14 8.35
CA SER A 83 -3.20 3.66 9.64
C SER A 83 -4.53 4.40 9.49
N PRO A 84 -5.22 4.59 10.65
CA PRO A 84 -6.50 5.26 10.65
C PRO A 84 -6.33 6.77 10.45
N PRO A 85 -7.04 7.31 9.42
CA PRO A 85 -6.97 8.72 9.12
C PRO A 85 -7.77 9.54 10.13
N PRO A 86 -7.65 10.90 10.01
CA PRO A 86 -8.35 11.79 10.92
C PRO A 86 -9.83 11.87 10.57
N PRO A 87 -10.67 11.35 11.51
CA PRO A 87 -12.11 11.35 11.31
C PRO A 87 -12.69 12.75 11.52
N SER A 88 -12.34 13.34 12.65
CA SER A 88 -12.82 14.67 12.97
C SER A 88 -12.78 15.56 11.73
N GLY A 89 -13.90 16.22 11.48
CA GLY A 89 -14.01 17.10 10.33
C GLY A 89 -13.90 18.57 10.75
N PRO A 90 -14.62 19.44 10.01
CA PRO A 90 -14.60 20.87 10.30
C PRO A 90 -15.42 21.19 11.55
N SER A 91 -14.86 20.86 12.69
CA SER A 91 -15.52 21.11 13.96
C SER A 91 -15.45 22.59 14.31
N SER A 92 -14.23 23.09 14.43
CA SER A 92 -14.01 24.49 14.75
C SER A 92 -12.79 25.02 13.99
N GLY A 93 -12.97 26.18 13.38
CA GLY A 93 -11.89 26.80 12.63
C GLY A 93 -12.14 28.30 12.46
N GLY A 1 -17.76 -10.97 12.99
CA GLY A 1 -16.60 -10.45 13.68
C GLY A 1 -15.32 -11.12 13.18
N SER A 2 -14.28 -10.32 13.04
CA SER A 2 -13.00 -10.82 12.58
C SER A 2 -13.21 -11.78 11.41
N SER A 3 -13.28 -11.21 10.22
CA SER A 3 -13.48 -11.99 9.01
C SER A 3 -12.85 -11.27 7.81
N GLY A 4 -13.32 -10.05 7.58
CA GLY A 4 -12.83 -9.25 6.48
C GLY A 4 -13.72 -8.04 6.23
N SER A 5 -14.05 -7.83 4.96
CA SER A 5 -14.89 -6.71 4.58
C SER A 5 -16.07 -7.20 3.74
N SER A 6 -17.16 -7.52 4.42
CA SER A 6 -18.34 -8.00 3.75
C SER A 6 -19.02 -6.86 2.98
N GLY A 7 -19.25 -5.77 3.72
CA GLY A 7 -19.89 -4.61 3.13
C GLY A 7 -18.91 -3.83 2.25
N VAL A 8 -18.20 -2.91 2.88
CA VAL A 8 -17.22 -2.10 2.18
C VAL A 8 -16.07 -1.75 3.12
N PRO A 9 -14.83 -1.76 2.56
CA PRO A 9 -13.64 -1.45 3.34
C PRO A 9 -13.55 0.06 3.60
N GLU A 10 -12.51 0.42 4.33
CA GLU A 10 -12.28 1.82 4.66
C GLU A 10 -10.97 2.31 4.03
N LYS A 11 -10.62 3.55 4.37
CA LYS A 11 -9.41 4.14 3.85
C LYS A 11 -8.35 4.18 4.95
N PHE A 12 -7.11 3.94 4.55
CA PHE A 12 -6.01 3.94 5.50
C PHE A 12 -4.94 4.96 5.09
N LYS A 13 -4.67 5.89 6.00
CA LYS A 13 -3.69 6.92 5.75
C LYS A 13 -2.40 6.28 5.27
N LEU A 14 -1.70 6.99 4.38
CA LEU A 14 -0.46 6.49 3.84
C LEU A 14 0.71 7.07 4.65
N SER A 15 1.82 6.35 4.61
CA SER A 15 3.01 6.77 5.33
C SER A 15 3.81 7.77 4.50
N THR A 16 4.79 8.38 5.13
CA THR A 16 5.63 9.35 4.46
C THR A 16 6.33 8.71 3.25
N ALA A 17 6.92 7.55 3.49
CA ALA A 17 7.62 6.83 2.43
C ALA A 17 6.59 6.23 1.47
N LEU A 18 5.57 5.61 2.04
CA LEU A 18 4.53 5.00 1.25
C LEU A 18 3.90 6.06 0.34
N MET A 19 3.81 7.27 0.87
CA MET A 19 3.23 8.38 0.12
C MET A 19 4.15 8.80 -1.04
N ASP A 20 5.44 8.73 -0.78
CA ASP A 20 6.43 9.09 -1.78
C ASP A 20 6.57 7.94 -2.79
N VAL A 21 5.99 6.81 -2.43
CA VAL A 21 6.04 5.64 -3.30
C VAL A 21 4.97 5.76 -4.38
N LEU A 22 3.80 6.23 -3.96
CA LEU A 22 2.69 6.40 -4.88
C LEU A 22 2.43 7.89 -5.08
N GLY A 23 2.10 8.56 -3.99
CA GLY A 23 1.82 9.98 -4.04
C GLY A 23 0.38 10.29 -3.60
N ILE A 24 -0.09 9.49 -2.65
CA ILE A 24 -1.44 9.66 -2.14
C ILE A 24 -1.37 10.14 -0.69
N GLU A 25 -2.54 10.11 -0.04
CA GLU A 25 -2.62 10.54 1.34
C GLU A 25 -3.65 9.68 2.10
N VAL A 26 -4.79 9.48 1.46
CA VAL A 26 -5.84 8.69 2.06
C VAL A 26 -6.44 7.76 1.00
N GLU A 27 -6.00 6.51 1.04
CA GLU A 27 -6.48 5.51 0.10
C GLU A 27 -7.01 4.28 0.85
N THR A 28 -7.41 3.29 0.08
CA THR A 28 -7.93 2.06 0.65
C THR A 28 -6.82 1.03 0.81
N ARG A 29 -7.22 -0.20 1.10
CA ARG A 29 -6.27 -1.27 1.29
C ARG A 29 -5.84 -1.85 -0.06
N PRO A 30 -6.85 -2.06 -0.95
CA PRO A 30 -6.58 -2.59 -2.28
C PRO A 30 -5.97 -1.53 -3.18
N ARG A 31 -6.50 -0.30 -3.05
CA ARG A 31 -6.01 0.80 -3.84
C ARG A 31 -4.50 0.92 -3.73
N ILE A 32 -4.02 0.92 -2.50
CA ILE A 32 -2.59 1.03 -2.24
C ILE A 32 -1.88 -0.19 -2.84
N ILE A 33 -2.22 -1.36 -2.31
CA ILE A 33 -1.62 -2.59 -2.79
C ILE A 33 -1.48 -2.53 -4.31
N ALA A 34 -2.56 -2.12 -4.97
CA ALA A 34 -2.56 -2.02 -6.42
C ALA A 34 -1.63 -0.88 -6.84
N ALA A 35 -1.82 0.27 -6.20
CA ALA A 35 -1.02 1.44 -6.49
C ALA A 35 0.46 1.03 -6.57
N ILE A 36 0.79 0.02 -5.78
CA ILE A 36 2.16 -0.46 -5.75
C ILE A 36 2.39 -1.44 -6.91
N TRP A 37 1.34 -2.22 -7.19
CA TRP A 37 1.42 -3.18 -8.27
C TRP A 37 1.70 -2.43 -9.57
N HIS A 38 0.94 -1.35 -9.77
CA HIS A 38 1.10 -0.53 -10.96
C HIS A 38 2.47 0.17 -10.92
N TYR A 39 2.66 0.94 -9.86
CA TYR A 39 3.91 1.67 -9.68
C TYR A 39 5.11 0.80 -10.05
N VAL A 40 5.22 -0.34 -9.36
CA VAL A 40 6.32 -1.26 -9.61
C VAL A 40 6.56 -1.36 -11.11
N LYS A 41 5.53 -1.80 -11.82
CA LYS A 41 5.62 -1.96 -13.27
C LYS A 41 5.92 -0.59 -13.89
N ALA A 42 5.39 0.45 -13.26
CA ALA A 42 5.58 1.81 -13.76
C ALA A 42 7.08 2.05 -13.95
N ARG A 43 7.81 1.96 -12.85
CA ARG A 43 9.25 2.18 -12.90
C ARG A 43 9.97 0.87 -13.23
N LYS A 44 9.31 0.08 -14.07
CA LYS A 44 9.89 -1.20 -14.49
C LYS A 44 10.60 -1.84 -13.30
N LEU A 45 9.85 -2.02 -12.22
CA LEU A 45 10.39 -2.63 -11.03
C LEU A 45 10.13 -4.14 -11.05
N GLN A 46 9.02 -4.50 -11.68
CA GLN A 46 8.64 -5.91 -11.79
C GLN A 46 9.88 -6.76 -12.03
N ASN A 47 9.86 -7.95 -11.44
CA ASN A 47 10.97 -8.88 -11.59
C ASN A 47 10.61 -9.93 -12.65
N PRO A 48 11.61 -10.23 -13.52
CA PRO A 48 11.41 -11.20 -14.57
C PRO A 48 11.42 -12.63 -14.02
N ASN A 49 12.48 -12.94 -13.27
CA ASN A 49 12.61 -14.25 -12.67
C ASN A 49 11.27 -14.68 -12.07
N ASP A 50 10.69 -13.77 -11.31
CA ASP A 50 9.42 -14.03 -10.66
C ASP A 50 8.48 -12.85 -10.88
N PRO A 51 7.29 -13.15 -11.48
CA PRO A 51 6.31 -12.12 -11.75
C PRO A 51 5.59 -11.69 -10.47
N SER A 52 5.72 -12.53 -9.45
CA SER A 52 5.09 -12.26 -8.17
C SER A 52 5.91 -11.23 -7.39
N PHE A 53 7.22 -11.33 -7.56
CA PHE A 53 8.13 -10.42 -6.88
C PHE A 53 8.48 -9.24 -7.77
N PHE A 54 9.13 -8.25 -7.16
CA PHE A 54 9.53 -7.06 -7.89
C PHE A 54 10.73 -6.39 -7.22
N ASN A 55 11.56 -5.77 -8.05
CA ASN A 55 12.75 -5.09 -7.55
C ASN A 55 12.33 -3.78 -6.88
N CYS A 56 13.15 -3.35 -5.93
CA CYS A 56 12.88 -2.13 -5.20
C CYS A 56 13.60 -0.98 -5.92
N ASP A 57 13.02 0.21 -5.79
CA ASP A 57 13.58 1.39 -6.41
C ASP A 57 14.44 2.14 -5.40
N ALA A 58 13.85 2.36 -4.23
CA ALA A 58 14.55 3.07 -3.16
C ALA A 58 13.53 3.55 -2.12
N ALA A 59 12.32 3.80 -2.60
CA ALA A 59 11.26 4.26 -1.73
C ALA A 59 10.46 3.05 -1.22
N LEU A 60 10.57 1.96 -1.96
CA LEU A 60 9.87 0.74 -1.59
C LEU A 60 10.57 0.08 -0.41
N GLN A 61 11.86 0.38 -0.29
CA GLN A 61 12.66 -0.18 0.79
C GLN A 61 12.21 0.40 2.13
N LYS A 62 12.42 1.70 2.27
CA LYS A 62 12.04 2.38 3.51
C LYS A 62 10.70 1.85 3.99
N VAL A 63 9.89 1.43 3.04
CA VAL A 63 8.58 0.89 3.35
C VAL A 63 8.74 -0.52 3.93
N PHE A 64 9.18 -1.43 3.07
CA PHE A 64 9.38 -2.81 3.48
C PHE A 64 10.74 -3.00 4.12
N GLY A 65 11.78 -2.79 3.33
CA GLY A 65 13.14 -2.94 3.82
C GLY A 65 13.85 -4.09 3.12
N GLU A 66 13.17 -4.66 2.13
CA GLU A 66 13.73 -5.77 1.38
C GLU A 66 13.98 -5.36 -0.07
N GLU A 67 15.11 -5.81 -0.60
CA GLU A 67 15.47 -5.49 -1.97
C GLU A 67 14.28 -5.71 -2.90
N LYS A 68 13.55 -6.78 -2.63
CA LYS A 68 12.38 -7.11 -3.43
C LYS A 68 11.28 -7.65 -2.53
N LEU A 69 10.07 -7.63 -3.05
CA LEU A 69 8.92 -8.12 -2.30
C LEU A 69 7.91 -8.73 -3.26
N LYS A 70 6.98 -9.50 -2.69
CA LYS A 70 5.96 -10.15 -3.49
C LYS A 70 4.82 -9.17 -3.76
N PHE A 71 4.03 -9.49 -4.77
CA PHE A 71 2.90 -8.64 -5.14
C PHE A 71 1.68 -8.93 -4.25
N THR A 72 1.75 -10.06 -3.56
CA THR A 72 0.66 -10.46 -2.68
C THR A 72 1.01 -10.14 -1.22
N MET A 73 2.29 -10.27 -0.92
CA MET A 73 2.77 -10.00 0.43
C MET A 73 2.57 -8.52 0.79
N VAL A 74 2.54 -7.69 -0.24
CA VAL A 74 2.35 -6.27 -0.04
C VAL A 74 1.15 -6.03 0.89
N SER A 75 0.18 -6.93 0.77
CA SER A 75 -1.02 -6.83 1.59
C SER A 75 -0.66 -6.98 3.07
N GLN A 76 0.12 -8.00 3.35
CA GLN A 76 0.55 -8.27 4.72
C GLN A 76 1.86 -7.54 5.01
N LYS A 77 2.05 -6.41 4.35
CA LYS A 77 3.25 -5.62 4.53
C LYS A 77 2.87 -4.14 4.65
N ILE A 78 2.03 -3.71 3.73
CA ILE A 78 1.58 -2.32 3.72
C ILE A 78 0.70 -2.07 4.94
N SER A 79 -0.03 -3.11 5.34
CA SER A 79 -0.91 -3.00 6.48
C SER A 79 -0.20 -2.29 7.64
N HIS A 80 0.99 -2.80 7.95
CA HIS A 80 1.79 -2.22 9.02
C HIS A 80 1.86 -0.70 8.85
N HIS A 81 1.93 -0.30 7.59
CA HIS A 81 2.01 1.12 7.27
C HIS A 81 0.61 1.74 7.32
N LEU A 82 -0.36 0.95 6.92
CA LEU A 82 -1.75 1.41 6.91
C LEU A 82 -2.13 1.89 8.31
N SER A 83 -2.66 3.10 8.36
CA SER A 83 -3.07 3.68 9.63
C SER A 83 -4.30 4.57 9.41
N PRO A 84 -4.95 4.94 10.55
CA PRO A 84 -6.13 5.78 10.51
C PRO A 84 -5.76 7.24 10.22
N PRO A 85 -6.60 7.90 9.39
CA PRO A 85 -6.37 9.28 9.03
C PRO A 85 -6.72 10.22 10.19
N PRO A 86 -6.41 11.53 9.99
CA PRO A 86 -6.69 12.52 11.01
C PRO A 86 -8.18 12.86 11.06
N PRO A 87 -8.80 12.58 12.23
CA PRO A 87 -10.21 12.84 12.42
C PRO A 87 -10.47 14.34 12.60
N SER A 88 -9.65 14.96 13.44
CA SER A 88 -9.78 16.37 13.71
C SER A 88 -11.07 16.64 14.48
N GLY A 89 -11.10 16.14 15.70
CA GLY A 89 -12.27 16.32 16.56
C GLY A 89 -12.59 15.04 17.33
N PRO A 90 -11.87 14.85 18.46
CA PRO A 90 -12.06 13.68 19.29
C PRO A 90 -13.35 13.79 20.10
N SER A 91 -13.60 12.77 20.90
CA SER A 91 -14.79 12.74 21.74
C SER A 91 -16.05 12.76 20.85
N SER A 92 -16.99 11.88 21.19
CA SER A 92 -18.22 11.79 20.45
C SER A 92 -19.37 12.42 21.26
N GLY A 93 -19.49 13.73 21.12
CA GLY A 93 -20.54 14.45 21.83
C GLY A 93 -21.53 15.07 20.84
N GLY A 1 -8.43 -17.20 7.24
CA GLY A 1 -8.80 -15.94 7.87
C GLY A 1 -9.83 -15.20 7.02
N SER A 2 -11.09 -15.57 7.20
CA SER A 2 -12.18 -14.96 6.46
C SER A 2 -13.23 -14.41 7.43
N SER A 3 -14.12 -13.60 6.89
CA SER A 3 -15.18 -13.01 7.69
C SER A 3 -16.29 -12.47 6.78
N GLY A 4 -15.89 -11.56 5.90
CA GLY A 4 -16.84 -10.96 4.97
C GLY A 4 -17.06 -9.48 5.29
N SER A 5 -16.63 -8.62 4.38
CA SER A 5 -16.78 -7.19 4.57
C SER A 5 -17.98 -6.69 3.75
N SER A 6 -18.84 -5.94 4.44
CA SER A 6 -20.01 -5.39 3.81
C SER A 6 -20.18 -3.92 4.19
N GLY A 7 -20.78 -3.16 3.27
CA GLY A 7 -21.00 -1.75 3.51
C GLY A 7 -19.83 -0.91 2.97
N VAL A 8 -19.53 0.15 3.69
CA VAL A 8 -18.45 1.04 3.31
C VAL A 8 -17.11 0.43 3.75
N PRO A 9 -16.09 0.59 2.87
CA PRO A 9 -14.77 0.06 3.16
C PRO A 9 -14.05 0.91 4.20
N GLU A 10 -12.80 0.56 4.46
CA GLU A 10 -12.00 1.28 5.43
C GLU A 10 -10.73 1.82 4.77
N LYS A 11 -10.53 3.12 4.93
CA LYS A 11 -9.36 3.78 4.36
C LYS A 11 -8.24 3.80 5.39
N PHE A 12 -7.01 3.75 4.88
CA PHE A 12 -5.84 3.77 5.75
C PHE A 12 -4.83 4.83 5.30
N LYS A 13 -4.43 5.66 6.25
CA LYS A 13 -3.47 6.72 5.97
C LYS A 13 -2.19 6.11 5.39
N LEU A 14 -1.50 6.89 4.59
CA LEU A 14 -0.27 6.45 3.96
C LEU A 14 0.91 6.98 4.77
N SER A 15 2.00 6.23 4.74
CA SER A 15 3.20 6.62 5.45
C SER A 15 3.98 7.65 4.64
N THR A 16 4.98 8.25 5.29
CA THR A 16 5.79 9.26 4.64
C THR A 16 6.49 8.67 3.41
N ALA A 17 6.95 7.43 3.57
CA ALA A 17 7.64 6.75 2.48
C ALA A 17 6.61 6.18 1.51
N LEU A 18 5.58 5.57 2.07
CA LEU A 18 4.52 4.98 1.27
C LEU A 18 3.85 6.08 0.43
N MET A 19 3.91 7.29 0.95
CA MET A 19 3.32 8.43 0.27
C MET A 19 4.22 8.90 -0.88
N ASP A 20 5.50 8.57 -0.76
CA ASP A 20 6.47 8.96 -1.77
C ASP A 20 6.58 7.84 -2.81
N VAL A 21 5.96 6.72 -2.50
CA VAL A 21 5.98 5.57 -3.40
C VAL A 21 4.84 5.71 -4.42
N LEU A 22 3.80 6.40 -4.00
CA LEU A 22 2.66 6.62 -4.86
C LEU A 22 2.38 8.12 -4.99
N GLY A 23 2.02 8.72 -3.87
CA GLY A 23 1.73 10.15 -3.84
C GLY A 23 0.30 10.41 -3.38
N ILE A 24 -0.14 9.60 -2.42
CA ILE A 24 -1.48 9.74 -1.89
C ILE A 24 -1.40 10.19 -0.43
N GLU A 25 -2.53 10.14 0.24
CA GLU A 25 -2.60 10.55 1.64
C GLU A 25 -3.58 9.64 2.41
N VAL A 26 -4.72 9.40 1.78
CA VAL A 26 -5.73 8.56 2.39
C VAL A 26 -6.36 7.67 1.33
N GLU A 27 -5.97 6.40 1.34
CA GLU A 27 -6.48 5.44 0.39
C GLU A 27 -7.06 4.23 1.11
N THR A 28 -7.21 3.14 0.37
CA THR A 28 -7.75 1.91 0.93
C THR A 28 -6.66 0.84 0.99
N ARG A 29 -7.12 -0.41 1.13
CA ARG A 29 -6.20 -1.53 1.21
C ARG A 29 -5.76 -1.95 -0.19
N PRO A 30 -6.75 -2.01 -1.12
CA PRO A 30 -6.47 -2.40 -2.49
C PRO A 30 -5.79 -1.26 -3.25
N ARG A 31 -6.48 -0.12 -3.29
CA ARG A 31 -5.96 1.05 -3.98
C ARG A 31 -4.45 1.13 -3.80
N ILE A 32 -4.03 0.96 -2.55
CA ILE A 32 -2.61 1.02 -2.24
C ILE A 32 -1.89 -0.16 -2.88
N ILE A 33 -2.26 -1.36 -2.42
CA ILE A 33 -1.67 -2.57 -2.95
C ILE A 33 -1.49 -2.45 -4.47
N ALA A 34 -2.52 -1.94 -5.11
CA ALA A 34 -2.50 -1.76 -6.55
C ALA A 34 -1.52 -0.64 -6.89
N ALA A 35 -1.68 0.48 -6.21
CA ALA A 35 -0.82 1.64 -6.44
C ALA A 35 0.64 1.17 -6.51
N ILE A 36 0.90 0.07 -5.82
CA ILE A 36 2.25 -0.49 -5.80
C ILE A 36 2.43 -1.42 -6.99
N TRP A 37 1.38 -2.18 -7.28
CA TRP A 37 1.41 -3.11 -8.40
C TRP A 37 1.69 -2.32 -9.67
N HIS A 38 0.89 -1.29 -9.87
CA HIS A 38 1.04 -0.44 -11.05
C HIS A 38 2.43 0.19 -11.05
N TYR A 39 2.66 1.03 -10.06
CA TYR A 39 3.94 1.70 -9.93
C TYR A 39 5.10 0.77 -10.31
N VAL A 40 5.16 -0.35 -9.62
CA VAL A 40 6.20 -1.34 -9.87
C VAL A 40 6.41 -1.47 -11.38
N LYS A 41 5.40 -2.02 -12.04
CA LYS A 41 5.46 -2.21 -13.48
C LYS A 41 5.75 -0.87 -14.15
N ALA A 42 5.17 0.18 -13.59
CA ALA A 42 5.36 1.53 -14.12
C ALA A 42 6.85 1.87 -14.10
N ARG A 43 7.53 1.36 -13.09
CA ARG A 43 8.95 1.60 -12.94
C ARG A 43 9.75 0.37 -13.37
N LYS A 44 9.08 -0.51 -14.09
CA LYS A 44 9.72 -1.73 -14.56
C LYS A 44 10.47 -2.39 -13.41
N LEU A 45 9.83 -2.39 -12.25
CA LEU A 45 10.42 -2.99 -11.07
C LEU A 45 10.12 -4.49 -11.04
N GLN A 46 9.01 -4.84 -11.68
CA GLN A 46 8.60 -6.24 -11.73
C GLN A 46 9.82 -7.14 -11.94
N ASN A 47 9.77 -8.30 -11.32
CA ASN A 47 10.86 -9.26 -11.43
C ASN A 47 10.44 -10.39 -12.37
N PRO A 48 11.35 -10.70 -13.33
CA PRO A 48 11.09 -11.76 -14.30
C PRO A 48 11.25 -13.14 -13.65
N ASN A 49 12.41 -13.34 -13.05
CA ASN A 49 12.70 -14.61 -12.40
C ASN A 49 11.47 -15.08 -11.63
N ASP A 50 10.72 -14.10 -11.11
CA ASP A 50 9.52 -14.40 -10.36
C ASP A 50 8.55 -13.22 -10.46
N PRO A 51 7.36 -13.50 -11.06
CA PRO A 51 6.35 -12.48 -11.23
C PRO A 51 5.65 -12.18 -9.90
N SER A 52 5.88 -13.05 -8.94
CA SER A 52 5.27 -12.90 -7.63
C SER A 52 6.07 -11.89 -6.80
N PHE A 53 7.27 -11.61 -7.29
CA PHE A 53 8.14 -10.66 -6.61
C PHE A 53 8.42 -9.43 -7.47
N PHE A 54 9.15 -8.49 -6.89
CA PHE A 54 9.48 -7.26 -7.60
C PHE A 54 10.66 -6.55 -6.93
N ASN A 55 11.48 -5.92 -7.76
CA ASN A 55 12.64 -5.20 -7.26
C ASN A 55 12.18 -3.85 -6.68
N CYS A 56 13.00 -3.34 -5.77
CA CYS A 56 12.70 -2.07 -5.13
C CYS A 56 13.32 -0.95 -5.98
N ASP A 57 12.79 0.25 -5.78
CA ASP A 57 13.28 1.41 -6.51
C ASP A 57 14.15 2.26 -5.59
N ALA A 58 13.62 2.52 -4.40
CA ALA A 58 14.33 3.32 -3.42
C ALA A 58 13.35 3.83 -2.37
N ALA A 59 12.11 4.00 -2.79
CA ALA A 59 11.06 4.47 -1.90
C ALA A 59 10.29 3.28 -1.35
N LEU A 60 10.45 2.15 -2.02
CA LEU A 60 9.77 0.93 -1.61
C LEU A 60 10.50 0.32 -0.42
N GLN A 61 11.76 0.69 -0.30
CA GLN A 61 12.60 0.17 0.79
C GLN A 61 12.12 0.75 2.12
N LYS A 62 12.23 2.07 2.23
CA LYS A 62 11.83 2.76 3.45
C LYS A 62 10.54 2.12 3.99
N VAL A 63 9.74 1.61 3.05
CA VAL A 63 8.48 0.97 3.41
C VAL A 63 8.77 -0.41 4.00
N PHE A 64 9.23 -1.30 3.13
CA PHE A 64 9.54 -2.65 3.54
C PHE A 64 10.97 -2.75 4.11
N GLY A 65 11.93 -2.47 3.25
CA GLY A 65 13.33 -2.52 3.64
C GLY A 65 14.04 -3.72 3.03
N GLU A 66 13.39 -4.29 2.00
CA GLU A 66 13.96 -5.44 1.32
C GLU A 66 14.14 -5.14 -0.17
N GLU A 67 15.28 -5.55 -0.68
CA GLU A 67 15.59 -5.34 -2.08
C GLU A 67 14.36 -5.63 -2.95
N LYS A 68 13.72 -6.73 -2.66
CA LYS A 68 12.53 -7.14 -3.40
C LYS A 68 11.50 -7.72 -2.43
N LEU A 69 10.25 -7.72 -2.86
CA LEU A 69 9.17 -8.24 -2.04
C LEU A 69 8.16 -8.95 -2.95
N LYS A 70 7.22 -9.63 -2.30
CA LYS A 70 6.19 -10.36 -3.03
C LYS A 70 5.02 -9.43 -3.33
N PHE A 71 4.42 -9.65 -4.49
CA PHE A 71 3.28 -8.83 -4.90
C PHE A 71 2.08 -9.06 -3.98
N THR A 72 2.11 -10.18 -3.28
CA THR A 72 1.04 -10.53 -2.37
C THR A 72 1.34 -10.01 -0.96
N MET A 73 2.57 -10.25 -0.52
CA MET A 73 2.99 -9.81 0.79
C MET A 73 2.62 -8.35 1.03
N VAL A 74 2.70 -7.58 -0.04
CA VAL A 74 2.38 -6.15 0.03
C VAL A 74 1.17 -5.97 0.94
N SER A 75 0.05 -6.56 0.52
CA SER A 75 -1.18 -6.46 1.28
C SER A 75 -0.87 -6.51 2.78
N GLN A 76 -0.09 -7.51 3.16
CA GLN A 76 0.28 -7.69 4.55
C GLN A 76 1.24 -6.57 5.00
N LYS A 77 2.33 -6.46 4.26
CA LYS A 77 3.33 -5.45 4.57
C LYS A 77 2.65 -4.09 4.70
N ILE A 78 2.17 -3.58 3.57
CA ILE A 78 1.49 -2.30 3.55
C ILE A 78 0.59 -2.18 4.78
N SER A 79 -0.05 -3.29 5.12
CA SER A 79 -0.93 -3.33 6.28
C SER A 79 -0.24 -2.68 7.48
N HIS A 80 0.99 -3.11 7.72
CA HIS A 80 1.75 -2.58 8.83
C HIS A 80 1.82 -1.05 8.74
N HIS A 81 1.91 -0.57 7.51
CA HIS A 81 1.98 0.85 7.27
C HIS A 81 0.57 1.45 7.34
N LEU A 82 -0.40 0.69 6.85
CA LEU A 82 -1.78 1.13 6.86
C LEU A 82 -2.17 1.55 8.28
N SER A 83 -2.58 2.82 8.39
CA SER A 83 -2.97 3.35 9.68
C SER A 83 -4.40 3.91 9.59
N PRO A 84 -5.06 3.98 10.78
CA PRO A 84 -6.42 4.49 10.85
C PRO A 84 -6.44 6.01 10.71
N PRO A 85 -7.20 6.50 9.68
CA PRO A 85 -7.31 7.92 9.44
C PRO A 85 -8.23 8.59 10.47
N PRO A 86 -8.28 9.94 10.40
CA PRO A 86 -9.10 10.71 11.32
C PRO A 86 -10.58 10.61 10.94
N PRO A 87 -11.37 10.09 11.91
CA PRO A 87 -12.81 9.92 11.69
C PRO A 87 -13.52 11.27 11.77
N SER A 88 -14.84 11.20 11.93
CA SER A 88 -15.65 12.40 12.02
C SER A 88 -17.08 12.04 12.40
N GLY A 89 -17.42 12.28 13.66
CA GLY A 89 -18.74 11.98 14.17
C GLY A 89 -18.78 12.06 15.69
N PRO A 90 -19.96 11.67 16.25
CA PRO A 90 -20.14 11.69 17.70
C PRO A 90 -19.38 10.54 18.36
N SER A 91 -19.79 9.33 18.00
CA SER A 91 -19.15 8.13 18.56
C SER A 91 -19.31 8.12 20.08
N SER A 92 -20.39 7.50 20.53
CA SER A 92 -20.66 7.40 21.95
C SER A 92 -21.00 5.95 22.32
N GLY A 93 -20.46 5.53 23.46
CA GLY A 93 -20.69 4.19 23.95
C GLY A 93 -20.02 3.96 25.30
N GLY A 1 -17.67 -5.92 12.45
CA GLY A 1 -16.52 -5.03 12.55
C GLY A 1 -15.53 -5.31 11.42
N SER A 2 -15.93 -4.92 10.22
CA SER A 2 -15.07 -5.11 9.05
C SER A 2 -14.77 -6.59 8.87
N SER A 3 -14.34 -6.94 7.66
CA SER A 3 -14.02 -8.31 7.34
C SER A 3 -15.26 -9.19 7.51
N GLY A 4 -15.72 -9.74 6.39
CA GLY A 4 -16.88 -10.60 6.41
C GLY A 4 -17.70 -10.45 5.12
N SER A 5 -18.79 -11.19 5.06
CA SER A 5 -19.67 -11.14 3.89
C SER A 5 -20.24 -9.75 3.72
N SER A 6 -20.11 -9.21 2.52
CA SER A 6 -20.61 -7.88 2.21
C SER A 6 -19.93 -6.86 3.12
N GLY A 7 -19.88 -5.62 2.62
CA GLY A 7 -19.27 -4.54 3.37
C GLY A 7 -18.03 -4.00 2.65
N VAL A 8 -18.21 -2.87 1.99
CA VAL A 8 -17.12 -2.25 1.26
C VAL A 8 -15.93 -2.05 2.20
N PRO A 9 -14.72 -1.99 1.58
CA PRO A 9 -13.50 -1.81 2.35
C PRO A 9 -13.36 -0.36 2.83
N GLU A 10 -12.29 -0.11 3.57
CA GLU A 10 -12.04 1.21 4.09
C GLU A 10 -10.76 1.78 3.48
N LYS A 11 -10.37 2.95 3.97
CA LYS A 11 -9.16 3.60 3.49
C LYS A 11 -8.18 3.79 4.65
N PHE A 12 -6.91 3.60 4.32
CA PHE A 12 -5.86 3.74 5.33
C PHE A 12 -4.85 4.81 4.92
N LYS A 13 -4.47 5.61 5.90
CA LYS A 13 -3.51 6.68 5.66
C LYS A 13 -2.16 6.07 5.26
N LEU A 14 -1.54 6.70 4.27
CA LEU A 14 -0.25 6.23 3.79
C LEU A 14 0.86 6.79 4.69
N SER A 15 2.00 6.11 4.65
CA SER A 15 3.14 6.52 5.45
C SER A 15 3.92 7.61 4.72
N THR A 16 4.79 8.27 5.47
CA THR A 16 5.61 9.34 4.92
C THR A 16 6.43 8.81 3.74
N ALA A 17 6.88 7.58 3.88
CA ALA A 17 7.68 6.94 2.83
C ALA A 17 6.76 6.40 1.74
N LEU A 18 5.71 5.72 2.19
CA LEU A 18 4.74 5.15 1.27
C LEU A 18 4.12 6.27 0.42
N MET A 19 3.88 7.39 1.08
CA MET A 19 3.29 8.53 0.40
C MET A 19 4.22 9.06 -0.70
N ASP A 20 5.52 8.90 -0.46
CA ASP A 20 6.51 9.35 -1.43
C ASP A 20 6.77 8.24 -2.44
N VAL A 21 6.13 7.10 -2.21
CA VAL A 21 6.29 5.95 -3.08
C VAL A 21 5.24 6.02 -4.20
N LEU A 22 4.13 6.65 -3.87
CA LEU A 22 3.04 6.79 -4.82
C LEU A 22 2.67 8.27 -4.96
N GLY A 23 2.33 8.87 -3.84
CA GLY A 23 1.95 10.27 -3.82
C GLY A 23 0.50 10.46 -3.36
N ILE A 24 0.10 9.60 -2.43
CA ILE A 24 -1.25 9.65 -1.91
C ILE A 24 -1.20 9.99 -0.42
N GLU A 25 -2.36 9.88 0.22
CA GLU A 25 -2.46 10.17 1.64
C GLU A 25 -3.26 9.08 2.35
N VAL A 26 -4.35 8.68 1.72
CA VAL A 26 -5.21 7.64 2.28
C VAL A 26 -6.00 6.97 1.15
N GLU A 27 -5.51 5.80 0.75
CA GLU A 27 -6.16 5.05 -0.31
C GLU A 27 -6.77 3.75 0.24
N THR A 28 -7.61 3.14 -0.58
CA THR A 28 -8.25 1.89 -0.18
C THR A 28 -7.24 0.75 -0.16
N ARG A 29 -7.58 -0.28 0.59
CA ARG A 29 -6.71 -1.44 0.71
C ARG A 29 -6.35 -1.98 -0.68
N PRO A 30 -7.40 -2.07 -1.55
CA PRO A 30 -7.20 -2.56 -2.91
C PRO A 30 -6.52 -1.50 -3.77
N ARG A 31 -6.65 -0.25 -3.33
CA ARG A 31 -6.07 0.86 -4.07
C ARG A 31 -4.56 0.92 -3.81
N ILE A 32 -4.22 1.01 -2.53
CA ILE A 32 -2.82 1.09 -2.14
C ILE A 32 -2.05 -0.08 -2.79
N ILE A 33 -2.42 -1.29 -2.38
CA ILE A 33 -1.79 -2.48 -2.90
C ILE A 33 -1.58 -2.32 -4.41
N ALA A 34 -2.67 -2.07 -5.10
CA ALA A 34 -2.62 -1.90 -6.54
C ALA A 34 -1.64 -0.78 -6.89
N ALA A 35 -1.82 0.35 -6.22
CA ALA A 35 -0.95 1.50 -6.44
C ALA A 35 0.49 1.02 -6.53
N ILE A 36 0.87 0.16 -5.59
CA ILE A 36 2.22 -0.37 -5.57
C ILE A 36 2.41 -1.34 -6.73
N TRP A 37 1.35 -2.09 -7.01
CA TRP A 37 1.39 -3.05 -8.10
C TRP A 37 1.72 -2.30 -9.39
N HIS A 38 0.94 -1.26 -9.65
CA HIS A 38 1.14 -0.45 -10.84
C HIS A 38 2.49 0.26 -10.76
N TYR A 39 2.63 1.08 -9.74
CA TYR A 39 3.87 1.82 -9.55
C TYR A 39 5.09 0.96 -9.89
N VAL A 40 5.14 -0.21 -9.25
CA VAL A 40 6.24 -1.12 -9.47
C VAL A 40 6.41 -1.36 -10.97
N LYS A 41 5.32 -1.82 -11.59
CA LYS A 41 5.34 -2.09 -13.02
C LYS A 41 5.73 -0.82 -13.77
N ALA A 42 5.04 0.26 -13.46
CA ALA A 42 5.30 1.54 -14.10
C ALA A 42 6.79 1.86 -13.96
N ARG A 43 7.35 1.46 -12.83
CA ARG A 43 8.76 1.71 -12.57
C ARG A 43 9.60 0.53 -13.04
N LYS A 44 8.97 -0.33 -13.83
CA LYS A 44 9.65 -1.50 -14.36
C LYS A 44 10.41 -2.19 -13.22
N LEU A 45 9.79 -2.20 -12.06
CA LEU A 45 10.40 -2.82 -10.88
C LEU A 45 10.13 -4.33 -10.91
N GLN A 46 9.04 -4.69 -11.59
CA GLN A 46 8.67 -6.09 -11.70
C GLN A 46 9.91 -6.96 -11.91
N ASN A 47 9.84 -8.16 -11.35
CA ASN A 47 10.95 -9.09 -11.46
C ASN A 47 10.66 -10.08 -12.60
N PRO A 48 11.67 -10.22 -13.51
CA PRO A 48 11.54 -11.11 -14.64
C PRO A 48 11.68 -12.57 -14.20
N ASN A 49 12.46 -12.78 -13.15
CA ASN A 49 12.68 -14.12 -12.62
C ASN A 49 11.39 -14.63 -12.01
N ASP A 50 10.78 -13.79 -11.19
CA ASP A 50 9.54 -14.14 -10.53
C ASP A 50 8.51 -13.02 -10.72
N PRO A 51 7.37 -13.38 -11.35
CA PRO A 51 6.32 -12.41 -11.61
C PRO A 51 5.54 -12.11 -10.32
N SER A 52 5.79 -12.92 -9.31
CA SER A 52 5.13 -12.74 -8.03
C SER A 52 5.88 -11.71 -7.19
N PHE A 53 7.17 -11.63 -7.43
CA PHE A 53 8.01 -10.68 -6.71
C PHE A 53 8.30 -9.44 -7.56
N PHE A 54 8.92 -8.46 -6.92
CA PHE A 54 9.26 -7.22 -7.60
C PHE A 54 10.43 -6.52 -6.90
N ASN A 55 11.13 -5.69 -7.67
CA ASN A 55 12.26 -4.97 -7.15
C ASN A 55 11.76 -3.81 -6.28
N CYS A 56 12.47 -3.59 -5.18
CA CYS A 56 12.10 -2.53 -4.26
C CYS A 56 13.13 -1.40 -4.41
N ASP A 57 12.68 -0.30 -4.99
CA ASP A 57 13.54 0.85 -5.19
C ASP A 57 13.90 1.46 -3.83
N ALA A 58 14.59 2.59 -3.89
CA ALA A 58 15.00 3.27 -2.68
C ALA A 58 13.76 3.65 -1.86
N ALA A 59 12.67 3.87 -2.57
CA ALA A 59 11.42 4.24 -1.94
C ALA A 59 10.81 3.00 -1.28
N LEU A 60 10.31 2.10 -2.11
CA LEU A 60 9.70 0.88 -1.62
C LEU A 60 10.53 0.32 -0.47
N GLN A 61 11.83 0.60 -0.53
CA GLN A 61 12.75 0.14 0.50
C GLN A 61 12.40 0.78 1.85
N LYS A 62 12.55 2.10 1.89
CA LYS A 62 12.26 2.85 3.10
C LYS A 62 10.97 2.31 3.74
N VAL A 63 10.11 1.79 2.87
CA VAL A 63 8.83 1.24 3.33
C VAL A 63 9.06 -0.17 3.88
N PHE A 64 9.37 -1.08 2.98
CA PHE A 64 9.62 -2.46 3.36
C PHE A 64 10.99 -2.61 4.02
N GLY A 65 12.02 -2.37 3.23
CA GLY A 65 13.38 -2.47 3.72
C GLY A 65 14.10 -3.67 3.09
N GLU A 66 13.46 -4.25 2.09
CA GLU A 66 14.03 -5.39 1.40
C GLU A 66 14.33 -5.03 -0.06
N GLU A 67 15.08 -5.91 -0.71
CA GLU A 67 15.44 -5.70 -2.10
C GLU A 67 14.24 -5.98 -3.01
N LYS A 68 13.48 -7.00 -2.64
CA LYS A 68 12.30 -7.37 -3.41
C LYS A 68 11.23 -7.90 -2.46
N LEU A 69 10.00 -7.93 -2.97
CA LEU A 69 8.88 -8.41 -2.18
C LEU A 69 7.84 -9.04 -3.11
N LYS A 70 6.94 -9.80 -2.50
CA LYS A 70 5.89 -10.47 -3.27
C LYS A 70 4.74 -9.49 -3.50
N PHE A 71 4.08 -9.68 -4.64
CA PHE A 71 2.96 -8.83 -4.99
C PHE A 71 1.76 -9.08 -4.08
N THR A 72 1.82 -10.20 -3.38
CA THR A 72 0.75 -10.58 -2.47
C THR A 72 1.10 -10.18 -1.04
N MET A 73 2.37 -10.37 -0.70
CA MET A 73 2.85 -10.04 0.62
C MET A 73 2.70 -8.54 0.92
N VAL A 74 2.74 -7.76 -0.16
CA VAL A 74 2.61 -6.32 -0.03
C VAL A 74 1.53 -6.00 1.00
N SER A 75 0.30 -6.41 0.68
CA SER A 75 -0.82 -6.16 1.56
C SER A 75 -0.40 -6.40 3.02
N GLN A 76 0.16 -7.58 3.26
CA GLN A 76 0.60 -7.93 4.59
C GLN A 76 1.59 -6.89 5.12
N LYS A 77 2.49 -6.49 4.24
CA LYS A 77 3.50 -5.49 4.60
C LYS A 77 2.83 -4.12 4.73
N ILE A 78 2.43 -3.58 3.60
CA ILE A 78 1.78 -2.28 3.57
C ILE A 78 0.85 -2.17 4.78
N SER A 79 0.29 -3.30 5.17
CA SER A 79 -0.62 -3.34 6.29
C SER A 79 -0.05 -2.53 7.46
N HIS A 80 1.15 -2.90 7.86
CA HIS A 80 1.82 -2.22 8.96
C HIS A 80 1.81 -0.71 8.70
N HIS A 81 1.85 -0.36 7.43
CA HIS A 81 1.85 1.05 7.04
C HIS A 81 0.40 1.57 7.03
N LEU A 82 -0.52 0.67 6.73
CA LEU A 82 -1.93 1.02 6.68
C LEU A 82 -2.37 1.53 8.05
N SER A 83 -2.67 2.82 8.10
CA SER A 83 -3.10 3.43 9.34
C SER A 83 -4.46 4.09 9.15
N PRO A 84 -5.15 4.35 10.31
CA PRO A 84 -6.46 4.98 10.26
C PRO A 84 -6.35 6.46 9.97
N PRO A 85 -7.08 6.90 8.90
CA PRO A 85 -7.06 8.29 8.50
C PRO A 85 -7.91 9.14 9.46
N PRO A 86 -7.81 10.49 9.26
CA PRO A 86 -8.56 11.42 10.09
C PRO A 86 -10.04 11.42 9.72
N PRO A 87 -10.87 10.94 10.67
CA PRO A 87 -12.31 10.89 10.46
C PRO A 87 -12.94 12.28 10.57
N SER A 88 -12.77 12.87 11.75
CA SER A 88 -13.32 14.19 12.00
C SER A 88 -12.41 14.96 12.96
N GLY A 89 -12.29 14.43 14.16
CA GLY A 89 -11.46 15.05 15.18
C GLY A 89 -10.10 14.35 15.27
N PRO A 90 -9.42 14.56 16.44
CA PRO A 90 -8.12 13.95 16.66
C PRO A 90 -8.25 12.46 16.95
N SER A 91 -8.31 11.69 15.87
CA SER A 91 -8.43 10.25 16.00
C SER A 91 -9.48 9.89 17.05
N SER A 92 -10.72 9.77 16.58
CA SER A 92 -11.83 9.45 17.47
C SER A 92 -12.96 8.82 16.66
N GLY A 93 -13.47 7.71 17.19
CA GLY A 93 -14.55 7.00 16.54
C GLY A 93 -15.89 7.28 17.24
N GLY A 1 -32.18 -3.31 16.78
CA GLY A 1 -31.90 -2.12 17.59
C GLY A 1 -31.14 -1.09 16.77
N SER A 2 -31.84 -0.48 15.83
CA SER A 2 -31.24 0.53 14.98
C SER A 2 -30.14 -0.09 14.13
N SER A 3 -30.41 -0.19 12.84
CA SER A 3 -29.45 -0.77 11.90
C SER A 3 -28.09 -0.09 12.08
N GLY A 4 -27.05 -0.83 11.70
CA GLY A 4 -25.69 -0.32 11.81
C GLY A 4 -24.70 -1.26 11.13
N SER A 5 -23.71 -1.68 11.89
CA SER A 5 -22.68 -2.58 11.37
C SER A 5 -21.98 -1.92 10.18
N SER A 6 -20.86 -2.51 9.79
CA SER A 6 -20.08 -2.01 8.68
C SER A 6 -19.55 -3.17 7.84
N GLY A 7 -19.73 -3.05 6.54
CA GLY A 7 -19.27 -4.08 5.61
C GLY A 7 -18.01 -3.63 4.88
N VAL A 8 -18.15 -2.53 4.16
CA VAL A 8 -17.03 -1.98 3.40
C VAL A 8 -15.83 -1.80 4.33
N PRO A 9 -14.62 -1.78 3.70
CA PRO A 9 -13.39 -1.62 4.46
C PRO A 9 -13.22 -0.15 4.90
N GLU A 10 -12.22 0.06 5.74
CA GLU A 10 -11.93 1.39 6.23
C GLU A 10 -10.61 1.92 5.64
N LYS A 11 -10.72 3.02 4.92
CA LYS A 11 -9.56 3.63 4.29
C LYS A 11 -8.43 3.72 5.31
N PHE A 12 -7.21 3.80 4.79
CA PHE A 12 -6.04 3.90 5.64
C PHE A 12 -5.09 4.98 5.15
N LYS A 13 -4.49 5.68 6.10
CA LYS A 13 -3.56 6.75 5.77
C LYS A 13 -2.25 6.14 5.25
N LEU A 14 -1.42 6.99 4.67
CA LEU A 14 -0.15 6.54 4.13
C LEU A 14 0.99 7.22 4.90
N SER A 15 2.12 6.52 4.94
CA SER A 15 3.29 7.03 5.63
C SER A 15 4.03 8.04 4.75
N THR A 16 4.97 8.72 5.36
CA THR A 16 5.76 9.71 4.64
C THR A 16 6.44 9.07 3.42
N ALA A 17 7.01 7.90 3.65
CA ALA A 17 7.70 7.18 2.59
C ALA A 17 6.66 6.65 1.60
N LEU A 18 5.64 6.01 2.15
CA LEU A 18 4.58 5.45 1.32
C LEU A 18 3.96 6.56 0.48
N MET A 19 3.81 7.72 1.11
CA MET A 19 3.22 8.88 0.43
C MET A 19 4.13 9.34 -0.72
N ASP A 20 5.33 8.79 -0.75
CA ASP A 20 6.30 9.15 -1.78
C ASP A 20 6.45 7.98 -2.75
N VAL A 21 5.71 6.91 -2.47
CA VAL A 21 5.75 5.73 -3.31
C VAL A 21 4.67 5.83 -4.38
N LEU A 22 3.49 6.25 -3.94
CA LEU A 22 2.37 6.40 -4.86
C LEU A 22 2.00 7.88 -4.99
N GLY A 23 1.76 8.50 -3.83
CA GLY A 23 1.40 9.90 -3.80
C GLY A 23 0.00 10.11 -3.22
N ILE A 24 -0.33 9.25 -2.27
CA ILE A 24 -1.63 9.32 -1.63
C ILE A 24 -1.44 9.54 -0.11
N GLU A 25 -2.48 10.05 0.51
CA GLU A 25 -2.44 10.32 1.94
C GLU A 25 -3.35 9.34 2.68
N VAL A 26 -4.39 8.91 1.99
CA VAL A 26 -5.34 7.97 2.57
C VAL A 26 -6.09 7.25 1.45
N GLU A 27 -5.84 5.95 1.35
CA GLU A 27 -6.48 5.14 0.33
C GLU A 27 -6.93 3.80 0.93
N THR A 28 -7.75 3.10 0.16
CA THR A 28 -8.27 1.82 0.60
C THR A 28 -7.12 0.81 0.79
N ARG A 29 -7.48 -0.44 0.91
CA ARG A 29 -6.50 -1.50 1.10
C ARG A 29 -5.94 -1.94 -0.26
N PRO A 30 -6.86 -2.11 -1.23
CA PRO A 30 -6.47 -2.53 -2.57
C PRO A 30 -5.82 -1.39 -3.34
N ARG A 31 -6.56 -0.28 -3.44
CA ARG A 31 -6.06 0.88 -4.14
C ARG A 31 -4.57 1.05 -3.91
N ILE A 32 -4.17 0.88 -2.66
CA ILE A 32 -2.77 1.01 -2.28
C ILE A 32 -1.97 -0.15 -2.89
N ILE A 33 -2.32 -1.34 -2.45
CA ILE A 33 -1.65 -2.55 -2.93
C ILE A 33 -1.53 -2.47 -4.46
N ALA A 34 -2.63 -2.11 -5.09
CA ALA A 34 -2.67 -2.00 -6.54
C ALA A 34 -1.74 -0.86 -6.98
N ALA A 35 -1.91 0.28 -6.33
CA ALA A 35 -1.10 1.44 -6.65
C ALA A 35 0.37 1.02 -6.73
N ILE A 36 0.75 0.11 -5.85
CA ILE A 36 2.12 -0.37 -5.82
C ILE A 36 2.31 -1.40 -6.93
N TRP A 37 1.25 -2.13 -7.22
CA TRP A 37 1.29 -3.13 -8.27
C TRP A 37 1.59 -2.44 -9.59
N HIS A 38 0.86 -1.37 -9.84
CA HIS A 38 1.04 -0.60 -11.06
C HIS A 38 2.39 0.13 -11.02
N TYR A 39 2.64 0.75 -9.87
CA TYR A 39 3.88 1.49 -9.69
C TYR A 39 5.10 0.62 -10.03
N VAL A 40 5.16 -0.53 -9.37
CA VAL A 40 6.26 -1.45 -9.59
C VAL A 40 6.58 -1.50 -11.09
N LYS A 41 5.57 -1.89 -11.86
CA LYS A 41 5.74 -1.98 -13.30
C LYS A 41 6.13 -0.62 -13.86
N ALA A 42 5.55 0.42 -13.26
CA ALA A 42 5.82 1.78 -13.69
C ALA A 42 7.33 1.97 -13.82
N ARG A 43 8.02 1.83 -12.69
CA ARG A 43 9.46 1.99 -12.67
C ARG A 43 10.14 0.67 -13.02
N LYS A 44 9.48 -0.10 -13.87
CA LYS A 44 10.01 -1.39 -14.29
C LYS A 44 10.68 -2.07 -13.10
N LEU A 45 10.03 -1.94 -11.95
CA LEU A 45 10.56 -2.54 -10.73
C LEU A 45 10.29 -4.05 -10.75
N GLN A 46 9.22 -4.42 -11.44
CA GLN A 46 8.84 -5.82 -11.54
C GLN A 46 10.08 -6.69 -11.78
N ASN A 47 10.02 -7.90 -11.25
CA ASN A 47 11.12 -8.83 -11.39
C ASN A 47 10.82 -9.80 -12.53
N PRO A 48 11.83 -9.97 -13.42
CA PRO A 48 11.69 -10.85 -14.56
C PRO A 48 11.79 -12.32 -14.14
N ASN A 49 12.63 -12.57 -13.15
CA ASN A 49 12.82 -13.92 -12.65
C ASN A 49 11.50 -14.42 -12.05
N ASP A 50 11.02 -13.68 -11.06
CA ASP A 50 9.77 -14.04 -10.40
C ASP A 50 8.72 -12.96 -10.69
N PRO A 51 7.61 -13.41 -11.35
CA PRO A 51 6.53 -12.50 -11.70
C PRO A 51 5.70 -12.15 -10.46
N SER A 52 5.87 -12.95 -9.42
CA SER A 52 5.14 -12.73 -8.18
C SER A 52 5.90 -11.75 -7.29
N PHE A 53 7.17 -11.55 -7.63
CA PHE A 53 8.02 -10.64 -6.88
C PHE A 53 8.33 -9.38 -7.69
N PHE A 54 9.09 -8.50 -7.07
CA PHE A 54 9.48 -7.26 -7.72
C PHE A 54 10.58 -6.54 -6.94
N ASN A 55 11.31 -5.70 -7.65
CA ASN A 55 12.40 -4.95 -7.04
C ASN A 55 11.82 -3.79 -6.23
N CYS A 56 12.35 -3.61 -5.04
CA CYS A 56 11.90 -2.55 -4.15
C CYS A 56 12.91 -1.40 -4.23
N ASP A 57 12.52 -0.34 -4.92
CA ASP A 57 13.37 0.82 -5.06
C ASP A 57 13.75 1.35 -3.68
N ALA A 58 14.39 2.51 -3.68
CA ALA A 58 14.80 3.14 -2.43
C ALA A 58 13.56 3.44 -1.59
N ALA A 59 12.50 3.83 -2.27
CA ALA A 59 11.25 4.14 -1.59
C ALA A 59 10.64 2.87 -1.03
N LEU A 60 10.19 2.02 -1.94
CA LEU A 60 9.58 0.76 -1.54
C LEU A 60 10.37 0.16 -0.37
N GLN A 61 11.67 0.38 -0.39
CA GLN A 61 12.54 -0.14 0.66
C GLN A 61 12.15 0.48 2.01
N LYS A 62 12.39 1.77 2.13
CA LYS A 62 12.07 2.47 3.36
C LYS A 62 10.72 1.98 3.89
N VAL A 63 9.87 1.57 2.97
CA VAL A 63 8.55 1.07 3.32
C VAL A 63 8.67 -0.36 3.83
N PHE A 64 9.03 -1.25 2.92
CA PHE A 64 9.18 -2.65 3.25
C PHE A 64 10.50 -2.89 4.00
N GLY A 65 11.59 -2.71 3.27
CA GLY A 65 12.92 -2.90 3.84
C GLY A 65 13.64 -4.07 3.16
N GLU A 66 12.94 -4.69 2.22
CA GLU A 66 13.51 -5.82 1.50
C GLU A 66 13.77 -5.44 0.04
N GLU A 67 14.91 -5.87 -0.45
CA GLU A 67 15.31 -5.58 -1.82
C GLU A 67 14.14 -5.87 -2.77
N LYS A 68 13.49 -7.00 -2.55
CA LYS A 68 12.36 -7.40 -3.36
C LYS A 68 11.24 -7.91 -2.46
N LEU A 69 10.03 -7.85 -3.00
CA LEU A 69 8.86 -8.29 -2.26
C LEU A 69 7.88 -8.97 -3.22
N LYS A 70 6.90 -9.64 -2.63
CA LYS A 70 5.89 -10.33 -3.43
C LYS A 70 4.75 -9.37 -3.75
N PHE A 71 4.09 -9.64 -4.87
CA PHE A 71 2.98 -8.80 -5.30
C PHE A 71 1.74 -9.04 -4.44
N THR A 72 1.77 -10.17 -3.73
CA THR A 72 0.66 -10.54 -2.86
C THR A 72 0.96 -10.12 -1.41
N MET A 73 2.20 -10.35 -1.01
CA MET A 73 2.63 -10.00 0.33
C MET A 73 2.40 -8.51 0.61
N VAL A 74 2.53 -7.72 -0.44
CA VAL A 74 2.36 -6.28 -0.32
C VAL A 74 1.15 -6.00 0.57
N SER A 75 0.21 -6.93 0.56
CA SER A 75 -0.99 -6.80 1.37
C SER A 75 -0.64 -6.89 2.86
N GLN A 76 0.08 -7.94 3.19
CA GLN A 76 0.48 -8.16 4.57
C GLN A 76 1.83 -7.48 4.84
N LYS A 77 2.02 -6.35 4.19
CA LYS A 77 3.26 -5.59 4.35
C LYS A 77 2.93 -4.10 4.49
N ILE A 78 2.18 -3.60 3.52
CA ILE A 78 1.79 -2.20 3.52
C ILE A 78 0.90 -1.92 4.74
N SER A 79 0.23 -2.97 5.20
CA SER A 79 -0.65 -2.87 6.35
C SER A 79 0.08 -2.18 7.49
N HIS A 80 1.28 -2.67 7.78
CA HIS A 80 2.09 -2.12 8.84
C HIS A 80 2.16 -0.60 8.70
N HIS A 81 2.05 -0.15 7.46
CA HIS A 81 2.10 1.28 7.17
C HIS A 81 0.69 1.87 7.24
N LEU A 82 -0.27 1.06 6.81
CA LEU A 82 -1.66 1.48 6.82
C LEU A 82 -2.02 2.01 8.21
N SER A 83 -2.61 3.20 8.24
CA SER A 83 -3.00 3.80 9.49
C SER A 83 -4.45 4.29 9.41
N PRO A 84 -5.07 4.47 10.61
CA PRO A 84 -6.45 4.92 10.68
C PRO A 84 -6.55 6.42 10.37
N PRO A 85 -7.40 6.73 9.34
CA PRO A 85 -7.60 8.11 8.94
C PRO A 85 -8.47 8.86 9.95
N PRO A 86 -8.59 10.20 9.72
CA PRO A 86 -9.39 11.03 10.60
C PRO A 86 -10.89 10.82 10.34
N PRO A 87 -11.70 11.15 11.39
CA PRO A 87 -13.14 10.99 11.29
C PRO A 87 -13.74 12.10 10.42
N SER A 88 -13.40 13.32 10.77
CA SER A 88 -13.91 14.48 10.03
C SER A 88 -15.43 14.52 10.10
N GLY A 89 -15.92 15.22 11.12
CA GLY A 89 -17.36 15.33 11.32
C GLY A 89 -17.80 16.79 11.19
N PRO A 90 -17.72 17.53 12.33
CA PRO A 90 -18.11 18.92 12.36
C PRO A 90 -17.05 19.80 11.67
N SER A 91 -17.15 19.85 10.35
CA SER A 91 -16.21 20.64 9.57
C SER A 91 -16.72 20.80 8.14
N SER A 92 -17.58 21.80 7.95
CA SER A 92 -18.15 22.06 6.64
C SER A 92 -18.51 23.55 6.52
N GLY A 93 -17.50 24.34 6.21
CA GLY A 93 -17.69 25.78 6.06
C GLY A 93 -16.36 26.48 5.79
N GLY A 1 -14.71 2.78 -2.20
CA GLY A 1 -15.61 3.82 -1.75
C GLY A 1 -17.00 3.66 -2.37
N SER A 2 -17.91 3.11 -1.58
CA SER A 2 -19.27 2.89 -2.04
C SER A 2 -20.14 2.39 -0.88
N SER A 3 -19.74 1.26 -0.34
CA SER A 3 -20.47 0.67 0.78
C SER A 3 -19.49 0.08 1.79
N GLY A 4 -19.92 0.08 3.05
CA GLY A 4 -19.10 -0.44 4.13
C GLY A 4 -19.85 -0.43 5.45
N SER A 5 -19.36 -1.24 6.37
CA SER A 5 -19.98 -1.33 7.70
C SER A 5 -18.92 -1.67 8.75
N SER A 6 -18.28 -2.81 8.56
CA SER A 6 -17.25 -3.26 9.48
C SER A 6 -16.20 -4.08 8.73
N GLY A 7 -16.62 -5.28 8.33
CA GLY A 7 -15.73 -6.17 7.61
C GLY A 7 -14.83 -5.40 6.65
N VAL A 8 -15.44 -4.93 5.58
CA VAL A 8 -14.71 -4.17 4.57
C VAL A 8 -13.78 -3.17 5.26
N PRO A 9 -12.72 -2.76 4.52
CA PRO A 9 -11.75 -1.81 5.05
C PRO A 9 -12.33 -0.40 5.08
N GLU A 10 -11.77 0.41 5.97
CA GLU A 10 -12.22 1.79 6.12
C GLU A 10 -11.07 2.75 5.82
N LYS A 11 -10.55 2.65 4.61
CA LYS A 11 -9.45 3.50 4.18
C LYS A 11 -8.31 3.39 5.20
N PHE A 12 -7.18 3.99 4.85
CA PHE A 12 -6.02 3.97 5.72
C PHE A 12 -5.02 5.06 5.32
N LYS A 13 -4.37 5.62 6.33
CA LYS A 13 -3.39 6.67 6.10
C LYS A 13 -2.09 6.04 5.58
N LEU A 14 -1.38 6.81 4.76
CA LEU A 14 -0.13 6.34 4.20
C LEU A 14 1.04 6.94 5.00
N SER A 15 2.15 6.22 4.98
CA SER A 15 3.34 6.66 5.69
C SER A 15 4.11 7.67 4.84
N THR A 16 5.09 8.30 5.48
CA THR A 16 5.90 9.30 4.79
C THR A 16 6.58 8.67 3.57
N ALA A 17 7.03 7.44 3.75
CA ALA A 17 7.70 6.73 2.67
C ALA A 17 6.66 6.22 1.67
N LEU A 18 5.60 5.64 2.22
CA LEU A 18 4.54 5.10 1.39
C LEU A 18 3.90 6.24 0.59
N MET A 19 3.93 7.42 1.19
CA MET A 19 3.37 8.60 0.54
C MET A 19 4.24 9.06 -0.62
N ASP A 20 5.51 8.69 -0.55
CA ASP A 20 6.46 9.05 -1.59
C ASP A 20 6.64 7.88 -2.55
N VAL A 21 5.93 6.80 -2.25
CA VAL A 21 6.00 5.61 -3.08
C VAL A 21 4.91 5.67 -4.14
N LEU A 22 3.76 6.20 -3.74
CA LEU A 22 2.63 6.32 -4.64
C LEU A 22 2.27 7.81 -4.80
N GLY A 23 1.98 8.44 -3.67
CA GLY A 23 1.62 9.84 -3.67
C GLY A 23 0.19 10.04 -3.15
N ILE A 24 -0.18 9.19 -2.22
CA ILE A 24 -1.51 9.26 -1.62
C ILE A 24 -1.38 9.57 -0.13
N GLU A 25 -2.50 9.98 0.46
CA GLU A 25 -2.53 10.30 1.87
C GLU A 25 -3.56 9.43 2.59
N VAL A 26 -4.69 9.23 1.92
CA VAL A 26 -5.75 8.42 2.49
C VAL A 26 -6.39 7.58 1.38
N GLU A 27 -5.98 6.32 1.35
CA GLU A 27 -6.50 5.39 0.34
C GLU A 27 -7.11 4.16 1.03
N THR A 28 -7.23 3.09 0.26
CA THR A 28 -7.79 1.85 0.78
C THR A 28 -6.71 0.78 0.87
N ARG A 29 -7.16 -0.46 1.04
CA ARG A 29 -6.25 -1.58 1.14
C ARG A 29 -5.79 -2.03 -0.25
N PRO A 30 -6.78 -2.13 -1.17
CA PRO A 30 -6.49 -2.55 -2.53
C PRO A 30 -5.82 -1.41 -3.32
N ARG A 31 -6.46 -0.25 -3.29
CA ARG A 31 -5.93 0.90 -4.00
C ARG A 31 -4.41 0.98 -3.82
N ILE A 32 -3.99 0.93 -2.57
CA ILE A 32 -2.58 1.00 -2.24
C ILE A 32 -1.86 -0.18 -2.90
N ILE A 33 -2.23 -1.37 -2.47
CA ILE A 33 -1.62 -2.58 -3.00
C ILE A 33 -1.44 -2.43 -4.52
N ALA A 34 -2.52 -2.04 -5.17
CA ALA A 34 -2.49 -1.85 -6.62
C ALA A 34 -1.53 -0.71 -6.96
N ALA A 35 -1.72 0.41 -6.28
CA ALA A 35 -0.88 1.57 -6.51
C ALA A 35 0.58 1.13 -6.57
N ILE A 36 0.90 0.12 -5.78
CA ILE A 36 2.26 -0.40 -5.75
C ILE A 36 2.46 -1.38 -6.90
N TRP A 37 1.41 -2.14 -7.18
CA TRP A 37 1.45 -3.11 -8.26
C TRP A 37 1.76 -2.37 -9.56
N HIS A 38 0.94 -1.36 -9.84
CA HIS A 38 1.12 -0.57 -11.04
C HIS A 38 2.50 0.11 -11.01
N TYR A 39 2.65 1.04 -10.07
CA TYR A 39 3.91 1.76 -9.93
C TYR A 39 5.10 0.83 -10.19
N VAL A 40 5.16 -0.24 -9.41
CA VAL A 40 6.23 -1.21 -9.54
C VAL A 40 6.49 -1.48 -11.03
N LYS A 41 5.49 -2.07 -11.67
CA LYS A 41 5.59 -2.38 -13.09
C LYS A 41 5.90 -1.11 -13.87
N ALA A 42 5.13 -0.07 -13.59
CA ALA A 42 5.30 1.20 -14.25
C ALA A 42 6.76 1.64 -14.12
N ARG A 43 7.40 1.15 -13.07
CA ARG A 43 8.79 1.49 -12.82
C ARG A 43 9.70 0.31 -13.20
N LYS A 44 9.17 -0.55 -14.05
CA LYS A 44 9.91 -1.71 -14.50
C LYS A 44 10.59 -2.38 -13.29
N LEU A 45 9.86 -2.38 -12.18
CA LEU A 45 10.37 -2.97 -10.96
C LEU A 45 10.10 -4.47 -10.97
N GLN A 46 9.00 -4.83 -11.62
CA GLN A 46 8.61 -6.24 -11.72
C GLN A 46 9.85 -7.11 -11.92
N ASN A 47 9.82 -8.27 -11.29
CA ASN A 47 10.92 -9.21 -11.39
C ASN A 47 10.67 -10.16 -12.57
N PRO A 48 11.72 -10.31 -13.42
CA PRO A 48 11.63 -11.17 -14.58
C PRO A 48 11.71 -12.64 -14.18
N ASN A 49 12.49 -12.89 -13.13
CA ASN A 49 12.66 -14.24 -12.63
C ASN A 49 11.40 -14.67 -11.87
N ASP A 50 11.11 -13.92 -10.82
CA ASP A 50 9.94 -14.20 -10.00
C ASP A 50 8.85 -13.18 -10.31
N PRO A 51 7.72 -13.68 -10.88
CA PRO A 51 6.61 -12.83 -11.23
C PRO A 51 5.82 -12.42 -9.97
N SER A 52 5.99 -13.22 -8.93
CA SER A 52 5.31 -12.94 -7.67
C SER A 52 6.08 -11.91 -6.87
N PHE A 53 7.32 -11.69 -7.27
CA PHE A 53 8.17 -10.73 -6.60
C PHE A 53 8.46 -9.52 -7.50
N PHE A 54 9.11 -8.52 -6.92
CA PHE A 54 9.46 -7.32 -7.66
C PHE A 54 10.65 -6.61 -7.03
N ASN A 55 11.44 -5.98 -7.88
CA ASN A 55 12.62 -5.26 -7.43
C ASN A 55 12.20 -3.93 -6.82
N CYS A 56 13.02 -3.43 -5.92
CA CYS A 56 12.75 -2.16 -5.26
C CYS A 56 13.35 -1.04 -6.10
N ASP A 57 12.74 0.14 -5.99
CA ASP A 57 13.20 1.30 -6.74
C ASP A 57 14.13 2.13 -5.84
N ALA A 58 13.63 2.43 -4.65
CA ALA A 58 14.40 3.22 -3.70
C ALA A 58 13.45 3.76 -2.62
N ALA A 59 12.21 3.97 -3.01
CA ALA A 59 11.21 4.48 -2.09
C ALA A 59 10.45 3.30 -1.47
N LEU A 60 10.44 2.19 -2.19
CA LEU A 60 9.76 0.99 -1.73
C LEU A 60 10.52 0.40 -0.54
N GLN A 61 11.79 0.78 -0.45
CA GLN A 61 12.64 0.29 0.62
C GLN A 61 12.18 0.86 1.96
N LYS A 62 12.29 2.17 2.09
CA LYS A 62 11.88 2.84 3.31
C LYS A 62 10.59 2.21 3.83
N VAL A 63 9.80 1.71 2.89
CA VAL A 63 8.53 1.07 3.24
C VAL A 63 8.82 -0.29 3.89
N PHE A 64 9.40 -1.17 3.08
CA PHE A 64 9.72 -2.51 3.55
C PHE A 64 11.15 -2.58 4.09
N GLY A 65 12.10 -2.33 3.19
CA GLY A 65 13.50 -2.36 3.55
C GLY A 65 14.22 -3.52 2.88
N GLU A 66 13.47 -4.27 2.09
CA GLU A 66 14.02 -5.41 1.38
C GLU A 66 14.25 -5.07 -0.09
N GLU A 67 15.25 -5.72 -0.66
CA GLU A 67 15.58 -5.49 -2.06
C GLU A 67 14.36 -5.75 -2.94
N LYS A 68 13.67 -6.85 -2.64
CA LYS A 68 12.49 -7.21 -3.40
C LYS A 68 11.43 -7.78 -2.45
N LEU A 69 10.19 -7.74 -2.91
CA LEU A 69 9.09 -8.24 -2.10
C LEU A 69 8.07 -8.94 -3.02
N LYS A 70 7.13 -9.62 -2.39
CA LYS A 70 6.10 -10.33 -3.14
C LYS A 70 4.95 -9.36 -3.46
N PHE A 71 4.34 -9.59 -4.62
CA PHE A 71 3.23 -8.75 -5.05
C PHE A 71 1.99 -9.00 -4.20
N THR A 72 2.07 -10.06 -3.39
CA THR A 72 0.95 -10.41 -2.54
C THR A 72 1.22 -9.95 -1.09
N MET A 73 2.44 -10.23 -0.64
CA MET A 73 2.83 -9.85 0.71
C MET A 73 2.51 -8.38 0.98
N VAL A 74 2.61 -7.58 -0.07
CA VAL A 74 2.33 -6.16 0.04
C VAL A 74 1.09 -5.95 0.90
N SER A 75 -0.01 -6.51 0.45
CA SER A 75 -1.27 -6.40 1.16
C SER A 75 -1.02 -6.50 2.67
N GLN A 76 -0.05 -7.31 3.03
CA GLN A 76 0.30 -7.49 4.43
C GLN A 76 1.28 -6.41 4.87
N LYS A 77 2.39 -6.31 4.16
CA LYS A 77 3.40 -5.33 4.47
C LYS A 77 2.75 -3.95 4.58
N ILE A 78 2.00 -3.59 3.55
CA ILE A 78 1.33 -2.31 3.53
C ILE A 78 0.45 -2.17 4.78
N SER A 79 -0.18 -3.28 5.15
CA SER A 79 -1.04 -3.31 6.32
C SER A 79 -0.30 -2.70 7.52
N HIS A 80 0.96 -3.09 7.65
CA HIS A 80 1.77 -2.60 8.76
C HIS A 80 1.94 -1.09 8.63
N HIS A 81 1.67 -0.59 7.43
CA HIS A 81 1.79 0.84 7.17
C HIS A 81 0.41 1.49 7.24
N LEU A 82 -0.59 0.74 6.78
CA LEU A 82 -1.95 1.23 6.80
C LEU A 82 -2.33 1.66 8.21
N SER A 83 -2.77 2.90 8.32
CA SER A 83 -3.17 3.45 9.61
C SER A 83 -4.57 4.06 9.52
N PRO A 84 -5.25 4.13 10.70
CA PRO A 84 -6.59 4.68 10.76
C PRO A 84 -6.56 6.21 10.65
N PRO A 85 -7.30 6.72 9.63
CA PRO A 85 -7.36 8.16 9.40
C PRO A 85 -8.25 8.84 10.44
N PRO A 86 -8.26 10.20 10.39
CA PRO A 86 -9.06 10.98 11.33
C PRO A 86 -10.54 10.92 10.95
N PRO A 87 -11.36 10.42 11.91
CA PRO A 87 -12.79 10.31 11.69
C PRO A 87 -13.47 11.68 11.78
N SER A 88 -14.79 11.66 11.74
CA SER A 88 -15.56 12.88 11.82
C SER A 88 -17.05 12.58 11.58
N GLY A 89 -17.87 13.13 12.47
CA GLY A 89 -19.31 12.92 12.36
C GLY A 89 -19.89 12.47 13.70
N PRO A 90 -20.30 11.17 13.73
CA PRO A 90 -20.88 10.60 14.95
C PRO A 90 -19.79 10.31 15.98
N SER A 91 -20.23 9.83 17.13
CA SER A 91 -19.31 9.51 18.21
C SER A 91 -18.52 10.76 18.61
N SER A 92 -18.88 11.30 19.76
CA SER A 92 -18.22 12.49 20.26
C SER A 92 -18.33 13.63 19.24
N GLY A 93 -18.08 14.84 19.72
CA GLY A 93 -18.15 16.01 18.86
C GLY A 93 -19.03 17.09 19.48
N GLY A 1 -6.37 -11.70 9.18
CA GLY A 1 -7.23 -11.83 10.35
C GLY A 1 -8.70 -11.90 9.95
N SER A 2 -9.54 -12.20 10.93
CA SER A 2 -10.97 -12.30 10.70
C SER A 2 -11.58 -10.91 10.59
N SER A 3 -11.51 -10.36 9.39
CA SER A 3 -12.05 -9.03 9.14
C SER A 3 -12.42 -8.89 7.66
N GLY A 4 -13.72 -8.73 7.42
CA GLY A 4 -14.21 -8.58 6.07
C GLY A 4 -14.42 -7.10 5.72
N SER A 5 -15.52 -6.85 5.02
CA SER A 5 -15.84 -5.49 4.62
C SER A 5 -17.31 -5.20 4.91
N SER A 6 -17.54 -4.29 5.85
CA SER A 6 -18.88 -3.91 6.24
C SER A 6 -19.34 -2.70 5.41
N GLY A 7 -19.94 -3.02 4.26
CA GLY A 7 -20.43 -1.97 3.36
C GLY A 7 -19.27 -1.26 2.66
N VAL A 8 -19.20 0.04 2.89
CA VAL A 8 -18.15 0.85 2.29
C VAL A 8 -16.78 0.29 2.70
N PRO A 9 -15.77 0.56 1.83
CA PRO A 9 -14.42 0.09 2.08
C PRO A 9 -13.75 0.91 3.20
N GLU A 10 -12.58 0.46 3.61
CA GLU A 10 -11.84 1.13 4.65
C GLU A 10 -10.52 1.70 4.09
N LYS A 11 -10.36 3.00 4.25
CA LYS A 11 -9.17 3.67 3.76
C LYS A 11 -8.15 3.76 4.89
N PHE A 12 -6.88 3.77 4.50
CA PHE A 12 -5.80 3.85 5.47
C PHE A 12 -4.76 4.90 5.06
N LYS A 13 -4.35 5.70 6.02
CA LYS A 13 -3.37 6.74 5.77
C LYS A 13 -2.04 6.09 5.42
N LEU A 14 -1.44 6.59 4.34
CA LEU A 14 -0.16 6.06 3.88
C LEU A 14 0.94 6.59 4.79
N SER A 15 2.13 6.01 4.63
CA SER A 15 3.28 6.41 5.43
C SER A 15 4.03 7.53 4.72
N THR A 16 4.96 8.13 5.46
CA THR A 16 5.76 9.21 4.91
C THR A 16 6.53 8.74 3.67
N ALA A 17 6.86 7.47 3.67
CA ALA A 17 7.58 6.88 2.56
C ALA A 17 6.59 6.39 1.50
N LEU A 18 5.55 5.74 1.98
CA LEU A 18 4.52 5.21 1.09
C LEU A 18 3.84 6.38 0.36
N MET A 19 3.73 7.49 1.07
CA MET A 19 3.11 8.68 0.50
C MET A 19 3.95 9.25 -0.63
N ASP A 20 5.21 8.83 -0.66
CA ASP A 20 6.12 9.30 -1.70
C ASP A 20 6.35 8.17 -2.71
N VAL A 21 6.05 6.96 -2.27
CA VAL A 21 6.22 5.79 -3.13
C VAL A 21 5.13 5.80 -4.21
N LEU A 22 3.98 6.35 -3.84
CA LEU A 22 2.87 6.43 -4.76
C LEU A 22 2.48 7.89 -4.97
N GLY A 23 2.11 8.54 -3.88
CA GLY A 23 1.72 9.93 -3.93
C GLY A 23 0.28 10.12 -3.46
N ILE A 24 -0.10 9.31 -2.48
CA ILE A 24 -1.45 9.38 -1.93
C ILE A 24 -1.37 9.71 -0.44
N GLU A 25 -2.53 9.90 0.16
CA GLU A 25 -2.61 10.23 1.57
C GLU A 25 -3.37 9.14 2.33
N VAL A 26 -4.37 8.59 1.65
CA VAL A 26 -5.18 7.54 2.25
C VAL A 26 -6.01 6.86 1.16
N GLU A 27 -5.58 5.68 0.77
CA GLU A 27 -6.27 4.91 -0.26
C GLU A 27 -6.79 3.60 0.31
N THR A 28 -7.66 2.95 -0.46
CA THR A 28 -8.24 1.70 -0.04
C THR A 28 -7.19 0.58 -0.10
N ARG A 29 -7.43 -0.46 0.69
CA ARG A 29 -6.52 -1.59 0.73
C ARG A 29 -6.22 -2.09 -0.69
N PRO A 30 -7.31 -2.23 -1.49
CA PRO A 30 -7.18 -2.68 -2.86
C PRO A 30 -6.62 -1.59 -3.76
N ARG A 31 -6.59 -0.38 -3.22
CA ARG A 31 -6.09 0.77 -3.96
C ARG A 31 -4.60 0.97 -3.66
N ILE A 32 -4.29 1.04 -2.37
CA ILE A 32 -2.91 1.23 -1.94
C ILE A 32 -2.03 0.13 -2.55
N ILE A 33 -2.40 -1.10 -2.26
CA ILE A 33 -1.65 -2.24 -2.77
C ILE A 33 -1.43 -2.06 -4.27
N ALA A 34 -2.54 -1.95 -4.99
CA ALA A 34 -2.48 -1.79 -6.44
C ALA A 34 -1.52 -0.63 -6.77
N ALA A 35 -1.73 0.49 -6.10
CA ALA A 35 -0.91 1.65 -6.31
C ALA A 35 0.57 1.23 -6.35
N ILE A 36 0.88 0.20 -5.58
CA ILE A 36 2.24 -0.31 -5.52
C ILE A 36 2.47 -1.26 -6.70
N TRP A 37 1.44 -2.03 -7.01
CA TRP A 37 1.52 -2.98 -8.11
C TRP A 37 1.79 -2.19 -9.39
N HIS A 38 0.97 -1.16 -9.60
CA HIS A 38 1.10 -0.33 -10.77
C HIS A 38 2.47 0.35 -10.77
N TYR A 39 2.74 1.07 -9.68
CA TYR A 39 4.00 1.77 -9.55
C TYR A 39 5.18 0.85 -9.88
N VAL A 40 5.22 -0.27 -9.18
CA VAL A 40 6.29 -1.24 -9.40
C VAL A 40 6.55 -1.38 -10.89
N LYS A 41 5.49 -1.64 -11.63
CA LYS A 41 5.59 -1.80 -13.07
C LYS A 41 6.03 -0.48 -13.69
N ALA A 42 5.54 0.61 -13.12
CA ALA A 42 5.90 1.93 -13.61
C ALA A 42 7.40 2.00 -13.87
N ARG A 43 8.16 1.78 -12.80
CA ARG A 43 9.61 1.81 -12.91
C ARG A 43 10.14 0.43 -13.32
N LYS A 44 9.27 -0.35 -13.93
CA LYS A 44 9.63 -1.67 -14.39
C LYS A 44 10.38 -2.40 -13.27
N LEU A 45 9.78 -2.38 -12.08
CA LEU A 45 10.39 -3.02 -10.93
C LEU A 45 10.01 -4.51 -10.93
N GLN A 46 8.97 -4.83 -11.69
CA GLN A 46 8.50 -6.20 -11.78
C GLN A 46 9.67 -7.14 -12.04
N ASN A 47 9.64 -8.28 -11.37
CA ASN A 47 10.68 -9.28 -11.52
C ASN A 47 10.31 -10.24 -12.64
N PRO A 48 11.24 -10.38 -13.62
CA PRO A 48 11.03 -11.28 -14.74
C PRO A 48 11.19 -12.73 -14.33
N ASN A 49 12.00 -12.94 -13.30
CA ASN A 49 12.24 -14.29 -12.80
C ASN A 49 11.02 -14.77 -12.03
N ASP A 50 10.63 -13.97 -11.04
CA ASP A 50 9.48 -14.31 -10.22
C ASP A 50 8.38 -13.27 -10.45
N PRO A 51 7.24 -13.76 -11.04
CA PRO A 51 6.12 -12.88 -11.33
C PRO A 51 5.34 -12.56 -10.05
N SER A 52 5.70 -13.26 -8.98
CA SER A 52 5.06 -13.06 -7.70
C SER A 52 5.83 -12.01 -6.89
N PHE A 53 7.07 -11.79 -7.29
CA PHE A 53 7.91 -10.82 -6.62
C PHE A 53 8.15 -9.59 -7.50
N PHE A 54 8.88 -8.63 -6.93
CA PHE A 54 9.19 -7.41 -7.66
C PHE A 54 10.41 -6.71 -7.05
N ASN A 55 11.15 -6.05 -7.92
CA ASN A 55 12.35 -5.34 -7.49
C ASN A 55 11.94 -4.18 -6.57
N CYS A 56 12.91 -3.76 -5.76
CA CYS A 56 12.67 -2.67 -4.83
C CYS A 56 13.32 -1.40 -5.39
N ASP A 57 12.96 -0.28 -4.80
CA ASP A 57 13.52 1.00 -5.22
C ASP A 57 14.00 1.77 -3.99
N ALA A 58 14.41 3.01 -4.23
CA ALA A 58 14.90 3.86 -3.17
C ALA A 58 13.71 4.44 -2.40
N ALA A 59 12.53 4.05 -2.82
CA ALA A 59 11.31 4.53 -2.20
C ALA A 59 10.57 3.35 -1.55
N LEU A 60 10.50 2.26 -2.31
CA LEU A 60 9.83 1.05 -1.84
C LEU A 60 10.63 0.47 -0.67
N GLN A 61 11.94 0.71 -0.70
CA GLN A 61 12.81 0.21 0.35
C GLN A 61 12.47 0.86 1.68
N LYS A 62 12.51 2.18 1.69
CA LYS A 62 12.21 2.93 2.90
C LYS A 62 10.97 2.34 3.57
N VAL A 63 10.11 1.75 2.75
CA VAL A 63 8.89 1.14 3.24
C VAL A 63 9.21 -0.23 3.83
N PHE A 64 9.56 -1.15 2.94
CA PHE A 64 9.90 -2.50 3.36
C PHE A 64 11.35 -2.59 3.82
N GLY A 65 12.25 -2.32 2.89
CA GLY A 65 13.67 -2.37 3.18
C GLY A 65 14.31 -3.64 2.63
N GLU A 66 13.53 -4.36 1.84
CA GLU A 66 14.00 -5.60 1.24
C GLU A 66 14.27 -5.39 -0.25
N GLU A 67 15.23 -6.16 -0.76
CA GLU A 67 15.59 -6.08 -2.16
C GLU A 67 14.35 -6.26 -3.04
N LYS A 68 13.53 -7.23 -2.67
CA LYS A 68 12.31 -7.51 -3.41
C LYS A 68 11.27 -8.09 -2.45
N LEU A 69 10.01 -7.98 -2.88
CA LEU A 69 8.91 -8.48 -2.07
C LEU A 69 7.89 -9.15 -2.98
N LYS A 70 6.96 -9.86 -2.36
CA LYS A 70 5.92 -10.56 -3.10
C LYS A 70 4.75 -9.61 -3.33
N PHE A 71 4.21 -9.66 -4.54
CA PHE A 71 3.08 -8.81 -4.89
C PHE A 71 1.88 -9.07 -3.97
N THR A 72 1.95 -10.19 -3.28
CA THR A 72 0.88 -10.57 -2.36
C THR A 72 1.23 -10.13 -0.95
N MET A 73 2.47 -10.41 -0.55
CA MET A 73 2.93 -10.05 0.77
C MET A 73 2.63 -8.59 1.09
N VAL A 74 2.74 -7.77 0.05
CA VAL A 74 2.48 -6.34 0.20
C VAL A 74 1.29 -6.14 1.13
N SER A 75 0.14 -6.62 0.69
CA SER A 75 -1.07 -6.49 1.48
C SER A 75 -0.76 -6.66 2.97
N GLN A 76 0.06 -7.65 3.26
CA GLN A 76 0.46 -7.92 4.63
C GLN A 76 1.42 -6.85 5.13
N LYS A 77 2.41 -6.54 4.31
CA LYS A 77 3.39 -5.53 4.66
C LYS A 77 2.70 -4.17 4.77
N ILE A 78 2.21 -3.69 3.63
CA ILE A 78 1.53 -2.41 3.60
C ILE A 78 0.65 -2.27 4.84
N SER A 79 0.02 -3.37 5.21
CA SER A 79 -0.85 -3.38 6.38
C SER A 79 -0.22 -2.56 7.51
N HIS A 80 1.03 -2.89 7.81
CA HIS A 80 1.75 -2.18 8.86
C HIS A 80 1.68 -0.67 8.61
N HIS A 81 1.91 -0.31 7.36
CA HIS A 81 1.87 1.09 6.98
C HIS A 81 0.44 1.61 7.03
N LEU A 82 -0.49 0.72 6.71
CA LEU A 82 -1.90 1.07 6.71
C LEU A 82 -2.30 1.54 8.11
N SER A 83 -2.70 2.81 8.17
CA SER A 83 -3.11 3.40 9.44
C SER A 83 -4.46 4.09 9.28
N PRO A 84 -5.12 4.34 10.44
CA PRO A 84 -6.41 4.99 10.44
C PRO A 84 -6.29 6.49 10.14
N PRO A 85 -7.00 6.92 9.07
CA PRO A 85 -6.98 8.32 8.66
C PRO A 85 -7.81 9.18 9.61
N PRO A 86 -7.71 10.52 9.39
CA PRO A 86 -8.45 11.46 10.22
C PRO A 86 -9.93 11.47 9.86
N PRO A 87 -10.77 11.01 10.82
CA PRO A 87 -12.20 10.95 10.62
C PRO A 87 -12.81 12.36 10.71
N SER A 88 -12.41 13.08 11.75
CA SER A 88 -12.91 14.42 11.97
C SER A 88 -11.76 15.35 12.33
N GLY A 89 -11.18 15.12 13.50
CA GLY A 89 -10.08 15.93 13.97
C GLY A 89 -8.86 15.77 13.06
N PRO A 90 -8.45 16.91 12.45
CA PRO A 90 -7.30 16.92 11.56
C PRO A 90 -6.00 16.83 12.34
N SER A 91 -4.98 16.27 11.69
CA SER A 91 -3.68 16.13 12.31
C SER A 91 -2.63 16.94 11.55
N SER A 92 -1.53 17.22 12.23
CA SER A 92 -0.46 18.00 11.64
C SER A 92 0.31 17.13 10.63
N GLY A 93 1.05 17.80 9.77
CA GLY A 93 1.84 17.11 8.75
C GLY A 93 2.59 18.10 7.88
N GLY A 1 -14.98 -10.23 -8.42
CA GLY A 1 -13.73 -10.28 -7.69
C GLY A 1 -13.97 -10.46 -6.19
N SER A 2 -14.51 -11.61 -5.85
CA SER A 2 -14.79 -11.93 -4.46
C SER A 2 -13.53 -11.77 -3.61
N SER A 3 -13.68 -11.05 -2.52
CA SER A 3 -12.56 -10.81 -1.62
C SER A 3 -13.02 -9.98 -0.42
N GLY A 4 -13.55 -8.81 -0.72
CA GLY A 4 -14.03 -7.91 0.32
C GLY A 4 -15.43 -8.32 0.78
N SER A 5 -16.31 -7.33 0.86
CA SER A 5 -17.67 -7.57 1.29
C SER A 5 -18.55 -6.36 0.96
N SER A 6 -19.85 -6.55 1.12
CA SER A 6 -20.80 -5.49 0.85
C SER A 6 -20.67 -4.38 1.90
N GLY A 7 -21.14 -3.20 1.52
CA GLY A 7 -21.07 -2.04 2.41
C GLY A 7 -20.08 -1.00 1.89
N VAL A 8 -19.29 -0.47 2.81
CA VAL A 8 -18.31 0.53 2.46
C VAL A 8 -16.91 0.05 2.90
N PRO A 9 -15.90 0.41 2.07
CA PRO A 9 -14.53 0.03 2.37
C PRO A 9 -13.95 0.88 3.50
N GLU A 10 -12.64 0.76 3.67
CA GLU A 10 -11.96 1.52 4.72
C GLU A 10 -10.63 2.07 4.19
N LYS A 11 -10.48 3.38 4.30
CA LYS A 11 -9.27 4.04 3.85
C LYS A 11 -8.24 4.06 4.98
N PHE A 12 -7.00 3.79 4.62
CA PHE A 12 -5.92 3.77 5.60
C PHE A 12 -4.86 4.82 5.25
N LYS A 13 -4.62 5.71 6.20
CA LYS A 13 -3.64 6.76 6.01
C LYS A 13 -2.34 6.15 5.48
N LEU A 14 -1.67 6.92 4.64
CA LEU A 14 -0.42 6.47 4.05
C LEU A 14 0.76 7.03 4.86
N SER A 15 1.81 6.23 4.93
CA SER A 15 3.01 6.63 5.66
C SER A 15 3.73 7.75 4.91
N THR A 16 4.67 8.37 5.60
CA THR A 16 5.44 9.46 5.03
C THR A 16 6.20 8.96 3.80
N ALA A 17 6.68 7.73 3.89
CA ALA A 17 7.42 7.12 2.81
C ALA A 17 6.44 6.55 1.78
N LEU A 18 5.44 5.85 2.29
CA LEU A 18 4.44 5.25 1.44
C LEU A 18 3.71 6.33 0.65
N MET A 19 3.71 7.53 1.21
CA MET A 19 3.06 8.67 0.57
C MET A 19 3.93 9.23 -0.55
N ASP A 20 5.23 9.28 -0.27
CA ASP A 20 6.18 9.79 -1.24
C ASP A 20 6.38 8.77 -2.37
N VAL A 21 5.97 7.54 -2.07
CA VAL A 21 6.08 6.46 -3.03
C VAL A 21 5.06 6.66 -4.15
N LEU A 22 3.82 6.89 -3.74
CA LEU A 22 2.75 7.10 -4.68
C LEU A 22 2.42 8.59 -4.76
N GLY A 23 2.02 9.14 -3.62
CA GLY A 23 1.67 10.55 -3.54
C GLY A 23 0.22 10.73 -3.10
N ILE A 24 -0.21 9.86 -2.21
CA ILE A 24 -1.58 9.92 -1.71
C ILE A 24 -1.54 10.29 -0.22
N GLU A 25 -2.71 10.22 0.39
CA GLU A 25 -2.84 10.54 1.81
C GLU A 25 -3.82 9.59 2.49
N VAL A 26 -4.95 9.37 1.82
CA VAL A 26 -5.98 8.50 2.34
C VAL A 26 -6.48 7.58 1.22
N GLU A 27 -5.84 6.42 1.13
CA GLU A 27 -6.20 5.44 0.12
C GLU A 27 -6.74 4.16 0.77
N THR A 28 -7.43 3.37 -0.03
CA THR A 28 -7.99 2.12 0.46
C THR A 28 -6.93 1.03 0.49
N ARG A 29 -7.38 -0.18 0.78
CA ARG A 29 -6.48 -1.32 0.85
C ARG A 29 -6.21 -1.86 -0.55
N PRO A 30 -7.32 -2.01 -1.33
CA PRO A 30 -7.22 -2.52 -2.68
C PRO A 30 -6.65 -1.46 -3.63
N ARG A 31 -6.54 -0.24 -3.11
CA ARG A 31 -6.01 0.86 -3.89
C ARG A 31 -4.48 0.91 -3.77
N ILE A 32 -4.01 0.91 -2.54
CA ILE A 32 -2.58 0.96 -2.28
C ILE A 32 -1.90 -0.24 -2.96
N ILE A 33 -2.30 -1.42 -2.53
CA ILE A 33 -1.74 -2.64 -3.08
C ILE A 33 -1.57 -2.48 -4.59
N ALA A 34 -2.67 -2.12 -5.24
CA ALA A 34 -2.67 -1.93 -6.68
C ALA A 34 -1.67 -0.81 -7.03
N ALA A 35 -1.82 0.31 -6.35
CA ALA A 35 -0.96 1.45 -6.59
C ALA A 35 0.50 0.97 -6.70
N ILE A 36 0.85 0.05 -5.82
CA ILE A 36 2.19 -0.51 -5.81
C ILE A 36 2.35 -1.47 -6.99
N TRP A 37 1.29 -2.22 -7.25
CA TRP A 37 1.29 -3.17 -8.34
C TRP A 37 1.64 -2.43 -9.63
N HIS A 38 1.16 -1.19 -9.70
CA HIS A 38 1.41 -0.36 -10.87
C HIS A 38 2.80 0.26 -10.77
N TYR A 39 2.99 1.04 -9.73
CA TYR A 39 4.27 1.71 -9.50
C TYR A 39 5.42 0.78 -9.85
N VAL A 40 5.27 -0.48 -9.47
CA VAL A 40 6.29 -1.48 -9.72
C VAL A 40 6.50 -1.60 -11.24
N LYS A 41 5.47 -2.08 -11.91
CA LYS A 41 5.54 -2.25 -13.36
C LYS A 41 5.90 -0.92 -14.01
N ALA A 42 5.29 0.14 -13.50
CA ALA A 42 5.55 1.47 -14.03
C ALA A 42 7.04 1.78 -13.92
N ARG A 43 7.59 1.50 -12.74
CA ARG A 43 9.00 1.74 -12.50
C ARG A 43 9.83 0.56 -13.01
N LYS A 44 9.15 -0.36 -13.68
CA LYS A 44 9.82 -1.54 -14.22
C LYS A 44 10.62 -2.22 -13.11
N LEU A 45 9.94 -2.48 -12.00
CA LEU A 45 10.56 -3.13 -10.86
C LEU A 45 10.24 -4.62 -10.89
N GLN A 46 9.10 -4.94 -11.47
CA GLN A 46 8.66 -6.32 -11.57
C GLN A 46 9.84 -7.22 -11.92
N ASN A 47 9.93 -8.32 -11.18
CA ASN A 47 11.00 -9.27 -11.40
C ASN A 47 10.67 -10.13 -12.62
N PRO A 48 11.66 -10.20 -13.56
CA PRO A 48 11.49 -10.98 -14.77
C PRO A 48 11.61 -12.48 -14.49
N ASN A 49 12.15 -12.79 -13.31
CA ASN A 49 12.33 -14.17 -12.91
C ASN A 49 11.08 -14.63 -12.14
N ASP A 50 10.72 -13.85 -11.14
CA ASP A 50 9.56 -14.17 -10.32
C ASP A 50 8.47 -13.12 -10.57
N PRO A 51 7.35 -13.59 -11.17
CA PRO A 51 6.23 -12.70 -11.46
C PRO A 51 5.46 -12.37 -10.18
N SER A 52 5.74 -13.12 -9.14
CA SER A 52 5.07 -12.92 -7.86
C SER A 52 5.84 -11.89 -7.03
N PHE A 53 7.10 -11.70 -7.39
CA PHE A 53 7.95 -10.75 -6.69
C PHE A 53 8.25 -9.54 -7.58
N PHE A 54 8.97 -8.59 -7.00
CA PHE A 54 9.33 -7.38 -7.72
C PHE A 54 10.55 -6.71 -7.08
N ASN A 55 11.34 -6.08 -7.92
CA ASN A 55 12.54 -5.39 -7.45
C ASN A 55 12.13 -4.23 -6.54
N CYS A 56 13.07 -3.82 -5.70
CA CYS A 56 12.81 -2.73 -4.78
C CYS A 56 13.56 -1.49 -5.28
N ASP A 57 13.12 -0.34 -4.79
CA ASP A 57 13.74 0.91 -5.19
C ASP A 57 14.19 1.67 -3.93
N ALA A 58 14.64 2.89 -4.15
CA ALA A 58 15.10 3.73 -3.06
C ALA A 58 13.89 4.32 -2.32
N ALA A 59 12.72 3.93 -2.79
CA ALA A 59 11.48 4.41 -2.19
C ALA A 59 10.79 3.25 -1.47
N LEU A 60 10.64 2.14 -2.20
CA LEU A 60 10.00 0.96 -1.63
C LEU A 60 10.82 0.45 -0.45
N GLN A 61 12.14 0.58 -0.59
CA GLN A 61 13.05 0.14 0.46
C GLN A 61 12.72 0.84 1.78
N LYS A 62 12.65 2.16 1.71
CA LYS A 62 12.34 2.96 2.88
C LYS A 62 11.09 2.40 3.57
N VAL A 63 10.24 1.80 2.76
CA VAL A 63 9.00 1.22 3.27
C VAL A 63 9.30 -0.18 3.83
N PHE A 64 9.54 -1.11 2.91
CA PHE A 64 9.83 -2.47 3.30
C PHE A 64 11.26 -2.60 3.81
N GLY A 65 12.20 -2.36 2.91
CA GLY A 65 13.61 -2.45 3.25
C GLY A 65 14.23 -3.74 2.70
N GLU A 66 13.44 -4.45 1.92
CA GLU A 66 13.89 -5.70 1.33
C GLU A 66 14.20 -5.51 -0.16
N GLU A 67 15.20 -6.25 -0.62
CA GLU A 67 15.60 -6.17 -2.01
C GLU A 67 14.39 -6.33 -2.93
N LYS A 68 13.54 -7.29 -2.58
CA LYS A 68 12.34 -7.55 -3.37
C LYS A 68 11.25 -8.10 -2.44
N LEU A 69 10.01 -7.96 -2.89
CA LEU A 69 8.88 -8.43 -2.12
C LEU A 69 7.86 -9.07 -3.06
N LYS A 70 6.89 -9.75 -2.47
CA LYS A 70 5.85 -10.41 -3.25
C LYS A 70 4.72 -9.41 -3.53
N PHE A 71 4.13 -9.56 -4.71
CA PHE A 71 3.04 -8.68 -5.11
C PHE A 71 1.81 -8.90 -4.22
N THR A 72 1.84 -10.00 -3.49
CA THR A 72 0.74 -10.33 -2.60
C THR A 72 1.06 -9.91 -1.17
N MET A 73 2.27 -10.24 -0.75
CA MET A 73 2.71 -9.90 0.59
C MET A 73 2.48 -8.42 0.89
N VAL A 74 2.59 -7.62 -0.16
CA VAL A 74 2.39 -6.18 -0.03
C VAL A 74 1.24 -5.91 0.95
N SER A 75 0.08 -6.45 0.61
CA SER A 75 -1.11 -6.29 1.43
C SER A 75 -0.74 -6.48 2.91
N GLN A 76 0.01 -7.54 3.16
CA GLN A 76 0.43 -7.85 4.51
C GLN A 76 1.39 -6.78 5.03
N LYS A 77 2.46 -6.58 4.28
CA LYS A 77 3.45 -5.58 4.65
C LYS A 77 2.78 -4.21 4.79
N ILE A 78 2.36 -3.69 3.64
CA ILE A 78 1.69 -2.39 3.62
C ILE A 78 0.79 -2.26 4.84
N SER A 79 0.22 -3.39 5.25
CA SER A 79 -0.66 -3.41 6.40
C SER A 79 0.00 -2.70 7.58
N HIS A 80 1.23 -3.10 7.85
CA HIS A 80 1.98 -2.51 8.96
C HIS A 80 2.03 -0.99 8.79
N HIS A 81 1.79 -0.56 7.56
CA HIS A 81 1.80 0.86 7.25
C HIS A 81 0.38 1.41 7.30
N LEU A 82 -0.55 0.59 6.84
CA LEU A 82 -1.96 0.99 6.82
C LEU A 82 -2.37 1.41 8.24
N SER A 83 -2.70 2.68 8.37
CA SER A 83 -3.11 3.22 9.65
C SER A 83 -4.37 4.08 9.47
N PRO A 84 -5.04 4.37 10.62
CA PRO A 84 -6.24 5.18 10.60
C PRO A 84 -5.90 6.66 10.39
N PRO A 85 -6.75 7.33 9.57
CA PRO A 85 -6.56 8.74 9.28
C PRO A 85 -6.96 9.62 10.48
N PRO A 86 -6.69 10.94 10.34
CA PRO A 86 -7.02 11.88 11.40
C PRO A 86 -8.53 12.17 11.42
N PRO A 87 -9.16 11.73 12.54
CA PRO A 87 -10.60 11.92 12.70
C PRO A 87 -10.91 13.38 13.05
N SER A 88 -12.20 13.71 13.01
CA SER A 88 -12.64 15.06 13.31
C SER A 88 -13.44 15.06 14.61
N GLY A 89 -12.73 15.31 15.71
CA GLY A 89 -13.37 15.36 17.02
C GLY A 89 -13.79 16.78 17.38
N PRO A 90 -14.80 16.87 18.28
CA PRO A 90 -15.31 18.16 18.72
C PRO A 90 -14.33 18.82 19.71
N SER A 91 -13.23 19.31 19.15
CA SER A 91 -12.23 19.97 19.96
C SER A 91 -11.40 20.93 19.10
N SER A 92 -10.88 21.95 19.75
CA SER A 92 -10.08 22.95 19.06
C SER A 92 -9.37 23.86 20.07
N GLY A 93 -10.18 24.50 20.90
CA GLY A 93 -9.66 25.40 21.91
C GLY A 93 -9.64 24.73 23.28
N GLY A 1 -14.33 -10.94 3.73
CA GLY A 1 -15.22 -10.58 4.81
C GLY A 1 -16.07 -9.36 4.46
N SER A 2 -16.91 -9.55 3.44
CA SER A 2 -17.78 -8.49 2.98
C SER A 2 -18.79 -9.03 1.97
N SER A 3 -19.98 -8.45 2.00
CA SER A 3 -21.03 -8.86 1.08
C SER A 3 -21.72 -7.64 0.48
N GLY A 4 -22.23 -6.79 1.36
CA GLY A 4 -22.90 -5.57 0.92
C GLY A 4 -22.21 -4.32 1.47
N SER A 5 -21.94 -3.40 0.58
CA SER A 5 -21.28 -2.16 0.96
C SER A 5 -21.50 -1.09 -0.13
N SER A 6 -21.87 0.09 0.33
CA SER A 6 -22.11 1.20 -0.59
C SER A 6 -20.91 2.14 -0.59
N GLY A 7 -20.56 2.61 0.60
CA GLY A 7 -19.43 3.52 0.75
C GLY A 7 -18.11 2.77 0.67
N VAL A 8 -17.06 3.52 0.35
CA VAL A 8 -15.74 2.93 0.23
C VAL A 8 -15.40 2.18 1.52
N PRO A 9 -14.48 1.19 1.39
CA PRO A 9 -14.08 0.38 2.52
C PRO A 9 -13.14 1.17 3.44
N GLU A 10 -13.02 0.69 4.67
CA GLU A 10 -12.15 1.33 5.64
C GLU A 10 -10.88 1.84 4.97
N LYS A 11 -10.73 3.15 4.99
CA LYS A 11 -9.55 3.78 4.39
C LYS A 11 -8.42 3.80 5.41
N PHE A 12 -7.19 3.83 4.88
CA PHE A 12 -6.02 3.85 5.73
C PHE A 12 -5.02 4.90 5.25
N LYS A 13 -4.47 5.63 6.21
CA LYS A 13 -3.50 6.66 5.90
C LYS A 13 -2.24 6.02 5.31
N LEU A 14 -1.39 6.86 4.74
CA LEU A 14 -0.14 6.39 4.15
C LEU A 14 1.04 6.93 4.95
N SER A 15 2.15 6.22 4.84
CA SER A 15 3.37 6.63 5.55
C SER A 15 4.14 7.64 4.72
N THR A 16 5.03 8.36 5.39
CA THR A 16 5.84 9.36 4.73
C THR A 16 6.59 8.74 3.54
N ALA A 17 6.97 7.49 3.72
CA ALA A 17 7.69 6.78 2.67
C ALA A 17 6.69 6.27 1.63
N LEU A 18 5.62 5.67 2.13
CA LEU A 18 4.59 5.14 1.26
C LEU A 18 4.03 6.27 0.39
N MET A 19 3.92 7.44 1.00
CA MET A 19 3.41 8.61 0.31
C MET A 19 4.36 9.05 -0.80
N ASP A 20 5.65 8.89 -0.53
CA ASP A 20 6.67 9.26 -1.49
C ASP A 20 6.81 8.16 -2.55
N VAL A 21 6.01 7.13 -2.38
CA VAL A 21 6.03 6.00 -3.31
C VAL A 21 4.89 6.16 -4.32
N LEU A 22 3.67 6.27 -3.80
CA LEU A 22 2.51 6.42 -4.65
C LEU A 22 2.17 7.91 -4.78
N GLY A 23 1.91 8.53 -3.63
CA GLY A 23 1.58 9.93 -3.61
C GLY A 23 0.16 10.15 -3.09
N ILE A 24 -0.25 9.27 -2.19
CA ILE A 24 -1.58 9.36 -1.61
C ILE A 24 -1.46 9.58 -0.10
N GLU A 25 -2.56 10.04 0.49
CA GLU A 25 -2.58 10.30 1.91
C GLU A 25 -3.52 9.32 2.62
N VAL A 26 -4.67 9.09 2.00
CA VAL A 26 -5.65 8.18 2.55
C VAL A 26 -6.29 7.37 1.41
N GLU A 27 -5.93 6.10 1.37
CA GLU A 27 -6.45 5.22 0.34
C GLU A 27 -6.96 3.91 0.97
N THR A 28 -7.62 3.12 0.14
CA THR A 28 -8.16 1.85 0.61
C THR A 28 -7.04 0.83 0.81
N ARG A 29 -7.45 -0.44 0.91
CA ARG A 29 -6.49 -1.51 1.11
C ARG A 29 -5.90 -1.95 -0.23
N PRO A 30 -6.80 -2.10 -1.23
CA PRO A 30 -6.38 -2.51 -2.57
C PRO A 30 -5.71 -1.36 -3.31
N ARG A 31 -6.43 -0.26 -3.43
CA ARG A 31 -5.91 0.91 -4.11
C ARG A 31 -4.41 1.06 -3.84
N ILE A 32 -4.05 0.83 -2.59
CA ILE A 32 -2.65 0.94 -2.19
C ILE A 32 -1.86 -0.20 -2.80
N ILE A 33 -2.24 -1.42 -2.43
CA ILE A 33 -1.56 -2.60 -2.93
C ILE A 33 -1.38 -2.47 -4.45
N ALA A 34 -2.47 -2.09 -5.12
CA ALA A 34 -2.44 -1.93 -6.56
C ALA A 34 -1.48 -0.79 -6.91
N ALA A 35 -1.65 0.33 -6.22
CA ALA A 35 -0.81 1.49 -6.46
C ALA A 35 0.65 1.05 -6.52
N ILE A 36 0.98 0.08 -5.68
CA ILE A 36 2.34 -0.44 -5.63
C ILE A 36 2.55 -1.43 -6.78
N TRP A 37 1.47 -2.13 -7.12
CA TRP A 37 1.53 -3.10 -8.19
C TRP A 37 1.86 -2.37 -9.49
N HIS A 38 1.02 -1.39 -9.82
CA HIS A 38 1.22 -0.60 -11.01
C HIS A 38 2.58 0.09 -10.96
N TYR A 39 2.72 0.97 -9.97
CA TYR A 39 3.96 1.71 -9.79
C TYR A 39 5.17 0.82 -10.08
N VAL A 40 5.21 -0.31 -9.39
CA VAL A 40 6.30 -1.25 -9.56
C VAL A 40 6.48 -1.57 -11.05
N LYS A 41 5.36 -1.92 -11.68
CA LYS A 41 5.38 -2.25 -13.09
C LYS A 41 5.81 -1.02 -13.89
N ALA A 42 5.14 0.09 -13.62
CA ALA A 42 5.44 1.34 -14.29
C ALA A 42 6.94 1.63 -14.19
N ARG A 43 7.51 1.25 -13.05
CA ARG A 43 8.92 1.46 -12.82
C ARG A 43 9.72 0.22 -13.23
N LYS A 44 9.09 -0.59 -14.07
CA LYS A 44 9.72 -1.81 -14.54
C LYS A 44 10.46 -2.49 -13.39
N LEU A 45 9.87 -2.37 -12.21
CA LEU A 45 10.46 -2.96 -11.01
C LEU A 45 10.17 -4.47 -11.00
N GLN A 46 9.04 -4.83 -11.60
CA GLN A 46 8.65 -6.22 -11.68
C GLN A 46 9.88 -7.11 -11.91
N ASN A 47 9.86 -8.26 -11.26
CA ASN A 47 10.96 -9.21 -11.39
C ASN A 47 10.60 -10.27 -12.43
N PRO A 48 11.58 -10.55 -13.32
CA PRO A 48 11.38 -11.54 -14.37
C PRO A 48 11.43 -12.95 -13.81
N ASN A 49 12.45 -13.19 -12.98
CA ASN A 49 12.62 -14.50 -12.38
C ASN A 49 11.30 -14.92 -11.70
N ASP A 50 10.76 -14.00 -10.93
CA ASP A 50 9.51 -14.26 -10.22
C ASP A 50 8.52 -13.15 -10.53
N PRO A 51 7.37 -13.55 -11.15
CA PRO A 51 6.34 -12.60 -11.51
C PRO A 51 5.56 -12.16 -10.27
N SER A 52 5.69 -12.94 -9.21
CA SER A 52 5.00 -12.66 -7.97
C SER A 52 5.82 -11.67 -7.13
N PHE A 53 7.09 -11.55 -7.48
CA PHE A 53 7.99 -10.65 -6.78
C PHE A 53 8.35 -9.45 -7.65
N PHE A 54 8.94 -8.45 -7.01
CA PHE A 54 9.35 -7.24 -7.70
C PHE A 54 10.54 -6.58 -7.02
N ASN A 55 11.39 -5.99 -7.83
CA ASN A 55 12.58 -5.31 -7.31
C ASN A 55 12.17 -3.95 -6.72
N CYS A 56 12.99 -3.49 -5.80
CA CYS A 56 12.73 -2.21 -5.16
C CYS A 56 13.39 -1.11 -5.98
N ASP A 57 12.86 0.10 -5.83
CA ASP A 57 13.40 1.25 -6.55
C ASP A 57 14.31 2.06 -5.63
N ALA A 58 13.78 2.38 -4.47
CA ALA A 58 14.52 3.15 -3.49
C ALA A 58 13.56 3.72 -2.45
N ALA A 59 12.34 3.97 -2.89
CA ALA A 59 11.32 4.51 -2.00
C ALA A 59 10.50 3.36 -1.41
N LEU A 60 10.50 2.25 -2.12
CA LEU A 60 9.77 1.07 -1.67
C LEU A 60 10.48 0.46 -0.47
N GLN A 61 11.77 0.76 -0.38
CA GLN A 61 12.58 0.24 0.72
C GLN A 61 12.09 0.82 2.05
N LYS A 62 12.22 2.13 2.18
CA LYS A 62 11.81 2.81 3.39
C LYS A 62 10.49 2.19 3.89
N VAL A 63 9.71 1.71 2.94
CA VAL A 63 8.43 1.10 3.27
C VAL A 63 8.68 -0.30 3.85
N PHE A 64 9.20 -1.17 2.99
CA PHE A 64 9.49 -2.54 3.39
C PHE A 64 10.91 -2.65 3.97
N GLY A 65 11.88 -2.40 3.10
CA GLY A 65 13.27 -2.47 3.50
C GLY A 65 13.99 -3.64 2.81
N GLU A 66 13.20 -4.41 2.07
CA GLU A 66 13.75 -5.55 1.35
C GLU A 66 13.97 -5.19 -0.11
N GLU A 67 15.04 -5.75 -0.67
CA GLU A 67 15.38 -5.50 -2.07
C GLU A 67 14.17 -5.75 -2.96
N LYS A 68 13.50 -6.86 -2.70
CA LYS A 68 12.32 -7.23 -3.47
C LYS A 68 11.24 -7.76 -2.52
N LEU A 69 10.02 -7.79 -3.04
CA LEU A 69 8.89 -8.27 -2.26
C LEU A 69 7.87 -8.92 -3.19
N LYS A 70 6.91 -9.61 -2.58
CA LYS A 70 5.87 -10.28 -3.34
C LYS A 70 4.72 -9.30 -3.60
N PHE A 71 4.03 -9.53 -4.69
CA PHE A 71 2.91 -8.69 -5.07
C PHE A 71 1.70 -8.94 -4.15
N THR A 72 1.72 -10.10 -3.51
CA THR A 72 0.64 -10.47 -2.62
C THR A 72 0.98 -10.07 -1.18
N MET A 73 2.21 -10.37 -0.79
CA MET A 73 2.68 -10.06 0.55
C MET A 73 2.44 -8.59 0.88
N VAL A 74 2.58 -7.75 -0.14
CA VAL A 74 2.38 -6.32 0.02
C VAL A 74 1.19 -6.08 0.94
N SER A 75 0.06 -6.65 0.54
CA SER A 75 -1.17 -6.51 1.31
C SER A 75 -0.85 -6.53 2.81
N GLN A 76 0.06 -7.43 3.17
CA GLN A 76 0.46 -7.57 4.57
C GLN A 76 1.38 -6.42 4.97
N LYS A 77 2.50 -6.34 4.26
CA LYS A 77 3.48 -5.30 4.54
C LYS A 77 2.76 -3.95 4.67
N ILE A 78 2.11 -3.56 3.59
CA ILE A 78 1.38 -2.30 3.56
C ILE A 78 0.52 -2.20 4.83
N SER A 79 -0.05 -3.33 5.21
CA SER A 79 -0.90 -3.37 6.39
C SER A 79 -0.20 -2.66 7.56
N HIS A 80 1.07 -2.99 7.75
CA HIS A 80 1.84 -2.40 8.82
C HIS A 80 1.86 -0.88 8.65
N HIS A 81 1.75 -0.45 7.40
CA HIS A 81 1.75 0.97 7.10
C HIS A 81 0.32 1.52 7.20
N LEU A 82 -0.63 0.70 6.77
CA LEU A 82 -2.02 1.08 6.80
C LEU A 82 -2.39 1.52 8.21
N SER A 83 -2.82 2.77 8.33
CA SER A 83 -3.21 3.32 9.62
C SER A 83 -4.53 4.06 9.49
N PRO A 84 -5.21 4.25 10.66
CA PRO A 84 -6.49 4.94 10.69
C PRO A 84 -6.29 6.44 10.52
N PRO A 85 -6.98 7.00 9.48
CA PRO A 85 -6.90 8.41 9.20
C PRO A 85 -7.71 9.23 10.20
N PRO A 86 -7.59 10.57 10.11
CA PRO A 86 -8.30 11.47 11.00
C PRO A 86 -9.78 11.56 10.62
N PRO A 87 -10.64 11.02 11.54
CA PRO A 87 -12.07 11.03 11.31
C PRO A 87 -12.65 12.44 11.52
N SER A 88 -13.78 12.67 10.88
CA SER A 88 -14.45 13.97 10.99
C SER A 88 -15.73 13.83 11.81
N GLY A 89 -16.60 12.94 11.33
CA GLY A 89 -17.87 12.72 12.00
C GLY A 89 -18.85 13.85 11.74
N PRO A 90 -20.12 13.63 12.17
CA PRO A 90 -21.16 14.62 11.99
C PRO A 90 -21.00 15.78 12.98
N SER A 91 -20.93 15.41 14.25
CA SER A 91 -20.78 16.40 15.30
C SER A 91 -19.32 16.87 15.36
N SER A 92 -19.00 17.81 14.49
CA SER A 92 -17.65 18.36 14.44
C SER A 92 -17.71 19.88 14.39
N GLY A 93 -16.76 20.50 15.08
CA GLY A 93 -16.69 21.95 15.13
C GLY A 93 -15.43 22.46 14.43
N GLY A 1 -12.96 -11.49 1.68
CA GLY A 1 -14.32 -11.71 1.24
C GLY A 1 -14.97 -10.40 0.79
N SER A 2 -16.06 -10.53 0.05
CA SER A 2 -16.78 -9.38 -0.44
C SER A 2 -17.92 -9.02 0.52
N SER A 3 -18.20 -7.72 0.59
CA SER A 3 -19.26 -7.24 1.47
C SER A 3 -19.81 -5.91 0.93
N GLY A 4 -20.99 -5.56 1.41
CA GLY A 4 -21.63 -4.33 1.00
C GLY A 4 -21.18 -3.16 1.87
N SER A 5 -21.30 -1.96 1.31
CA SER A 5 -20.91 -0.75 2.03
C SER A 5 -21.12 0.47 1.14
N SER A 6 -22.18 1.20 1.44
CA SER A 6 -22.50 2.39 0.69
C SER A 6 -21.26 3.28 0.54
N GLY A 7 -20.74 3.70 1.67
CA GLY A 7 -19.55 4.55 1.68
C GLY A 7 -18.32 3.76 1.24
N VAL A 8 -17.24 4.50 0.99
CA VAL A 8 -16.00 3.88 0.57
C VAL A 8 -15.58 2.82 1.60
N PRO A 9 -14.77 1.84 1.11
CA PRO A 9 -14.30 0.77 1.97
C PRO A 9 -13.19 1.27 2.90
N GLU A 10 -13.16 0.69 4.10
CA GLU A 10 -12.15 1.06 5.08
C GLU A 10 -10.81 1.32 4.39
N LYS A 11 -10.36 2.55 4.51
CA LYS A 11 -9.08 2.95 3.91
C LYS A 11 -8.04 3.12 5.01
N PHE A 12 -6.87 3.61 4.60
CA PHE A 12 -5.79 3.82 5.55
C PHE A 12 -4.87 4.95 5.06
N LYS A 13 -4.34 5.69 6.03
CA LYS A 13 -3.45 6.79 5.72
C LYS A 13 -2.08 6.24 5.31
N LEU A 14 -1.41 6.98 4.44
CA LEU A 14 -0.10 6.58 3.96
C LEU A 14 0.97 7.29 4.78
N SER A 15 2.06 6.57 5.03
CA SER A 15 3.17 7.13 5.79
C SER A 15 3.95 8.11 4.93
N THR A 16 4.87 8.82 5.58
CA THR A 16 5.69 9.80 4.89
C THR A 16 6.49 9.12 3.77
N ALA A 17 6.74 7.84 3.96
CA ALA A 17 7.49 7.07 2.99
C ALA A 17 6.52 6.52 1.92
N LEU A 18 5.43 5.96 2.41
CA LEU A 18 4.42 5.40 1.52
C LEU A 18 3.76 6.52 0.72
N MET A 19 3.85 7.72 1.29
CA MET A 19 3.25 8.89 0.65
C MET A 19 4.13 9.38 -0.50
N ASP A 20 5.32 8.79 -0.59
CA ASP A 20 6.26 9.17 -1.64
C ASP A 20 6.47 7.98 -2.57
N VAL A 21 5.82 6.87 -2.23
CA VAL A 21 5.93 5.66 -3.02
C VAL A 21 4.79 5.63 -4.04
N LEU A 22 3.70 6.31 -3.71
CA LEU A 22 2.55 6.36 -4.58
C LEU A 22 2.17 7.83 -4.83
N GLY A 23 1.94 8.55 -3.75
CA GLY A 23 1.57 9.95 -3.84
C GLY A 23 0.19 10.20 -3.23
N ILE A 24 -0.31 9.17 -2.55
CA ILE A 24 -1.62 9.26 -1.92
C ILE A 24 -1.44 9.45 -0.41
N GLU A 25 -2.44 10.06 0.20
CA GLU A 25 -2.41 10.30 1.63
C GLU A 25 -3.26 9.27 2.37
N VAL A 26 -4.21 8.72 1.64
CA VAL A 26 -5.10 7.71 2.21
C VAL A 26 -5.88 7.03 1.09
N GLU A 27 -5.73 5.71 1.02
CA GLU A 27 -6.41 4.93 0.00
C GLU A 27 -6.91 3.61 0.59
N THR A 28 -7.85 2.99 -0.11
CA THR A 28 -8.41 1.73 0.32
C THR A 28 -7.29 0.69 0.52
N ARG A 29 -7.71 -0.56 0.60
CA ARG A 29 -6.77 -1.65 0.79
C ARG A 29 -6.18 -2.08 -0.56
N PRO A 30 -7.10 -2.20 -1.56
CA PRO A 30 -6.69 -2.61 -2.91
C PRO A 30 -5.97 -1.46 -3.63
N ARG A 31 -6.62 -0.30 -3.62
CA ARG A 31 -6.06 0.87 -4.27
C ARG A 31 -4.57 0.99 -3.98
N ILE A 32 -4.24 0.91 -2.70
CA ILE A 32 -2.86 1.01 -2.28
C ILE A 32 -2.05 -0.14 -2.91
N ILE A 33 -2.39 -1.35 -2.48
CA ILE A 33 -1.72 -2.53 -3.00
C ILE A 33 -1.51 -2.38 -4.50
N ALA A 34 -2.57 -2.01 -5.18
CA ALA A 34 -2.52 -1.83 -6.62
C ALA A 34 -1.58 -0.67 -6.95
N ALA A 35 -1.78 0.43 -6.24
CA ALA A 35 -0.95 1.62 -6.45
C ALA A 35 0.52 1.20 -6.50
N ILE A 36 0.82 0.11 -5.81
CA ILE A 36 2.19 -0.39 -5.77
C ILE A 36 2.42 -1.31 -6.97
N TRP A 37 1.38 -2.06 -7.31
CA TRP A 37 1.45 -2.97 -8.45
C TRP A 37 1.72 -2.14 -9.70
N HIS A 38 0.91 -1.11 -9.88
CA HIS A 38 1.05 -0.24 -11.03
C HIS A 38 2.40 0.46 -11.00
N TYR A 39 2.64 1.16 -9.90
CA TYR A 39 3.90 1.88 -9.73
C TYR A 39 5.09 0.98 -10.08
N VAL A 40 5.17 -0.14 -9.38
CA VAL A 40 6.25 -1.09 -9.60
C VAL A 40 6.44 -1.30 -11.11
N LYS A 41 5.40 -1.85 -11.74
CA LYS A 41 5.45 -2.11 -13.16
C LYS A 41 5.85 -0.82 -13.90
N ALA A 42 5.11 0.24 -13.61
CA ALA A 42 5.38 1.52 -14.23
C ALA A 42 6.85 1.88 -14.04
N ARG A 43 7.41 1.37 -12.95
CA ARG A 43 8.81 1.63 -12.63
C ARG A 43 9.67 0.41 -13.00
N LYS A 44 9.13 -0.40 -13.91
CA LYS A 44 9.83 -1.60 -14.35
C LYS A 44 10.47 -2.28 -13.14
N LEU A 45 9.79 -2.19 -12.01
CA LEU A 45 10.29 -2.79 -10.79
C LEU A 45 9.94 -4.27 -10.78
N GLN A 46 9.01 -4.65 -11.66
CA GLN A 46 8.58 -6.02 -11.76
C GLN A 46 9.80 -6.94 -11.92
N ASN A 47 9.64 -8.17 -11.42
CA ASN A 47 10.71 -9.14 -11.51
C ASN A 47 10.41 -10.14 -12.63
N PRO A 48 11.41 -10.30 -13.54
CA PRO A 48 11.25 -11.21 -14.66
C PRO A 48 11.38 -12.66 -14.21
N ASN A 49 12.21 -12.87 -13.20
CA ASN A 49 12.44 -14.20 -12.66
C ASN A 49 11.17 -14.66 -11.93
N ASP A 50 10.79 -13.90 -10.93
CA ASP A 50 9.61 -14.21 -10.15
C ASP A 50 8.52 -13.17 -10.42
N PRO A 51 7.41 -13.65 -11.04
CA PRO A 51 6.30 -12.77 -11.36
C PRO A 51 5.50 -12.42 -10.10
N SER A 52 5.70 -13.22 -9.06
CA SER A 52 5.01 -13.01 -7.80
C SER A 52 5.78 -12.01 -6.94
N PHE A 53 7.00 -11.74 -7.36
CA PHE A 53 7.86 -10.80 -6.65
C PHE A 53 8.09 -9.53 -7.47
N PHE A 54 8.80 -8.60 -6.86
CA PHE A 54 9.11 -7.34 -7.54
C PHE A 54 10.30 -6.63 -6.85
N ASN A 55 10.98 -5.82 -7.64
CA ASN A 55 12.14 -5.09 -7.14
C ASN A 55 11.65 -3.91 -6.30
N CYS A 56 12.32 -3.70 -5.18
CA CYS A 56 11.97 -2.62 -4.28
C CYS A 56 12.95 -1.47 -4.51
N ASP A 57 12.41 -0.35 -4.95
CA ASP A 57 13.23 0.82 -5.22
C ASP A 57 13.70 1.42 -3.89
N ALA A 58 14.37 2.56 -3.99
CA ALA A 58 14.89 3.23 -2.82
C ALA A 58 13.72 3.62 -1.90
N ALA A 59 12.58 3.88 -2.53
CA ALA A 59 11.39 4.26 -1.79
C ALA A 59 10.74 3.01 -1.19
N LEU A 60 10.37 2.10 -2.08
CA LEU A 60 9.75 0.85 -1.66
C LEU A 60 10.55 0.25 -0.52
N GLN A 61 11.83 0.60 -0.47
CA GLN A 61 12.72 0.09 0.56
C GLN A 61 12.32 0.66 1.92
N LYS A 62 12.49 1.96 2.07
CA LYS A 62 12.15 2.63 3.31
C LYS A 62 10.84 2.05 3.85
N VAL A 63 10.01 1.59 2.94
CA VAL A 63 8.73 1.01 3.32
C VAL A 63 8.95 -0.39 3.88
N PHE A 64 9.36 -1.29 3.00
CA PHE A 64 9.63 -2.66 3.39
C PHE A 64 11.01 -2.80 4.03
N GLY A 65 12.03 -2.55 3.23
CA GLY A 65 13.40 -2.64 3.72
C GLY A 65 14.11 -3.83 3.10
N GLU A 66 13.45 -4.45 2.12
CA GLU A 66 14.02 -5.61 1.45
C GLU A 66 14.25 -5.29 -0.02
N GLU A 67 15.12 -6.09 -0.63
CA GLU A 67 15.44 -5.90 -2.04
C GLU A 67 14.20 -6.12 -2.90
N LYS A 68 13.51 -7.22 -2.64
CA LYS A 68 12.31 -7.54 -3.38
C LYS A 68 11.24 -8.08 -2.41
N LEU A 69 10.01 -8.09 -2.89
CA LEU A 69 8.90 -8.57 -2.07
C LEU A 69 7.87 -9.23 -2.98
N LYS A 70 6.97 -9.97 -2.36
CA LYS A 70 5.91 -10.66 -3.09
C LYS A 70 4.74 -9.71 -3.31
N PHE A 71 4.27 -9.70 -4.55
CA PHE A 71 3.15 -8.83 -4.92
C PHE A 71 1.95 -9.08 -4.01
N THR A 72 1.95 -10.25 -3.39
CA THR A 72 0.87 -10.62 -2.49
C THR A 72 1.18 -10.18 -1.06
N MET A 73 2.40 -10.48 -0.63
CA MET A 73 2.84 -10.12 0.71
C MET A 73 2.71 -8.62 0.94
N VAL A 74 2.71 -7.88 -0.15
CA VAL A 74 2.58 -6.44 -0.08
C VAL A 74 1.57 -6.06 1.00
N SER A 75 0.36 -6.58 0.84
CA SER A 75 -0.70 -6.32 1.79
C SER A 75 -0.20 -6.54 3.21
N GLN A 76 0.33 -7.73 3.44
CA GLN A 76 0.86 -8.08 4.75
C GLN A 76 1.93 -7.07 5.18
N LYS A 77 2.46 -6.36 4.19
CA LYS A 77 3.49 -5.36 4.46
C LYS A 77 2.84 -3.99 4.60
N ILE A 78 2.38 -3.45 3.48
CA ILE A 78 1.74 -2.15 3.46
C ILE A 78 0.87 -2.01 4.71
N SER A 79 0.17 -3.10 5.03
CA SER A 79 -0.71 -3.10 6.19
C SER A 79 0.00 -2.47 7.38
N HIS A 80 1.23 -2.90 7.60
CA HIS A 80 2.02 -2.39 8.70
C HIS A 80 2.04 -0.86 8.66
N HIS A 81 1.99 -0.33 7.44
CA HIS A 81 2.00 1.10 7.25
C HIS A 81 0.57 1.64 7.30
N LEU A 82 -0.34 0.84 6.75
CA LEU A 82 -1.75 1.22 6.73
C LEU A 82 -2.17 1.68 8.13
N SER A 83 -2.61 2.94 8.18
CA SER A 83 -3.04 3.51 9.44
C SER A 83 -4.40 4.19 9.27
N PRO A 84 -5.06 4.46 10.42
CA PRO A 84 -6.37 5.11 10.40
C PRO A 84 -6.23 6.60 10.09
N PRO A 85 -6.97 7.03 9.03
CA PRO A 85 -6.94 8.42 8.62
C PRO A 85 -7.75 9.29 9.57
N PRO A 86 -7.67 10.63 9.35
CA PRO A 86 -8.39 11.57 10.19
C PRO A 86 -9.88 11.59 9.84
N PRO A 87 -10.70 11.12 10.83
CA PRO A 87 -12.13 11.07 10.64
C PRO A 87 -12.75 12.47 10.74
N SER A 88 -14.08 12.50 10.70
CA SER A 88 -14.79 13.76 10.79
C SER A 88 -14.29 14.73 9.72
N GLY A 89 -15.09 14.88 8.68
CA GLY A 89 -14.74 15.77 7.59
C GLY A 89 -14.75 17.23 8.03
N PRO A 90 -15.18 18.12 7.11
CA PRO A 90 -15.25 19.55 7.40
C PRO A 90 -16.45 19.86 8.30
N SER A 91 -16.21 20.74 9.26
CA SER A 91 -17.25 21.14 10.18
C SER A 91 -18.55 21.41 9.43
N SER A 92 -19.54 20.57 9.69
CA SER A 92 -20.83 20.71 9.04
C SER A 92 -21.50 22.01 9.49
N GLY A 93 -21.76 22.09 10.79
CA GLY A 93 -22.40 23.27 11.35
C GLY A 93 -23.86 22.98 11.73
N GLY A 1 -20.07 -1.22 18.95
CA GLY A 1 -21.48 -0.89 18.80
C GLY A 1 -22.22 -1.98 18.02
N SER A 2 -22.48 -1.69 16.75
CA SER A 2 -23.18 -2.64 15.90
C SER A 2 -22.18 -3.35 14.98
N SER A 3 -21.80 -4.55 15.40
CA SER A 3 -20.86 -5.33 14.63
C SER A 3 -21.61 -6.28 13.68
N GLY A 4 -21.97 -5.75 12.53
CA GLY A 4 -22.70 -6.52 11.54
C GLY A 4 -23.13 -5.64 10.36
N SER A 5 -22.23 -5.52 9.40
CA SER A 5 -22.52 -4.72 8.22
C SER A 5 -21.38 -4.86 7.21
N SER A 6 -21.72 -4.60 5.95
CA SER A 6 -20.74 -4.71 4.88
C SER A 6 -21.19 -3.88 3.68
N GLY A 7 -20.86 -2.60 3.71
CA GLY A 7 -21.23 -1.70 2.63
C GLY A 7 -19.99 -1.09 1.98
N VAL A 8 -19.25 -0.32 2.77
CA VAL A 8 -18.05 0.32 2.29
C VAL A 8 -16.86 -0.09 3.16
N PRO A 9 -15.68 -0.24 2.50
CA PRO A 9 -14.47 -0.62 3.21
C PRO A 9 -13.92 0.54 4.02
N GLU A 10 -12.82 0.26 4.73
CA GLU A 10 -12.18 1.29 5.55
C GLU A 10 -10.84 1.68 4.93
N LYS A 11 -10.73 2.96 4.63
CA LYS A 11 -9.50 3.49 4.04
C LYS A 11 -8.41 3.53 5.12
N PHE A 12 -7.18 3.66 4.65
CA PHE A 12 -6.03 3.71 5.55
C PHE A 12 -5.03 4.77 5.11
N LYS A 13 -4.60 5.57 6.06
CA LYS A 13 -3.64 6.63 5.78
C LYS A 13 -2.35 6.00 5.24
N LEU A 14 -1.48 6.87 4.74
CA LEU A 14 -0.21 6.42 4.19
C LEU A 14 0.93 7.02 5.01
N SER A 15 2.09 6.37 4.92
CA SER A 15 3.26 6.82 5.64
C SER A 15 3.99 7.90 4.83
N THR A 16 4.94 8.55 5.49
CA THR A 16 5.72 9.60 4.84
C THR A 16 6.45 9.04 3.62
N ALA A 17 6.87 7.79 3.74
CA ALA A 17 7.57 7.13 2.65
C ALA A 17 6.57 6.60 1.63
N LEU A 18 5.53 5.95 2.16
CA LEU A 18 4.49 5.39 1.32
C LEU A 18 3.78 6.53 0.56
N MET A 19 3.81 7.70 1.17
CA MET A 19 3.18 8.87 0.57
C MET A 19 4.01 9.40 -0.60
N ASP A 20 5.32 9.24 -0.47
CA ASP A 20 6.24 9.69 -1.51
C ASP A 20 6.44 8.57 -2.53
N VAL A 21 5.78 7.46 -2.28
CA VAL A 21 5.88 6.31 -3.17
C VAL A 21 4.76 6.36 -4.20
N LEU A 22 3.54 6.55 -3.70
CA LEU A 22 2.39 6.63 -4.57
C LEU A 22 1.96 8.10 -4.74
N GLY A 23 1.72 8.74 -3.60
CA GLY A 23 1.31 10.13 -3.61
C GLY A 23 -0.10 10.29 -3.03
N ILE A 24 -0.42 9.44 -2.07
CA ILE A 24 -1.73 9.48 -1.44
C ILE A 24 -1.55 9.65 0.08
N GLU A 25 -2.60 10.16 0.70
CA GLU A 25 -2.58 10.38 2.14
C GLU A 25 -3.49 9.36 2.84
N VAL A 26 -4.47 8.89 2.09
CA VAL A 26 -5.41 7.92 2.62
C VAL A 26 -6.15 7.24 1.47
N GLU A 27 -5.85 5.96 1.31
CA GLU A 27 -6.48 5.18 0.25
C GLU A 27 -6.95 3.83 0.78
N THR A 28 -7.82 3.19 0.02
CA THR A 28 -8.36 1.90 0.41
C THR A 28 -7.23 0.89 0.62
N ARG A 29 -7.62 -0.37 0.76
CA ARG A 29 -6.66 -1.43 0.97
C ARG A 29 -6.09 -1.90 -0.37
N PRO A 30 -7.02 -2.06 -1.35
CA PRO A 30 -6.63 -2.51 -2.68
C PRO A 30 -5.94 -1.38 -3.46
N ARG A 31 -6.65 -0.28 -3.58
CA ARG A 31 -6.12 0.87 -4.29
C ARG A 31 -4.62 1.01 -4.05
N ILE A 32 -4.24 0.85 -2.79
CA ILE A 32 -2.84 0.95 -2.41
C ILE A 32 -2.07 -0.22 -3.01
N ILE A 33 -2.42 -1.42 -2.55
CA ILE A 33 -1.77 -2.62 -3.04
C ILE A 33 -1.57 -2.52 -4.55
N ALA A 34 -2.61 -2.04 -5.22
CA ALA A 34 -2.55 -1.89 -6.67
C ALA A 34 -1.57 -0.77 -7.02
N ALA A 35 -1.74 0.35 -6.34
CA ALA A 35 -0.87 1.51 -6.57
C ALA A 35 0.58 1.03 -6.61
N ILE A 36 0.86 -0.01 -5.86
CA ILE A 36 2.20 -0.57 -5.79
C ILE A 36 2.42 -1.49 -6.99
N TRP A 37 1.37 -2.21 -7.33
CA TRP A 37 1.43 -3.15 -8.46
C TRP A 37 1.76 -2.35 -9.71
N HIS A 38 1.12 -1.20 -9.83
CA HIS A 38 1.33 -0.33 -10.98
C HIS A 38 2.72 0.33 -10.87
N TYR A 39 2.87 1.11 -9.81
CA TYR A 39 4.13 1.81 -9.58
C TYR A 39 5.32 0.90 -9.90
N VAL A 40 5.26 -0.32 -9.37
CA VAL A 40 6.33 -1.28 -9.59
C VAL A 40 6.54 -1.46 -11.10
N LYS A 41 5.52 -1.97 -11.75
CA LYS A 41 5.58 -2.20 -13.19
C LYS A 41 6.01 -0.90 -13.88
N ALA A 42 5.36 0.19 -13.49
CA ALA A 42 5.67 1.48 -14.06
C ALA A 42 7.17 1.78 -13.89
N ARG A 43 7.68 1.37 -12.74
CA ARG A 43 9.08 1.59 -12.43
C ARG A 43 9.93 0.40 -12.92
N LYS A 44 9.27 -0.45 -13.70
CA LYS A 44 9.94 -1.62 -14.25
C LYS A 44 10.66 -2.37 -13.12
N LEU A 45 10.07 -2.29 -11.93
CA LEU A 45 10.63 -2.94 -10.77
C LEU A 45 10.27 -4.43 -10.81
N GLN A 46 9.13 -4.72 -11.42
CA GLN A 46 8.67 -6.09 -11.54
C GLN A 46 9.84 -7.03 -11.82
N ASN A 47 9.78 -8.21 -11.24
CA ASN A 47 10.83 -9.20 -11.43
C ASN A 47 10.41 -10.18 -12.53
N PRO A 48 11.38 -10.47 -13.43
CA PRO A 48 11.13 -11.37 -14.54
C PRO A 48 11.09 -12.83 -14.06
N ASN A 49 12.09 -13.18 -13.27
CA ASN A 49 12.19 -14.52 -12.73
C ASN A 49 10.85 -14.92 -12.11
N ASP A 50 10.44 -14.15 -11.11
CA ASP A 50 9.18 -14.41 -10.44
C ASP A 50 8.24 -13.22 -10.64
N PRO A 51 7.09 -13.52 -11.30
CA PRO A 51 6.09 -12.49 -11.56
C PRO A 51 5.34 -12.12 -10.29
N SER A 52 5.44 -12.98 -9.30
CA SER A 52 4.76 -12.76 -8.04
C SER A 52 5.56 -11.79 -7.17
N PHE A 53 6.81 -11.59 -7.57
CA PHE A 53 7.70 -10.69 -6.86
C PHE A 53 8.03 -9.46 -7.69
N PHE A 54 8.79 -8.56 -7.09
CA PHE A 54 9.19 -7.34 -7.76
C PHE A 54 10.42 -6.71 -7.10
N ASN A 55 11.20 -6.00 -7.91
CA ASN A 55 12.39 -5.36 -7.41
C ASN A 55 12.00 -4.20 -6.49
N CYS A 56 12.88 -3.90 -5.56
CA CYS A 56 12.64 -2.83 -4.61
C CYS A 56 13.27 -1.54 -5.17
N ASP A 57 13.04 -0.45 -4.45
CA ASP A 57 13.58 0.84 -4.86
C ASP A 57 14.00 1.63 -3.62
N ALA A 58 14.45 2.85 -3.87
CA ALA A 58 14.89 3.71 -2.79
C ALA A 58 13.66 4.31 -2.08
N ALA A 59 12.50 3.94 -2.58
CA ALA A 59 11.25 4.43 -2.01
C ALA A 59 10.50 3.25 -1.38
N LEU A 60 10.58 2.11 -2.03
CA LEU A 60 9.91 0.92 -1.55
C LEU A 60 10.67 0.37 -0.33
N GLN A 61 11.99 0.49 -0.40
CA GLN A 61 12.84 0.01 0.68
C GLN A 61 12.50 0.73 1.98
N LYS A 62 12.52 2.06 1.91
CA LYS A 62 12.21 2.87 3.07
C LYS A 62 10.95 2.33 3.75
N VAL A 63 10.12 1.67 2.95
CA VAL A 63 8.88 1.10 3.46
C VAL A 63 9.14 -0.32 3.95
N PHE A 64 9.38 -1.21 3.00
CA PHE A 64 9.64 -2.60 3.33
C PHE A 64 11.03 -2.77 3.94
N GLY A 65 12.04 -2.50 3.12
CA GLY A 65 13.41 -2.62 3.55
C GLY A 65 14.06 -3.90 3.03
N GLU A 66 13.40 -4.48 2.02
CA GLU A 66 13.90 -5.70 1.41
C GLU A 66 14.27 -5.47 -0.05
N GLU A 67 15.04 -6.39 -0.60
CA GLU A 67 15.47 -6.30 -1.97
C GLU A 67 14.27 -6.45 -2.91
N LYS A 68 13.39 -7.39 -2.56
CA LYS A 68 12.21 -7.64 -3.36
C LYS A 68 11.09 -8.14 -2.44
N LEU A 69 9.87 -8.03 -2.94
CA LEU A 69 8.70 -8.46 -2.19
C LEU A 69 7.67 -9.05 -3.15
N LYS A 70 6.71 -9.75 -2.57
CA LYS A 70 5.65 -10.37 -3.35
C LYS A 70 4.54 -9.35 -3.60
N PHE A 71 3.85 -9.54 -4.72
CA PHE A 71 2.75 -8.64 -5.08
C PHE A 71 1.54 -8.86 -4.17
N THR A 72 1.54 -10.00 -3.50
CA THR A 72 0.46 -10.36 -2.61
C THR A 72 0.81 -9.99 -1.17
N MET A 73 2.09 -10.20 -0.84
CA MET A 73 2.57 -9.90 0.50
C MET A 73 2.49 -8.39 0.79
N VAL A 74 2.47 -7.62 -0.29
CA VAL A 74 2.40 -6.17 -0.17
C VAL A 74 1.38 -5.80 0.91
N SER A 75 0.28 -6.54 0.91
CA SER A 75 -0.78 -6.31 1.89
C SER A 75 -0.29 -6.69 3.29
N GLN A 76 0.41 -7.82 3.35
CA GLN A 76 0.93 -8.30 4.62
C GLN A 76 2.04 -7.37 5.13
N LYS A 77 2.41 -6.41 4.28
CA LYS A 77 3.44 -5.46 4.63
C LYS A 77 2.83 -4.07 4.76
N ILE A 78 2.43 -3.52 3.62
CA ILE A 78 1.82 -2.20 3.59
C ILE A 78 0.89 -2.05 4.78
N SER A 79 0.25 -3.15 5.13
CA SER A 79 -0.68 -3.16 6.26
C SER A 79 -0.07 -2.42 7.45
N HIS A 80 1.11 -2.86 7.83
CA HIS A 80 1.82 -2.25 8.96
C HIS A 80 1.79 -0.74 8.81
N HIS A 81 1.76 -0.29 7.56
CA HIS A 81 1.73 1.14 7.27
C HIS A 81 0.28 1.63 7.29
N LEU A 82 -0.61 0.77 6.82
CA LEU A 82 -2.02 1.11 6.78
C LEU A 82 -2.48 1.55 8.18
N SER A 83 -2.76 2.83 8.29
CA SER A 83 -3.21 3.40 9.56
C SER A 83 -4.66 3.88 9.43
N PRO A 84 -5.30 4.05 10.62
CA PRO A 84 -6.68 4.52 10.65
C PRO A 84 -6.77 6.01 10.34
N PRO A 85 -7.57 6.33 9.28
CA PRO A 85 -7.74 7.70 8.87
C PRO A 85 -8.67 8.45 9.83
N PRO A 86 -8.78 9.78 9.60
CA PRO A 86 -9.62 10.62 10.44
C PRO A 86 -11.11 10.41 10.12
N PRO A 87 -11.83 9.83 11.12
CA PRO A 87 -13.25 9.57 10.96
C PRO A 87 -14.06 10.85 11.06
N SER A 88 -15.37 10.71 10.86
CA SER A 88 -16.26 11.85 10.92
C SER A 88 -17.44 11.54 11.85
N GLY A 89 -17.73 12.49 12.73
CA GLY A 89 -18.83 12.32 13.68
C GLY A 89 -18.29 11.95 15.06
N PRO A 90 -18.47 12.90 16.02
CA PRO A 90 -18.03 12.68 17.39
C PRO A 90 -18.96 11.72 18.12
N SER A 91 -18.87 10.45 17.73
CA SER A 91 -19.69 9.43 18.35
C SER A 91 -19.01 8.05 18.23
N SER A 92 -18.96 7.36 19.35
CA SER A 92 -18.33 6.05 19.38
C SER A 92 -19.13 5.06 18.53
N GLY A 93 -18.43 4.41 17.61
CA GLY A 93 -19.07 3.45 16.73
C GLY A 93 -20.32 4.05 16.07
N GLY A 1 -26.74 -17.02 -7.43
CA GLY A 1 -25.99 -16.98 -6.19
C GLY A 1 -24.50 -16.74 -6.47
N SER A 2 -24.05 -15.55 -6.09
CA SER A 2 -22.65 -15.19 -6.29
C SER A 2 -22.21 -14.18 -5.21
N SER A 3 -22.92 -13.06 -5.17
CA SER A 3 -22.62 -12.02 -4.22
C SER A 3 -23.59 -12.10 -3.03
N GLY A 4 -23.20 -11.46 -1.94
CA GLY A 4 -24.02 -11.45 -0.75
C GLY A 4 -23.79 -10.18 0.07
N SER A 5 -24.30 -10.19 1.30
CA SER A 5 -24.16 -9.06 2.19
C SER A 5 -22.80 -9.12 2.90
N SER A 6 -21.78 -8.68 2.18
CA SER A 6 -20.43 -8.67 2.72
C SER A 6 -20.20 -7.39 3.54
N GLY A 7 -20.29 -6.27 2.85
CA GLY A 7 -20.09 -4.99 3.49
C GLY A 7 -19.33 -4.02 2.58
N VAL A 8 -18.74 -3.02 3.19
CA VAL A 8 -17.97 -2.03 2.45
C VAL A 8 -16.59 -1.89 3.08
N PRO A 9 -15.56 -1.73 2.19
CA PRO A 9 -14.19 -1.58 2.65
C PRO A 9 -13.96 -0.19 3.22
N GLU A 10 -12.84 -0.05 3.92
CA GLU A 10 -12.48 1.22 4.53
C GLU A 10 -11.22 1.79 3.87
N LYS A 11 -10.75 2.90 4.43
CA LYS A 11 -9.57 3.55 3.90
C LYS A 11 -8.54 3.72 5.03
N PHE A 12 -7.29 3.91 4.63
CA PHE A 12 -6.21 4.09 5.58
C PHE A 12 -5.20 5.13 5.09
N LYS A 13 -4.56 5.79 6.04
CA LYS A 13 -3.58 6.81 5.71
C LYS A 13 -2.29 6.13 5.25
N LEU A 14 -1.55 6.84 4.42
CA LEU A 14 -0.29 6.32 3.90
C LEU A 14 0.87 6.89 4.71
N SER A 15 1.98 6.18 4.67
CA SER A 15 3.17 6.61 5.39
C SER A 15 3.88 7.72 4.61
N THR A 16 4.87 8.31 5.26
CA THR A 16 5.64 9.39 4.65
C THR A 16 6.42 8.85 3.45
N ALA A 17 6.98 7.66 3.62
CA ALA A 17 7.75 7.04 2.56
C ALA A 17 6.81 6.43 1.53
N LEU A 18 5.80 5.73 2.02
CA LEU A 18 4.82 5.11 1.16
C LEU A 18 4.16 6.17 0.28
N MET A 19 3.92 7.33 0.88
CA MET A 19 3.30 8.42 0.16
C MET A 19 4.17 8.86 -1.01
N ASP A 20 5.47 8.95 -0.76
CA ASP A 20 6.41 9.36 -1.80
C ASP A 20 6.70 8.16 -2.72
N VAL A 21 6.39 6.98 -2.20
CA VAL A 21 6.61 5.76 -2.97
C VAL A 21 5.63 5.71 -4.13
N LEU A 22 4.41 6.14 -3.86
CA LEU A 22 3.37 6.16 -4.87
C LEU A 22 2.99 7.60 -5.20
N GLY A 23 2.52 8.29 -4.17
CA GLY A 23 2.11 9.69 -4.32
C GLY A 23 0.64 9.87 -3.97
N ILE A 24 0.19 9.08 -3.01
CA ILE A 24 -1.20 9.14 -2.57
C ILE A 24 -1.24 9.66 -1.13
N GLU A 25 -2.42 9.55 -0.53
CA GLU A 25 -2.62 9.99 0.84
C GLU A 25 -3.54 9.04 1.58
N VAL A 26 -4.62 8.66 0.90
CA VAL A 26 -5.59 7.76 1.48
C VAL A 26 -6.19 6.87 0.38
N GLU A 27 -5.83 5.60 0.43
CA GLU A 27 -6.32 4.64 -0.55
C GLU A 27 -6.85 3.39 0.16
N THR A 28 -7.81 2.75 -0.51
CA THR A 28 -8.40 1.54 0.04
C THR A 28 -7.35 0.43 0.16
N ARG A 29 -7.65 -0.51 1.04
CA ARG A 29 -6.74 -1.62 1.25
C ARG A 29 -6.29 -2.22 -0.08
N PRO A 30 -7.28 -2.46 -0.96
CA PRO A 30 -6.99 -3.02 -2.28
C PRO A 30 -6.37 -1.96 -3.20
N ARG A 31 -6.78 -0.72 -2.98
CA ARG A 31 -6.28 0.39 -3.78
C ARG A 31 -4.78 0.58 -3.53
N ILE A 32 -4.46 0.94 -2.29
CA ILE A 32 -3.08 1.17 -1.90
C ILE A 32 -2.19 0.14 -2.61
N ILE A 33 -2.36 -1.11 -2.24
CA ILE A 33 -1.59 -2.20 -2.83
C ILE A 33 -1.43 -1.94 -4.33
N ALA A 34 -2.56 -1.91 -5.01
CA ALA A 34 -2.56 -1.68 -6.45
C ALA A 34 -1.61 -0.52 -6.78
N ALA A 35 -1.77 0.56 -6.03
CA ALA A 35 -0.94 1.74 -6.23
C ALA A 35 0.53 1.31 -6.32
N ILE A 36 0.86 0.29 -5.55
CA ILE A 36 2.22 -0.22 -5.54
C ILE A 36 2.44 -1.09 -6.78
N TRP A 37 1.39 -1.80 -7.16
CA TRP A 37 1.45 -2.67 -8.33
C TRP A 37 1.79 -1.81 -9.54
N HIS A 38 0.90 -0.86 -9.81
CA HIS A 38 1.08 0.03 -10.94
C HIS A 38 2.49 0.65 -10.89
N TYR A 39 2.80 1.22 -9.75
CA TYR A 39 4.10 1.85 -9.55
C TYR A 39 5.23 0.88 -9.93
N VAL A 40 5.28 -0.23 -9.21
CA VAL A 40 6.30 -1.23 -9.46
C VAL A 40 6.35 -1.54 -10.96
N LYS A 41 5.17 -1.61 -11.55
CA LYS A 41 5.07 -1.91 -12.97
C LYS A 41 5.63 -0.73 -13.77
N ALA A 42 5.19 0.46 -13.40
CA ALA A 42 5.64 1.67 -14.07
C ALA A 42 7.16 1.76 -13.98
N ARG A 43 7.66 1.60 -12.76
CA ARG A 43 9.09 1.66 -12.51
C ARG A 43 9.79 0.45 -13.13
N LYS A 44 8.97 -0.48 -13.62
CA LYS A 44 9.50 -1.69 -14.23
C LYS A 44 10.08 -2.59 -13.15
N LEU A 45 9.87 -2.18 -11.90
CA LEU A 45 10.36 -2.95 -10.77
C LEU A 45 10.00 -4.42 -10.96
N GLN A 46 8.95 -4.65 -11.74
CA GLN A 46 8.49 -6.00 -12.00
C GLN A 46 9.68 -6.93 -12.22
N ASN A 47 9.58 -8.12 -11.65
CA ASN A 47 10.64 -9.10 -11.78
C ASN A 47 10.41 -9.93 -13.04
N PRO A 48 11.54 -10.23 -13.74
CA PRO A 48 11.47 -11.01 -14.97
C PRO A 48 11.23 -12.48 -14.67
N ASN A 49 11.89 -12.97 -13.63
CA ASN A 49 11.77 -14.35 -13.24
C ASN A 49 10.36 -14.58 -12.68
N ASP A 50 10.13 -14.02 -11.50
CA ASP A 50 8.84 -14.16 -10.84
C ASP A 50 8.00 -12.90 -11.11
N PRO A 51 6.83 -13.12 -11.75
CA PRO A 51 5.93 -12.01 -12.06
C PRO A 51 5.20 -11.53 -10.81
N SER A 52 5.25 -12.36 -9.78
CA SER A 52 4.59 -12.02 -8.53
C SER A 52 5.49 -11.12 -7.69
N PHE A 53 6.79 -11.38 -7.79
CA PHE A 53 7.77 -10.60 -7.05
C PHE A 53 8.17 -9.35 -7.83
N PHE A 54 9.04 -8.56 -7.21
CA PHE A 54 9.51 -7.32 -7.84
C PHE A 54 10.70 -6.75 -7.06
N ASN A 55 11.55 -6.04 -7.80
CA ASN A 55 12.72 -5.43 -7.22
C ASN A 55 12.34 -4.07 -6.61
N CYS A 56 13.12 -3.66 -5.63
CA CYS A 56 12.87 -2.39 -4.96
C CYS A 56 13.59 -1.28 -5.75
N ASP A 57 12.93 -0.14 -5.83
CA ASP A 57 13.49 1.00 -6.55
C ASP A 57 14.47 1.74 -5.64
N ALA A 58 13.99 2.06 -4.44
CA ALA A 58 14.82 2.77 -3.48
C ALA A 58 13.92 3.36 -2.39
N ALA A 59 12.70 3.69 -2.77
CA ALA A 59 11.74 4.26 -1.85
C ALA A 59 10.88 3.14 -1.26
N LEU A 60 10.81 2.03 -1.99
CA LEU A 60 10.04 0.89 -1.55
C LEU A 60 10.72 0.25 -0.34
N GLN A 61 12.01 0.52 -0.22
CA GLN A 61 12.79 -0.03 0.88
C GLN A 61 12.30 0.53 2.21
N LYS A 62 12.50 1.84 2.37
CA LYS A 62 12.08 2.51 3.60
C LYS A 62 10.72 1.95 4.04
N VAL A 63 9.93 1.53 3.05
CA VAL A 63 8.62 0.99 3.33
C VAL A 63 8.77 -0.43 3.89
N PHE A 64 9.27 -1.32 3.04
CA PHE A 64 9.46 -2.70 3.43
C PHE A 64 10.83 -2.89 4.09
N GLY A 65 11.87 -2.69 3.29
CA GLY A 65 13.22 -2.84 3.79
C GLY A 65 13.91 -4.06 3.15
N GLU A 66 13.26 -4.61 2.14
CA GLU A 66 13.78 -5.76 1.44
C GLU A 66 14.05 -5.44 -0.03
N GLU A 67 15.13 -6.01 -0.54
CA GLU A 67 15.50 -5.78 -1.93
C GLU A 67 14.29 -5.95 -2.84
N LYS A 68 13.57 -7.04 -2.62
CA LYS A 68 12.39 -7.33 -3.42
C LYS A 68 11.23 -7.73 -2.48
N LEU A 69 10.12 -8.07 -3.10
CA LEU A 69 8.94 -8.48 -2.34
C LEU A 69 7.90 -9.06 -3.30
N LYS A 70 6.88 -9.66 -2.71
CA LYS A 70 5.81 -10.27 -3.49
C LYS A 70 4.70 -9.25 -3.70
N PHE A 71 4.09 -9.31 -4.88
CA PHE A 71 3.02 -8.40 -5.22
C PHE A 71 1.79 -8.65 -4.34
N THR A 72 1.76 -9.84 -3.75
CA THR A 72 0.66 -10.21 -2.88
C THR A 72 0.97 -9.84 -1.43
N MET A 73 2.19 -10.17 -1.02
CA MET A 73 2.62 -9.88 0.33
C MET A 73 2.45 -8.40 0.67
N VAL A 74 2.49 -7.59 -0.37
CA VAL A 74 2.33 -6.15 -0.21
C VAL A 74 1.15 -5.87 0.72
N SER A 75 0.21 -6.82 0.72
CA SER A 75 -0.97 -6.70 1.56
C SER A 75 -0.59 -6.88 3.04
N GLN A 76 0.23 -7.88 3.28
CA GLN A 76 0.67 -8.17 4.64
C GLN A 76 1.96 -7.41 4.96
N LYS A 77 2.13 -6.28 4.26
CA LYS A 77 3.31 -5.45 4.47
C LYS A 77 2.88 -3.98 4.56
N ILE A 78 2.02 -3.58 3.65
CA ILE A 78 1.52 -2.22 3.63
C ILE A 78 0.71 -1.95 4.89
N SER A 79 0.00 -2.99 5.33
CA SER A 79 -0.82 -2.89 6.52
C SER A 79 -0.04 -2.17 7.63
N HIS A 80 1.12 -2.72 7.95
CA HIS A 80 1.96 -2.15 8.99
C HIS A 80 2.11 -0.64 8.76
N HIS A 81 1.99 -0.26 7.49
CA HIS A 81 2.10 1.14 7.12
C HIS A 81 0.72 1.81 7.20
N LEU A 82 -0.29 1.03 6.88
CA LEU A 82 -1.66 1.53 6.91
C LEU A 82 -1.94 2.15 8.28
N SER A 83 -2.75 3.20 8.26
CA SER A 83 -3.11 3.88 9.49
C SER A 83 -4.55 4.38 9.42
N PRO A 84 -5.12 4.66 10.61
CA PRO A 84 -6.50 5.14 10.69
C PRO A 84 -6.59 6.60 10.26
N PRO A 85 -7.46 6.86 9.25
CA PRO A 85 -7.66 8.21 8.74
C PRO A 85 -8.49 9.05 9.72
N PRO A 86 -8.58 10.37 9.39
CA PRO A 86 -9.34 11.28 10.23
C PRO A 86 -10.85 11.09 10.05
N PRO A 87 -11.52 10.71 11.17
CA PRO A 87 -12.95 10.47 11.15
C PRO A 87 -13.72 11.80 11.09
N SER A 88 -15.02 11.70 11.33
CA SER A 88 -15.87 12.88 11.31
C SER A 88 -17.17 12.59 12.05
N GLY A 89 -17.27 13.13 13.25
CA GLY A 89 -18.46 12.94 14.07
C GLY A 89 -18.22 11.87 15.15
N PRO A 90 -17.82 12.35 16.36
CA PRO A 90 -17.56 11.47 17.47
C PRO A 90 -18.85 10.93 18.07
N SER A 91 -18.75 9.78 18.71
CA SER A 91 -19.90 9.16 19.33
C SER A 91 -19.46 8.15 20.39
N SER A 92 -19.30 8.65 21.62
CA SER A 92 -18.88 7.80 22.71
C SER A 92 -20.03 7.63 23.72
N GLY A 93 -20.49 8.75 24.23
CA GLY A 93 -21.58 8.74 25.19
C GLY A 93 -22.33 10.09 25.20
N GLY A 1 -25.44 6.96 9.37
CA GLY A 1 -24.41 7.19 10.36
C GLY A 1 -23.01 7.00 9.75
N SER A 2 -22.03 6.90 10.63
CA SER A 2 -20.65 6.71 10.21
C SER A 2 -19.83 6.07 11.33
N SER A 3 -19.81 6.75 12.46
CA SER A 3 -19.08 6.27 13.62
C SER A 3 -19.40 4.80 13.87
N GLY A 4 -18.36 3.98 13.79
CA GLY A 4 -18.52 2.55 14.00
C GLY A 4 -19.34 1.91 12.88
N SER A 5 -18.64 1.39 11.90
CA SER A 5 -19.30 0.74 10.76
C SER A 5 -18.57 -0.54 10.40
N SER A 6 -19.34 -1.61 10.24
CA SER A 6 -18.79 -2.90 9.89
C SER A 6 -19.30 -3.34 8.51
N GLY A 7 -18.35 -3.62 7.63
CA GLY A 7 -18.70 -4.04 6.28
C GLY A 7 -17.94 -3.22 5.24
N VAL A 8 -18.39 -1.98 5.08
CA VAL A 8 -17.77 -1.08 4.12
C VAL A 8 -16.27 -1.05 4.36
N PRO A 9 -15.51 -0.69 3.28
CA PRO A 9 -14.07 -0.62 3.36
C PRO A 9 -13.62 0.63 4.13
N GLU A 10 -12.43 0.54 4.72
CA GLU A 10 -11.90 1.64 5.48
C GLU A 10 -10.57 2.11 4.87
N LYS A 11 -10.47 3.42 4.68
CA LYS A 11 -9.27 3.99 4.09
C LYS A 11 -8.18 4.08 5.17
N PHE A 12 -6.94 4.02 4.72
CA PHE A 12 -5.81 4.09 5.62
C PHE A 12 -4.85 5.21 5.22
N LYS A 13 -4.43 5.98 6.22
CA LYS A 13 -3.52 7.08 5.99
C LYS A 13 -2.13 6.53 5.64
N LEU A 14 -1.61 7.01 4.52
CA LEU A 14 -0.30 6.58 4.08
C LEU A 14 0.78 7.18 4.99
N SER A 15 1.98 6.65 4.86
CA SER A 15 3.10 7.12 5.66
C SER A 15 3.90 8.17 4.88
N THR A 16 4.92 8.70 5.54
CA THR A 16 5.77 9.70 4.92
C THR A 16 6.50 9.11 3.72
N ALA A 17 6.83 7.83 3.83
CA ALA A 17 7.54 7.15 2.76
C ALA A 17 6.52 6.67 1.72
N LEU A 18 5.45 6.07 2.21
CA LEU A 18 4.40 5.58 1.33
C LEU A 18 3.86 6.72 0.47
N MET A 19 3.59 7.83 1.14
CA MET A 19 3.07 9.00 0.46
C MET A 19 4.03 9.47 -0.64
N ASP A 20 5.24 8.96 -0.58
CA ASP A 20 6.26 9.31 -1.55
C ASP A 20 6.43 8.16 -2.54
N VAL A 21 5.66 7.10 -2.31
CA VAL A 21 5.72 5.92 -3.17
C VAL A 21 4.64 6.04 -4.25
N LEU A 22 3.42 6.25 -3.80
CA LEU A 22 2.30 6.39 -4.73
C LEU A 22 1.97 7.87 -4.91
N GLY A 23 1.69 8.53 -3.79
CA GLY A 23 1.36 9.94 -3.82
C GLY A 23 -0.05 10.19 -3.28
N ILE A 24 -0.42 9.38 -2.31
CA ILE A 24 -1.75 9.50 -1.70
C ILE A 24 -1.60 9.82 -0.22
N GLU A 25 -2.66 10.37 0.35
CA GLU A 25 -2.65 10.72 1.76
C GLU A 25 -3.36 9.63 2.58
N VAL A 26 -4.39 9.06 1.98
CA VAL A 26 -5.15 8.01 2.64
C VAL A 26 -5.94 7.23 1.60
N GLU A 27 -5.51 5.99 1.38
CA GLU A 27 -6.17 5.12 0.41
C GLU A 27 -6.67 3.85 1.09
N THR A 28 -7.30 3.00 0.30
CA THR A 28 -7.83 1.75 0.80
C THR A 28 -6.72 0.71 0.90
N ARG A 29 -7.15 -0.55 1.02
CA ARG A 29 -6.21 -1.65 1.12
C ARG A 29 -5.76 -2.10 -0.27
N PRO A 30 -6.75 -2.19 -1.19
CA PRO A 30 -6.48 -2.60 -2.56
C PRO A 30 -5.81 -1.47 -3.35
N ARG A 31 -6.51 -0.35 -3.41
CA ARG A 31 -6.00 0.81 -4.13
C ARG A 31 -4.48 0.91 -3.97
N ILE A 32 -4.04 0.74 -2.72
CA ILE A 32 -2.63 0.81 -2.41
C ILE A 32 -1.91 -0.39 -3.04
N ILE A 33 -2.28 -1.57 -2.56
CA ILE A 33 -1.69 -2.80 -3.07
C ILE A 33 -1.57 -2.71 -4.59
N ALA A 34 -2.66 -2.29 -5.22
CA ALA A 34 -2.68 -2.16 -6.67
C ALA A 34 -1.78 -0.99 -7.08
N ALA A 35 -2.01 0.14 -6.46
CA ALA A 35 -1.24 1.33 -6.75
C ALA A 35 0.25 0.96 -6.82
N ILE A 36 0.60 -0.07 -6.06
CA ILE A 36 1.98 -0.53 -6.03
C ILE A 36 2.22 -1.50 -7.19
N TRP A 37 1.21 -2.31 -7.46
CA TRP A 37 1.30 -3.29 -8.54
C TRP A 37 1.60 -2.53 -9.84
N HIS A 38 0.95 -1.37 -9.98
CA HIS A 38 1.14 -0.55 -11.15
C HIS A 38 2.48 0.19 -11.06
N TYR A 39 2.68 0.81 -9.90
CA TYR A 39 3.91 1.55 -9.67
C TYR A 39 5.14 0.70 -9.97
N VAL A 40 5.20 -0.45 -9.32
CA VAL A 40 6.31 -1.36 -9.52
C VAL A 40 6.67 -1.42 -11.00
N LYS A 41 5.69 -1.80 -11.80
CA LYS A 41 5.88 -1.90 -13.23
C LYS A 41 6.28 -0.54 -13.79
N ALA A 42 5.74 0.51 -13.17
CA ALA A 42 6.05 1.87 -13.58
C ALA A 42 7.56 2.04 -13.66
N ARG A 43 8.21 1.87 -12.53
CA ARG A 43 9.66 2.00 -12.45
C ARG A 43 10.33 0.68 -12.81
N LYS A 44 9.69 -0.05 -13.70
CA LYS A 44 10.22 -1.34 -14.13
C LYS A 44 10.81 -2.07 -12.93
N LEU A 45 10.06 -2.07 -11.85
CA LEU A 45 10.50 -2.73 -10.63
C LEU A 45 10.17 -4.23 -10.71
N GLN A 46 9.04 -4.51 -11.34
CA GLN A 46 8.60 -5.89 -11.51
C GLN A 46 9.80 -6.80 -11.81
N ASN A 47 9.74 -8.00 -11.25
CA ASN A 47 10.81 -8.97 -11.45
C ASN A 47 10.41 -9.93 -12.58
N PRO A 48 11.38 -10.16 -13.50
CA PRO A 48 11.14 -11.06 -14.62
C PRO A 48 11.17 -12.53 -14.17
N ASN A 49 12.21 -12.85 -13.42
CA ASN A 49 12.37 -14.21 -12.91
C ASN A 49 11.06 -14.66 -12.26
N ASP A 50 10.54 -13.80 -11.40
CA ASP A 50 9.30 -14.10 -10.71
C ASP A 50 8.30 -12.96 -10.95
N PRO A 51 7.13 -13.34 -11.55
CA PRO A 51 6.10 -12.37 -11.83
C PRO A 51 5.34 -11.97 -10.56
N SER A 52 5.53 -12.79 -9.53
CA SER A 52 4.88 -12.53 -8.26
C SER A 52 5.67 -11.50 -7.46
N PHE A 53 6.99 -11.61 -7.57
CA PHE A 53 7.88 -10.70 -6.87
C PHE A 53 8.23 -9.49 -7.74
N PHE A 54 8.91 -8.54 -7.13
CA PHE A 54 9.32 -7.33 -7.82
C PHE A 54 10.49 -6.65 -7.11
N ASN A 55 11.27 -5.94 -7.90
CA ASN A 55 12.44 -5.23 -7.37
C ASN A 55 11.94 -4.08 -6.48
N CYS A 56 12.77 -3.74 -5.50
CA CYS A 56 12.45 -2.66 -4.59
C CYS A 56 13.05 -1.37 -5.13
N ASP A 57 12.89 -0.30 -4.36
CA ASP A 57 13.41 0.99 -4.76
C ASP A 57 13.89 1.74 -3.51
N ALA A 58 14.23 3.01 -3.71
CA ALA A 58 14.70 3.85 -2.63
C ALA A 58 13.49 4.34 -1.81
N ALA A 59 12.32 4.10 -2.35
CA ALA A 59 11.09 4.50 -1.69
C ALA A 59 10.33 3.26 -1.20
N LEU A 60 10.42 2.20 -2.00
CA LEU A 60 9.76 0.96 -1.67
C LEU A 60 10.47 0.31 -0.47
N GLN A 61 11.76 0.59 -0.37
CA GLN A 61 12.56 0.04 0.71
C GLN A 61 12.13 0.64 2.05
N LYS A 62 12.28 1.95 2.16
CA LYS A 62 11.90 2.64 3.38
C LYS A 62 10.59 2.06 3.91
N VAL A 63 9.78 1.60 2.98
CA VAL A 63 8.49 1.01 3.34
C VAL A 63 8.71 -0.41 3.85
N PHE A 64 9.11 -1.28 2.93
CA PHE A 64 9.36 -2.67 3.26
C PHE A 64 10.75 -2.86 3.85
N GLY A 65 11.76 -2.61 3.01
CA GLY A 65 13.14 -2.75 3.44
C GLY A 65 13.77 -4.03 2.87
N GLU A 66 13.01 -4.69 1.99
CA GLU A 66 13.47 -5.91 1.38
C GLU A 66 13.78 -5.67 -0.11
N GLU A 67 14.93 -6.18 -0.52
CA GLU A 67 15.36 -6.03 -1.90
C GLU A 67 14.17 -6.20 -2.86
N LYS A 68 13.37 -7.22 -2.56
CA LYS A 68 12.20 -7.51 -3.37
C LYS A 68 11.07 -8.04 -2.47
N LEU A 69 9.87 -7.96 -3.00
CA LEU A 69 8.70 -8.42 -2.25
C LEU A 69 7.70 -9.05 -3.23
N LYS A 70 6.74 -9.77 -2.66
CA LYS A 70 5.72 -10.43 -3.46
C LYS A 70 4.60 -9.42 -3.75
N PHE A 71 3.86 -9.70 -4.82
CA PHE A 71 2.77 -8.84 -5.21
C PHE A 71 1.54 -9.07 -4.32
N THR A 72 1.58 -10.17 -3.59
CA THR A 72 0.49 -10.53 -2.69
C THR A 72 0.84 -10.16 -1.25
N MET A 73 2.11 -10.33 -0.92
CA MET A 73 2.59 -10.02 0.41
C MET A 73 2.41 -8.53 0.74
N VAL A 74 2.44 -7.73 -0.32
CA VAL A 74 2.28 -6.29 -0.17
C VAL A 74 1.12 -6.01 0.78
N SER A 75 0.15 -6.92 0.77
CA SER A 75 -1.01 -6.77 1.63
C SER A 75 -0.60 -6.95 3.10
N GLN A 76 0.18 -7.98 3.35
CA GLN A 76 0.64 -8.25 4.70
C GLN A 76 1.97 -7.54 4.96
N LYS A 77 2.14 -6.41 4.29
CA LYS A 77 3.36 -5.63 4.44
C LYS A 77 2.99 -4.15 4.57
N ILE A 78 2.21 -3.68 3.61
CA ILE A 78 1.78 -2.29 3.61
C ILE A 78 0.85 -2.05 4.79
N SER A 79 0.11 -3.09 5.16
CA SER A 79 -0.81 -3.01 6.28
C SER A 79 -0.14 -2.34 7.48
N HIS A 80 1.17 -2.57 7.57
CA HIS A 80 1.95 -1.99 8.67
C HIS A 80 1.96 -0.47 8.54
N HIS A 81 2.09 -0.01 7.30
CA HIS A 81 2.13 1.42 7.03
C HIS A 81 0.71 2.00 7.16
N LEU A 82 -0.25 1.19 6.77
CA LEU A 82 -1.65 1.60 6.83
C LEU A 82 -1.97 2.07 8.25
N SER A 83 -2.40 3.32 8.34
CA SER A 83 -2.75 3.91 9.62
C SER A 83 -4.16 4.47 9.57
N PRO A 84 -4.73 4.74 10.78
CA PRO A 84 -6.07 5.27 10.90
C PRO A 84 -6.10 6.76 10.51
N PRO A 85 -6.90 7.07 9.46
CA PRO A 85 -7.01 8.44 9.00
C PRO A 85 -7.89 9.27 9.95
N PRO A 86 -7.92 10.60 9.69
CA PRO A 86 -8.70 11.51 10.51
C PRO A 86 -10.19 11.37 10.19
N PRO A 87 -10.95 10.87 11.20
CA PRO A 87 -12.39 10.69 11.05
C PRO A 87 -13.13 12.03 11.12
N SER A 88 -13.81 12.35 10.04
CA SER A 88 -14.56 13.60 9.96
C SER A 88 -15.85 13.48 10.76
N GLY A 89 -15.73 13.70 12.06
CA GLY A 89 -16.88 13.61 12.95
C GLY A 89 -16.58 14.25 14.31
N PRO A 90 -17.62 14.27 15.18
CA PRO A 90 -17.47 14.85 16.51
C PRO A 90 -16.68 13.91 17.42
N SER A 91 -15.37 14.05 17.36
CA SER A 91 -14.49 13.23 18.17
C SER A 91 -13.19 13.99 18.48
N SER A 92 -12.63 13.71 19.65
CA SER A 92 -11.41 14.35 20.06
C SER A 92 -11.64 15.86 20.24
N GLY A 93 -11.61 16.29 21.49
CA GLY A 93 -11.82 17.70 21.81
C GLY A 93 -13.28 18.10 21.55
N GLY A 1 -9.03 -17.94 9.32
CA GLY A 1 -9.52 -18.89 8.34
C GLY A 1 -10.99 -18.66 8.04
N SER A 2 -11.25 -18.08 6.87
CA SER A 2 -12.62 -17.80 6.46
C SER A 2 -12.66 -17.52 4.96
N SER A 3 -11.94 -16.48 4.57
CA SER A 3 -11.88 -16.09 3.16
C SER A 3 -13.28 -15.68 2.69
N GLY A 4 -13.41 -14.40 2.40
CA GLY A 4 -14.68 -13.86 1.92
C GLY A 4 -14.84 -12.40 2.34
N SER A 5 -15.28 -11.59 1.38
CA SER A 5 -15.48 -10.18 1.63
C SER A 5 -16.22 -9.98 2.95
N SER A 6 -15.79 -8.96 3.68
CA SER A 6 -16.41 -8.66 4.97
C SER A 6 -16.92 -7.21 4.97
N GLY A 7 -18.14 -7.04 4.52
CA GLY A 7 -18.75 -5.73 4.48
C GLY A 7 -17.95 -4.79 3.57
N VAL A 8 -17.34 -3.79 4.20
CA VAL A 8 -16.54 -2.83 3.46
C VAL A 8 -15.30 -2.46 4.30
N PRO A 9 -14.16 -2.30 3.58
CA PRO A 9 -12.90 -1.95 4.23
C PRO A 9 -12.90 -0.48 4.64
N GLU A 10 -12.02 -0.17 5.58
CA GLU A 10 -11.90 1.19 6.08
C GLU A 10 -10.61 1.83 5.57
N LYS A 11 -10.77 2.92 4.83
CA LYS A 11 -9.64 3.63 4.27
C LYS A 11 -8.52 3.67 5.31
N PHE A 12 -7.29 3.75 4.80
CA PHE A 12 -6.13 3.81 5.67
C PHE A 12 -5.15 4.89 5.21
N LYS A 13 -4.73 5.71 6.17
CA LYS A 13 -3.81 6.79 5.88
C LYS A 13 -2.51 6.20 5.32
N LEU A 14 -1.63 7.10 4.89
CA LEU A 14 -0.35 6.68 4.34
C LEU A 14 0.79 7.37 5.10
N SER A 15 1.97 6.79 5.00
CA SER A 15 3.14 7.34 5.67
C SER A 15 4.04 8.03 4.66
N THR A 16 4.66 9.11 5.11
CA THR A 16 5.55 9.87 4.25
C THR A 16 6.38 8.94 3.38
N ALA A 17 6.62 7.74 3.92
CA ALA A 17 7.40 6.75 3.20
C ALA A 17 6.56 6.17 2.06
N LEU A 18 5.38 5.69 2.43
CA LEU A 18 4.47 5.11 1.46
C LEU A 18 3.95 6.20 0.53
N MET A 19 3.88 7.42 1.07
CA MET A 19 3.40 8.55 0.32
C MET A 19 4.34 8.86 -0.86
N ASP A 20 5.62 8.90 -0.55
CA ASP A 20 6.63 9.19 -1.56
C ASP A 20 6.59 8.09 -2.63
N VAL A 21 6.15 6.91 -2.21
CA VAL A 21 6.06 5.78 -3.12
C VAL A 21 4.95 6.03 -4.13
N LEU A 22 3.74 6.21 -3.60
CA LEU A 22 2.59 6.45 -4.45
C LEU A 22 2.33 7.96 -4.54
N GLY A 23 1.92 8.52 -3.40
CA GLY A 23 1.63 9.94 -3.33
C GLY A 23 0.21 10.19 -2.84
N ILE A 24 -0.22 9.34 -1.92
CA ILE A 24 -1.56 9.45 -1.36
C ILE A 24 -1.45 9.62 0.16
N GLU A 25 -2.49 10.20 0.73
CA GLU A 25 -2.52 10.42 2.17
C GLU A 25 -3.39 9.36 2.85
N VAL A 26 -4.43 8.96 2.14
CA VAL A 26 -5.35 7.94 2.66
C VAL A 26 -6.07 7.27 1.49
N GLU A 27 -5.82 5.97 1.37
CA GLU A 27 -6.44 5.20 0.31
C GLU A 27 -6.97 3.87 0.85
N THR A 28 -7.70 3.16 0.01
CA THR A 28 -8.27 1.87 0.39
C THR A 28 -7.16 0.83 0.55
N ARG A 29 -7.59 -0.41 0.68
CA ARG A 29 -6.64 -1.51 0.83
C ARG A 29 -6.11 -1.96 -0.54
N PRO A 30 -7.06 -2.09 -1.50
CA PRO A 30 -6.70 -2.49 -2.85
C PRO A 30 -6.01 -1.35 -3.61
N ARG A 31 -6.56 -0.16 -3.44
CA ARG A 31 -6.01 1.02 -4.09
C ARG A 31 -4.51 1.10 -3.86
N ILE A 32 -4.12 0.97 -2.61
CA ILE A 32 -2.72 1.03 -2.24
C ILE A 32 -1.98 -0.16 -2.87
N ILE A 33 -2.35 -1.35 -2.41
CA ILE A 33 -1.74 -2.56 -2.92
C ILE A 33 -1.56 -2.45 -4.43
N ALA A 34 -2.60 -1.97 -5.08
CA ALA A 34 -2.57 -1.80 -6.53
C ALA A 34 -1.60 -0.68 -6.89
N ALA A 35 -1.75 0.44 -6.18
CA ALA A 35 -0.90 1.59 -6.42
C ALA A 35 0.56 1.13 -6.46
N ILE A 36 0.83 0.04 -5.77
CA ILE A 36 2.17 -0.52 -5.73
C ILE A 36 2.37 -1.46 -6.91
N TRP A 37 1.30 -2.15 -7.26
CA TRP A 37 1.35 -3.10 -8.37
C TRP A 37 1.65 -2.31 -9.65
N HIS A 38 0.85 -1.28 -9.87
CA HIS A 38 1.02 -0.45 -11.05
C HIS A 38 2.40 0.21 -11.02
N TYR A 39 2.60 1.04 -10.01
CA TYR A 39 3.86 1.73 -9.85
C TYR A 39 5.04 0.83 -10.19
N VAL A 40 5.10 -0.29 -9.49
CA VAL A 40 6.17 -1.26 -9.72
C VAL A 40 6.42 -1.41 -11.22
N LYS A 41 5.39 -1.86 -11.92
CA LYS A 41 5.48 -2.04 -13.36
C LYS A 41 5.88 -0.72 -14.01
N ALA A 42 5.42 0.36 -13.41
CA ALA A 42 5.71 1.69 -13.92
C ALA A 42 7.23 1.84 -14.08
N ARG A 43 7.92 1.72 -12.96
CA ARG A 43 9.38 1.84 -12.96
C ARG A 43 10.02 0.53 -13.43
N LYS A 44 9.17 -0.39 -13.86
CA LYS A 44 9.63 -1.68 -14.33
C LYS A 44 10.37 -2.39 -13.20
N LEU A 45 9.93 -2.12 -11.98
CA LEU A 45 10.54 -2.73 -10.81
C LEU A 45 10.21 -4.22 -10.78
N GLN A 46 9.19 -4.58 -11.55
CA GLN A 46 8.76 -5.97 -11.62
C GLN A 46 9.97 -6.88 -11.87
N ASN A 47 9.90 -8.07 -11.30
CA ASN A 47 10.97 -9.05 -11.45
C ASN A 47 10.60 -10.04 -12.55
N PRO A 48 11.59 -10.31 -13.44
CA PRO A 48 11.39 -11.24 -14.53
C PRO A 48 11.37 -12.69 -14.04
N ASN A 49 12.34 -13.01 -13.21
CA ASN A 49 12.46 -14.35 -12.66
C ASN A 49 11.12 -14.74 -12.02
N ASP A 50 10.69 -13.93 -11.07
CA ASP A 50 9.43 -14.19 -10.37
C ASP A 50 8.46 -13.05 -10.68
N PRO A 51 7.32 -13.43 -11.33
CA PRO A 51 6.29 -12.47 -11.67
C PRO A 51 5.50 -12.04 -10.44
N SER A 52 5.62 -12.84 -9.39
CA SER A 52 4.91 -12.55 -8.15
C SER A 52 5.75 -11.62 -7.28
N PHE A 53 7.02 -11.51 -7.63
CA PHE A 53 7.93 -10.64 -6.90
C PHE A 53 8.31 -9.42 -7.72
N PHE A 54 9.08 -8.53 -7.10
CA PHE A 54 9.51 -7.31 -7.76
C PHE A 54 10.66 -6.66 -6.99
N ASN A 55 11.44 -5.86 -7.72
CA ASN A 55 12.57 -5.17 -7.12
C ASN A 55 12.06 -3.98 -6.30
N CYS A 56 12.66 -3.80 -5.14
CA CYS A 56 12.28 -2.70 -4.26
C CYS A 56 13.25 -1.55 -4.49
N ASP A 57 12.69 -0.45 -5.01
CA ASP A 57 13.50 0.73 -5.28
C ASP A 57 14.05 1.28 -3.96
N ALA A 58 14.51 2.53 -4.02
CA ALA A 58 15.07 3.18 -2.85
C ALA A 58 13.92 3.61 -1.93
N ALA A 59 12.75 3.78 -2.53
CA ALA A 59 11.58 4.19 -1.77
C ALA A 59 10.90 2.96 -1.18
N LEU A 60 10.50 2.06 -2.08
CA LEU A 60 9.83 0.84 -1.65
C LEU A 60 10.60 0.23 -0.48
N GLN A 61 11.89 0.54 -0.42
CA GLN A 61 12.74 0.02 0.64
C GLN A 61 12.39 0.71 1.96
N LYS A 62 12.31 2.03 1.91
CA LYS A 62 11.99 2.81 3.09
C LYS A 62 10.70 2.29 3.71
N VAL A 63 9.91 1.62 2.88
CA VAL A 63 8.65 1.06 3.34
C VAL A 63 8.88 -0.36 3.86
N PHE A 64 9.16 -1.26 2.93
CA PHE A 64 9.41 -2.64 3.28
C PHE A 64 10.79 -2.81 3.92
N GLY A 65 11.82 -2.55 3.13
CA GLY A 65 13.18 -2.67 3.60
C GLY A 65 13.87 -3.89 2.99
N GLU A 66 13.11 -4.62 2.19
CA GLU A 66 13.64 -5.81 1.54
C GLU A 66 13.96 -5.51 0.07
N GLU A 67 15.05 -6.12 -0.40
CA GLU A 67 15.47 -5.92 -1.78
C GLU A 67 14.30 -6.15 -2.73
N LYS A 68 13.53 -7.19 -2.44
CA LYS A 68 12.39 -7.54 -3.27
C LYS A 68 11.23 -7.96 -2.37
N LEU A 69 10.05 -8.06 -2.97
CA LEU A 69 8.87 -8.45 -2.24
C LEU A 69 7.84 -9.04 -3.22
N LYS A 70 6.85 -9.71 -2.65
CA LYS A 70 5.80 -10.33 -3.45
C LYS A 70 4.70 -9.31 -3.71
N PHE A 71 3.96 -9.54 -4.79
CA PHE A 71 2.87 -8.65 -5.16
C PHE A 71 1.65 -8.89 -4.27
N THR A 72 1.70 -9.99 -3.53
CA THR A 72 0.60 -10.35 -2.64
C THR A 72 0.97 -10.02 -1.19
N MET A 73 2.24 -10.23 -0.87
CA MET A 73 2.72 -9.97 0.47
C MET A 73 2.57 -8.48 0.83
N VAL A 74 2.53 -7.66 -0.22
CA VAL A 74 2.38 -6.23 -0.03
C VAL A 74 1.24 -5.96 0.96
N SER A 75 0.23 -6.81 0.89
CA SER A 75 -0.91 -6.67 1.77
C SER A 75 -0.50 -6.93 3.23
N GLN A 76 0.32 -7.96 3.40
CA GLN A 76 0.79 -8.31 4.73
C GLN A 76 2.11 -7.58 5.03
N LYS A 77 2.29 -6.45 4.36
CA LYS A 77 3.49 -5.65 4.55
C LYS A 77 3.10 -4.17 4.67
N ILE A 78 2.24 -3.75 3.75
CA ILE A 78 1.78 -2.36 3.75
C ILE A 78 0.82 -2.14 4.92
N SER A 79 0.15 -3.21 5.30
CA SER A 79 -0.79 -3.15 6.40
C SER A 79 -0.16 -2.43 7.59
N HIS A 80 1.16 -2.49 7.64
CA HIS A 80 1.90 -1.85 8.73
C HIS A 80 1.83 -0.33 8.56
N HIS A 81 1.94 0.11 7.32
CA HIS A 81 1.88 1.53 7.02
C HIS A 81 0.44 2.02 7.10
N LEU A 82 -0.49 1.11 6.83
CA LEU A 82 -1.89 1.42 6.87
C LEU A 82 -2.28 1.86 8.28
N SER A 83 -2.88 3.03 8.37
CA SER A 83 -3.30 3.57 9.65
C SER A 83 -4.76 4.05 9.57
N PRO A 84 -5.38 4.18 10.78
CA PRO A 84 -6.76 4.63 10.85
C PRO A 84 -6.87 6.14 10.58
N PRO A 85 -7.64 6.47 9.51
CA PRO A 85 -7.84 7.86 9.14
C PRO A 85 -8.80 8.56 10.10
N PRO A 86 -8.93 9.90 9.91
CA PRO A 86 -9.79 10.70 10.76
C PRO A 86 -11.26 10.47 10.39
N PRO A 87 -12.05 10.00 11.40
CA PRO A 87 -13.46 9.74 11.18
C PRO A 87 -14.26 11.05 11.14
N SER A 88 -15.56 10.90 10.97
CA SER A 88 -16.44 12.07 10.92
C SER A 88 -17.90 11.62 11.08
N GLY A 89 -18.21 11.14 12.28
CA GLY A 89 -19.54 10.69 12.58
C GLY A 89 -19.52 9.36 13.35
N PRO A 90 -19.66 9.46 14.70
CA PRO A 90 -19.65 8.28 15.54
C PRO A 90 -20.97 7.52 15.43
N SER A 91 -20.90 6.23 15.70
CA SER A 91 -22.07 5.38 15.63
C SER A 91 -22.91 5.56 16.91
N SER A 92 -24.13 5.06 16.84
CA SER A 92 -25.04 5.15 17.97
C SER A 92 -26.17 4.13 17.82
N GLY A 93 -26.95 3.99 18.89
CA GLY A 93 -28.06 3.05 18.88
C GLY A 93 -28.66 2.90 20.28
N GLY A 1 -14.22 -9.71 8.71
CA GLY A 1 -14.33 -10.56 9.89
C GLY A 1 -13.16 -10.31 10.85
N SER A 2 -13.44 -10.50 12.13
CA SER A 2 -12.44 -10.30 13.15
C SER A 2 -11.96 -8.85 13.15
N SER A 3 -12.52 -8.07 14.06
CA SER A 3 -12.17 -6.66 14.16
C SER A 3 -12.36 -5.97 12.82
N GLY A 4 -13.60 -5.56 12.56
CA GLY A 4 -13.92 -4.88 11.32
C GLY A 4 -14.97 -3.79 11.55
N SER A 5 -16.21 -4.22 11.68
CA SER A 5 -17.31 -3.29 11.91
C SER A 5 -17.47 -2.39 10.69
N SER A 6 -18.63 -1.75 10.61
CA SER A 6 -18.93 -0.85 9.52
C SER A 6 -18.80 -1.60 8.18
N GLY A 7 -19.95 -1.96 7.63
CA GLY A 7 -19.98 -2.67 6.37
C GLY A 7 -18.98 -2.06 5.37
N VAL A 8 -19.21 -0.80 5.05
CA VAL A 8 -18.36 -0.09 4.12
C VAL A 8 -16.90 -0.23 4.57
N PRO A 9 -15.98 -0.12 3.58
CA PRO A 9 -14.56 -0.23 3.86
C PRO A 9 -14.03 1.04 4.53
N GLU A 10 -12.89 0.88 5.19
CA GLU A 10 -12.27 2.01 5.88
C GLU A 10 -10.92 2.35 5.24
N LYS A 11 -10.81 3.60 4.81
CA LYS A 11 -9.59 4.07 4.18
C LYS A 11 -8.48 4.15 5.23
N PHE A 12 -7.24 4.03 4.76
CA PHE A 12 -6.10 4.09 5.64
C PHE A 12 -5.11 5.16 5.18
N LYS A 13 -4.52 5.85 6.16
CA LYS A 13 -3.55 6.89 5.86
C LYS A 13 -2.30 6.27 5.27
N LEU A 14 -1.38 7.14 4.85
CA LEU A 14 -0.13 6.68 4.26
C LEU A 14 1.04 7.29 5.03
N SER A 15 2.12 6.52 5.10
CA SER A 15 3.31 6.97 5.81
C SER A 15 4.08 7.99 4.96
N THR A 16 5.07 8.59 5.58
CA THR A 16 5.88 9.58 4.88
C THR A 16 6.55 8.96 3.65
N ALA A 17 7.04 7.75 3.83
CA ALA A 17 7.69 7.03 2.74
C ALA A 17 6.64 6.52 1.76
N LEU A 18 5.61 5.91 2.32
CA LEU A 18 4.53 5.37 1.52
C LEU A 18 3.98 6.47 0.60
N MET A 19 4.01 7.69 1.11
CA MET A 19 3.53 8.84 0.36
C MET A 19 4.44 9.12 -0.84
N ASP A 20 5.72 8.86 -0.64
CA ASP A 20 6.71 9.09 -1.68
C ASP A 20 6.78 7.86 -2.59
N VAL A 21 5.91 6.90 -2.30
CA VAL A 21 5.88 5.67 -3.06
C VAL A 21 4.79 5.77 -4.14
N LEU A 22 3.71 6.45 -3.77
CA LEU A 22 2.60 6.63 -4.68
C LEU A 22 2.26 8.13 -4.78
N GLY A 23 1.97 8.70 -3.62
CA GLY A 23 1.62 10.11 -3.56
C GLY A 23 0.20 10.31 -3.04
N ILE A 24 -0.21 9.40 -2.18
CA ILE A 24 -1.54 9.45 -1.58
C ILE A 24 -1.42 9.69 -0.08
N GLU A 25 -2.50 10.20 0.50
CA GLU A 25 -2.54 10.47 1.92
C GLU A 25 -3.46 9.49 2.63
N VAL A 26 -4.60 9.25 2.01
CA VAL A 26 -5.59 8.34 2.56
C VAL A 26 -6.18 7.49 1.44
N GLU A 27 -5.85 6.21 1.46
CA GLU A 27 -6.35 5.29 0.45
C GLU A 27 -6.85 4.00 1.11
N THR A 28 -7.37 3.12 0.27
CA THR A 28 -7.90 1.85 0.75
C THR A 28 -6.77 0.81 0.84
N ARG A 29 -7.18 -0.44 1.03
CA ARG A 29 -6.22 -1.53 1.13
C ARG A 29 -5.77 -1.97 -0.26
N PRO A 30 -6.77 -2.08 -1.18
CA PRO A 30 -6.49 -2.49 -2.54
C PRO A 30 -5.84 -1.35 -3.33
N ARG A 31 -6.49 -0.19 -3.28
CA ARG A 31 -5.99 0.98 -3.98
C ARG A 31 -4.46 1.07 -3.83
N ILE A 32 -4.01 0.88 -2.60
CA ILE A 32 -2.60 0.94 -2.31
C ILE A 32 -1.88 -0.27 -2.92
N ILE A 33 -2.27 -1.44 -2.45
CA ILE A 33 -1.69 -2.67 -2.95
C ILE A 33 -1.54 -2.59 -4.47
N ALA A 34 -2.58 -2.06 -5.10
CA ALA A 34 -2.58 -1.92 -6.55
C ALA A 34 -1.61 -0.80 -6.95
N ALA A 35 -1.79 0.35 -6.32
CA ALA A 35 -0.95 1.50 -6.59
C ALA A 35 0.51 1.05 -6.66
N ILE A 36 0.82 0.03 -5.86
CA ILE A 36 2.17 -0.50 -5.82
C ILE A 36 2.37 -1.44 -7.01
N TRP A 37 1.36 -2.25 -7.28
CA TRP A 37 1.43 -3.19 -8.38
C TRP A 37 1.82 -2.42 -9.64
N HIS A 38 1.03 -1.40 -9.95
CA HIS A 38 1.29 -0.58 -11.12
C HIS A 38 2.66 0.09 -10.99
N TYR A 39 2.75 0.97 -10.00
CA TYR A 39 3.99 1.69 -9.75
C TYR A 39 5.20 0.79 -10.01
N VAL A 40 5.18 -0.37 -9.39
CA VAL A 40 6.26 -1.33 -9.54
C VAL A 40 6.51 -1.57 -11.03
N LYS A 41 5.48 -2.03 -11.71
CA LYS A 41 5.57 -2.30 -13.14
C LYS A 41 5.96 -1.03 -13.87
N ALA A 42 5.25 0.04 -13.56
CA ALA A 42 5.51 1.33 -14.18
C ALA A 42 7.02 1.63 -14.10
N ARG A 43 7.59 1.30 -12.96
CA ARG A 43 9.01 1.53 -12.73
C ARG A 43 9.82 0.29 -13.14
N LYS A 44 9.23 -0.50 -14.03
CA LYS A 44 9.88 -1.70 -14.50
C LYS A 44 10.58 -2.40 -13.33
N LEU A 45 9.86 -2.48 -12.23
CA LEU A 45 10.41 -3.11 -11.03
C LEU A 45 10.10 -4.61 -11.07
N GLN A 46 9.02 -4.95 -11.76
CA GLN A 46 8.61 -6.33 -11.88
C GLN A 46 9.83 -7.23 -12.12
N ASN A 47 9.91 -8.29 -11.33
CA ASN A 47 11.02 -9.22 -11.43
C ASN A 47 10.70 -10.26 -12.51
N PRO A 48 11.71 -10.52 -13.38
CA PRO A 48 11.55 -11.49 -14.45
C PRO A 48 11.60 -12.92 -13.91
N ASN A 49 12.65 -13.20 -13.17
CA ASN A 49 12.82 -14.52 -12.59
C ASN A 49 11.49 -15.02 -12.05
N ASP A 50 10.77 -14.11 -11.40
CA ASP A 50 9.48 -14.43 -10.82
C ASP A 50 8.54 -13.24 -10.96
N PRO A 51 7.35 -13.50 -11.57
CA PRO A 51 6.36 -12.45 -11.75
C PRO A 51 5.66 -12.11 -10.44
N SER A 52 6.07 -12.81 -9.39
CA SER A 52 5.50 -12.59 -8.08
C SER A 52 6.24 -11.46 -7.35
N PHE A 53 7.56 -11.57 -7.36
CA PHE A 53 8.40 -10.58 -6.71
C PHE A 53 8.81 -9.49 -7.70
N PHE A 54 9.23 -8.36 -7.14
CA PHE A 54 9.66 -7.24 -7.95
C PHE A 54 10.81 -6.48 -7.28
N ASN A 55 11.69 -5.95 -8.12
CA ASN A 55 12.83 -5.20 -7.62
C ASN A 55 12.34 -3.94 -6.90
N CYS A 56 13.17 -3.45 -5.99
CA CYS A 56 12.83 -2.27 -5.21
C CYS A 56 13.40 -1.05 -5.94
N ASP A 57 12.56 -0.04 -6.09
CA ASP A 57 12.97 1.19 -6.76
C ASP A 57 13.90 1.97 -5.85
N ALA A 58 13.41 2.25 -4.64
CA ALA A 58 14.18 2.99 -3.67
C ALA A 58 13.26 3.51 -2.57
N ALA A 59 12.01 3.76 -2.95
CA ALA A 59 11.02 4.25 -2.01
C ALA A 59 10.22 3.06 -1.45
N LEU A 60 10.34 1.93 -2.13
CA LEU A 60 9.64 0.74 -1.72
C LEU A 60 10.38 0.10 -0.54
N GLN A 61 11.64 0.48 -0.41
CA GLN A 61 12.47 -0.04 0.66
C GLN A 61 12.04 0.55 2.01
N LYS A 62 12.23 1.86 2.14
CA LYS A 62 11.86 2.55 3.36
C LYS A 62 10.54 2.00 3.88
N VAL A 63 9.71 1.55 2.95
CA VAL A 63 8.42 0.99 3.30
C VAL A 63 8.61 -0.43 3.81
N PHE A 64 9.15 -1.28 2.94
CA PHE A 64 9.38 -2.67 3.28
C PHE A 64 10.78 -2.86 3.87
N GLY A 65 11.77 -2.65 3.01
CA GLY A 65 13.16 -2.79 3.42
C GLY A 65 13.77 -4.06 2.84
N GLU A 66 13.12 -4.58 1.80
CA GLU A 66 13.59 -5.79 1.15
C GLU A 66 13.92 -5.50 -0.32
N GLU A 67 15.07 -6.01 -0.75
CA GLU A 67 15.50 -5.82 -2.12
C GLU A 67 14.31 -5.94 -3.07
N LYS A 68 13.48 -6.95 -2.82
CA LYS A 68 12.31 -7.17 -3.64
C LYS A 68 11.18 -7.72 -2.77
N LEU A 69 9.95 -7.46 -3.21
CA LEU A 69 8.79 -7.91 -2.49
C LEU A 69 7.80 -8.55 -3.46
N LYS A 70 6.90 -9.35 -2.90
CA LYS A 70 5.89 -10.02 -3.71
C LYS A 70 4.74 -9.06 -4.01
N PHE A 71 3.90 -9.46 -4.95
CA PHE A 71 2.77 -8.65 -5.33
C PHE A 71 1.49 -9.07 -4.59
N THR A 72 1.64 -10.13 -3.81
CA THR A 72 0.52 -10.66 -3.04
C THR A 72 0.80 -10.52 -1.54
N MET A 73 2.07 -10.60 -1.20
CA MET A 73 2.48 -10.49 0.19
C MET A 73 2.62 -9.03 0.61
N VAL A 74 2.10 -8.15 -0.24
CA VAL A 74 2.15 -6.73 0.03
C VAL A 74 1.11 -6.37 1.10
N SER A 75 -0.01 -7.07 1.03
CA SER A 75 -1.10 -6.84 1.98
C SER A 75 -0.62 -7.16 3.40
N GLN A 76 0.39 -8.00 3.47
CA GLN A 76 0.95 -8.41 4.75
C GLN A 76 2.15 -7.53 5.10
N LYS A 77 2.23 -6.38 4.45
CA LYS A 77 3.32 -5.45 4.67
C LYS A 77 2.76 -4.04 4.77
N ILE A 78 2.05 -3.64 3.73
CA ILE A 78 1.46 -2.32 3.68
C ILE A 78 0.54 -2.13 4.89
N SER A 79 -0.15 -3.19 5.24
CA SER A 79 -1.06 -3.16 6.38
C SER A 79 -0.45 -2.33 7.51
N HIS A 80 0.69 -2.77 7.99
CA HIS A 80 1.38 -2.07 9.07
C HIS A 80 1.30 -0.57 8.83
N HIS A 81 1.58 -0.18 7.58
CA HIS A 81 1.56 1.23 7.21
C HIS A 81 0.11 1.74 7.28
N LEU A 82 -0.80 0.93 6.77
CA LEU A 82 -2.20 1.28 6.76
C LEU A 82 -2.63 1.69 8.17
N SER A 83 -3.01 2.95 8.31
CA SER A 83 -3.44 3.46 9.59
C SER A 83 -4.77 4.20 9.45
N PRO A 84 -5.50 4.32 10.59
CA PRO A 84 -6.79 4.99 10.59
C PRO A 84 -6.61 6.51 10.50
N PRO A 85 -7.26 7.10 9.47
CA PRO A 85 -7.19 8.53 9.26
C PRO A 85 -8.05 9.29 10.28
N PRO A 86 -7.93 10.64 10.25
CA PRO A 86 -8.70 11.48 11.16
C PRO A 86 -10.16 11.56 10.73
N PRO A 87 -11.03 11.93 11.71
CA PRO A 87 -12.45 12.06 11.43
C PRO A 87 -12.75 13.34 10.64
N SER A 88 -13.82 13.29 9.88
CA SER A 88 -14.23 14.43 9.07
C SER A 88 -15.51 14.10 8.31
N GLY A 89 -16.60 13.98 9.06
CA GLY A 89 -17.89 13.68 8.47
C GLY A 89 -18.81 12.98 9.48
N PRO A 90 -19.71 13.78 10.09
CA PRO A 90 -20.65 13.26 11.07
C PRO A 90 -21.76 12.46 10.39
N SER A 91 -21.60 11.14 10.45
CA SER A 91 -22.59 10.25 9.84
C SER A 91 -22.47 8.85 10.46
N SER A 92 -23.50 8.49 11.20
CA SER A 92 -23.54 7.18 11.85
C SER A 92 -24.99 6.71 11.99
N GLY A 93 -25.78 7.52 12.67
CA GLY A 93 -27.19 7.19 12.88
C GLY A 93 -27.95 7.19 11.56
N GLY A 1 -13.28 10.25 17.55
CA GLY A 1 -13.69 8.97 17.00
C GLY A 1 -14.99 9.10 16.21
N SER A 2 -14.94 8.65 14.97
CA SER A 2 -16.10 8.70 14.10
C SER A 2 -17.09 7.60 14.48
N SER A 3 -18.35 8.00 14.61
CA SER A 3 -19.40 7.06 14.98
C SER A 3 -20.48 7.04 13.89
N GLY A 4 -20.33 6.11 12.96
CA GLY A 4 -21.29 5.97 11.88
C GLY A 4 -20.59 5.55 10.59
N SER A 5 -20.40 4.24 10.46
CA SER A 5 -19.74 3.69 9.29
C SER A 5 -20.40 2.37 8.89
N SER A 6 -21.54 2.49 8.23
CA SER A 6 -22.28 1.31 7.79
C SER A 6 -22.63 1.45 6.30
N GLY A 7 -21.67 1.08 5.47
CA GLY A 7 -21.87 1.16 4.03
C GLY A 7 -20.58 1.57 3.32
N VAL A 8 -20.10 2.75 3.68
CA VAL A 8 -18.87 3.28 3.10
C VAL A 8 -17.73 2.28 3.33
N PRO A 9 -16.71 2.37 2.43
CA PRO A 9 -15.56 1.48 2.54
C PRO A 9 -14.64 1.91 3.68
N GLU A 10 -13.46 1.31 3.71
CA GLU A 10 -12.49 1.61 4.74
C GLU A 10 -11.21 2.19 4.11
N LYS A 11 -10.78 3.31 4.67
CA LYS A 11 -9.59 3.98 4.18
C LYS A 11 -8.50 3.94 5.26
N PHE A 12 -7.26 4.06 4.82
CA PHE A 12 -6.13 4.04 5.74
C PHE A 12 -5.09 5.09 5.35
N LYS A 13 -4.74 5.92 6.32
CA LYS A 13 -3.76 6.97 6.10
C LYS A 13 -2.44 6.33 5.64
N LEU A 14 -1.86 6.95 4.62
CA LEU A 14 -0.60 6.46 4.08
C LEU A 14 0.56 7.03 4.90
N SER A 15 1.70 6.36 4.81
CA SER A 15 2.88 6.80 5.53
C SER A 15 3.63 7.85 4.72
N THR A 16 4.57 8.51 5.39
CA THR A 16 5.37 9.54 4.75
C THR A 16 6.16 8.96 3.58
N ALA A 17 6.72 7.77 3.82
CA ALA A 17 7.51 7.09 2.81
C ALA A 17 6.58 6.59 1.70
N LEU A 18 5.53 5.90 2.13
CA LEU A 18 4.56 5.35 1.20
C LEU A 18 3.97 6.48 0.36
N MET A 19 3.68 7.58 1.04
CA MET A 19 3.10 8.74 0.37
C MET A 19 4.08 9.32 -0.66
N ASP A 20 5.32 8.88 -0.55
CA ASP A 20 6.36 9.35 -1.46
C ASP A 20 6.56 8.31 -2.57
N VAL A 21 6.05 7.12 -2.32
CA VAL A 21 6.17 6.03 -3.27
C VAL A 21 5.10 6.19 -4.36
N LEU A 22 3.86 6.31 -3.90
CA LEU A 22 2.75 6.46 -4.82
C LEU A 22 2.44 7.95 -5.00
N GLY A 23 2.06 8.58 -3.90
CA GLY A 23 1.75 10.00 -3.91
C GLY A 23 0.31 10.24 -3.48
N ILE A 24 -0.15 9.43 -2.54
CA ILE A 24 -1.50 9.54 -2.02
C ILE A 24 -1.46 10.01 -0.57
N GLU A 25 -2.62 9.96 0.07
CA GLU A 25 -2.73 10.37 1.46
C GLU A 25 -3.77 9.52 2.18
N VAL A 26 -4.90 9.33 1.52
CA VAL A 26 -5.98 8.53 2.09
C VAL A 26 -6.52 7.58 1.02
N GLU A 27 -6.03 6.37 1.04
CA GLU A 27 -6.45 5.36 0.09
C GLU A 27 -6.94 4.10 0.81
N THR A 28 -7.72 3.30 0.10
CA THR A 28 -8.25 2.07 0.66
C THR A 28 -7.12 1.07 0.91
N ARG A 29 -7.52 -0.18 1.13
CA ARG A 29 -6.55 -1.23 1.38
C ARG A 29 -5.99 -1.77 0.05
N PRO A 30 -6.93 -2.02 -0.90
CA PRO A 30 -6.55 -2.53 -2.20
C PRO A 30 -5.92 -1.43 -3.07
N ARG A 31 -6.66 -0.35 -3.21
CA ARG A 31 -6.18 0.78 -4.00
C ARG A 31 -4.68 0.96 -3.82
N ILE A 32 -4.24 0.76 -2.58
CA ILE A 32 -2.83 0.90 -2.26
C ILE A 32 -2.05 -0.27 -2.88
N ILE A 33 -2.39 -1.47 -2.43
CA ILE A 33 -1.74 -2.67 -2.92
C ILE A 33 -1.54 -2.55 -4.43
N ALA A 34 -2.59 -2.10 -5.09
CA ALA A 34 -2.55 -1.94 -6.54
C ALA A 34 -1.59 -0.80 -6.89
N ALA A 35 -1.78 0.32 -6.20
CA ALA A 35 -0.94 1.49 -6.43
C ALA A 35 0.53 1.07 -6.46
N ILE A 36 0.81 0.00 -5.73
CA ILE A 36 2.18 -0.52 -5.66
C ILE A 36 2.42 -1.45 -6.85
N TRP A 37 1.37 -2.18 -7.21
CA TRP A 37 1.46 -3.11 -8.33
C TRP A 37 1.80 -2.31 -9.59
N HIS A 38 1.13 -1.18 -9.73
CA HIS A 38 1.35 -0.32 -10.88
C HIS A 38 2.76 0.30 -10.78
N TYR A 39 2.98 1.02 -9.70
CA TYR A 39 4.26 1.67 -9.48
C TYR A 39 5.41 0.78 -9.93
N VAL A 40 5.36 -0.47 -9.46
CA VAL A 40 6.39 -1.43 -9.80
C VAL A 40 6.53 -1.51 -11.33
N LYS A 41 5.50 -2.05 -11.96
CA LYS A 41 5.49 -2.20 -13.41
C LYS A 41 5.87 -0.85 -14.04
N ALA A 42 5.30 0.21 -13.50
CA ALA A 42 5.56 1.55 -14.00
C ALA A 42 7.06 1.83 -13.92
N ARG A 43 7.66 1.33 -12.84
CA ARG A 43 9.08 1.52 -12.63
C ARG A 43 9.87 0.32 -13.16
N LYS A 44 9.19 -0.45 -13.99
CA LYS A 44 9.81 -1.64 -14.57
C LYS A 44 10.56 -2.41 -13.49
N LEU A 45 10.03 -2.32 -12.27
CA LEU A 45 10.64 -3.00 -11.14
C LEU A 45 10.29 -4.49 -11.20
N GLN A 46 9.16 -4.78 -11.82
CA GLN A 46 8.69 -6.15 -11.95
C GLN A 46 9.88 -7.08 -12.22
N ASN A 47 9.77 -8.29 -11.71
CA ASN A 47 10.82 -9.28 -11.88
C ASN A 47 10.49 -10.15 -13.10
N PRO A 48 11.53 -10.37 -13.94
CA PRO A 48 11.36 -11.18 -15.15
C PRO A 48 11.30 -12.67 -14.79
N ASN A 49 12.05 -13.04 -13.77
CA ASN A 49 12.08 -14.42 -13.32
C ASN A 49 10.78 -14.75 -12.58
N ASP A 50 10.52 -13.95 -11.56
CA ASP A 50 9.31 -14.15 -10.76
C ASP A 50 8.35 -12.97 -11.00
N PRO A 51 7.16 -13.32 -11.56
CA PRO A 51 6.15 -12.32 -11.85
C PRO A 51 5.45 -11.86 -10.57
N SER A 52 5.59 -12.67 -9.54
CA SER A 52 4.99 -12.36 -8.25
C SER A 52 5.88 -11.40 -7.46
N PHE A 53 7.17 -11.48 -7.74
CA PHE A 53 8.15 -10.63 -7.07
C PHE A 53 8.55 -9.47 -7.97
N PHE A 54 9.32 -8.56 -7.38
CA PHE A 54 9.80 -7.39 -8.12
C PHE A 54 10.98 -6.74 -7.41
N ASN A 55 11.85 -6.13 -8.20
CA ASN A 55 13.02 -5.47 -7.67
C ASN A 55 12.59 -4.20 -6.94
N CYS A 56 13.36 -3.85 -5.92
CA CYS A 56 13.08 -2.66 -5.13
C CYS A 56 13.84 -1.49 -5.74
N ASP A 57 13.17 -0.35 -5.81
CA ASP A 57 13.78 0.85 -6.37
C ASP A 57 14.65 1.52 -5.30
N ALA A 58 13.98 2.06 -4.29
CA ALA A 58 14.68 2.73 -3.20
C ALA A 58 13.65 3.24 -2.19
N ALA A 59 12.52 3.69 -2.71
CA ALA A 59 11.46 4.21 -1.87
C ALA A 59 10.63 3.05 -1.33
N LEU A 60 10.66 1.94 -2.07
CA LEU A 60 9.92 0.76 -1.67
C LEU A 60 10.59 0.11 -0.47
N GLN A 61 11.89 0.33 -0.37
CA GLN A 61 12.67 -0.23 0.73
C GLN A 61 12.20 0.36 2.06
N LYS A 62 12.41 1.66 2.21
CA LYS A 62 12.01 2.36 3.42
C LYS A 62 10.67 1.81 3.89
N VAL A 63 9.86 1.38 2.94
CA VAL A 63 8.55 0.84 3.23
C VAL A 63 8.71 -0.59 3.78
N PHE A 64 9.24 -1.45 2.93
CA PHE A 64 9.46 -2.84 3.31
C PHE A 64 10.84 -3.03 3.93
N GLY A 65 11.86 -2.84 3.10
CA GLY A 65 13.23 -2.98 3.55
C GLY A 65 13.85 -4.25 2.99
N GLU A 66 13.34 -4.67 1.84
CA GLU A 66 13.84 -5.87 1.18
C GLU A 66 14.17 -5.57 -0.29
N GLU A 67 15.23 -6.21 -0.76
CA GLU A 67 15.66 -6.02 -2.14
C GLU A 67 14.48 -6.19 -3.09
N LYS A 68 13.68 -7.21 -2.80
CA LYS A 68 12.52 -7.49 -3.62
C LYS A 68 11.35 -7.89 -2.72
N LEU A 69 10.15 -7.85 -3.31
CA LEU A 69 8.95 -8.21 -2.57
C LEU A 69 7.92 -8.80 -3.53
N LYS A 70 6.99 -9.55 -2.96
CA LYS A 70 5.95 -10.18 -3.76
C LYS A 70 4.84 -9.16 -4.03
N PHE A 71 3.91 -9.56 -4.89
CA PHE A 71 2.80 -8.70 -5.25
C PHE A 71 1.54 -9.07 -4.48
N THR A 72 1.62 -10.19 -3.77
CA THR A 72 0.51 -10.68 -2.98
C THR A 72 0.80 -10.54 -1.49
N MET A 73 2.09 -10.62 -1.16
CA MET A 73 2.52 -10.50 0.22
C MET A 73 2.69 -9.02 0.61
N VAL A 74 2.15 -8.15 -0.22
CA VAL A 74 2.24 -6.73 0.02
C VAL A 74 1.15 -6.31 1.01
N SER A 75 0.04 -7.05 0.97
CA SER A 75 -1.07 -6.77 1.86
C SER A 75 -0.66 -7.02 3.32
N GLN A 76 0.30 -7.92 3.48
CA GLN A 76 0.78 -8.26 4.80
C GLN A 76 2.06 -7.49 5.12
N LYS A 77 2.20 -6.34 4.46
CA LYS A 77 3.36 -5.50 4.65
C LYS A 77 2.92 -4.04 4.75
N ILE A 78 2.14 -3.62 3.76
CA ILE A 78 1.65 -2.26 3.72
C ILE A 78 0.72 -2.02 4.92
N SER A 79 0.01 -3.07 5.28
CA SER A 79 -0.91 -3.00 6.40
C SER A 79 -0.29 -2.19 7.54
N HIS A 80 0.89 -2.62 7.96
CA HIS A 80 1.61 -1.95 9.03
C HIS A 80 1.58 -0.44 8.80
N HIS A 81 1.84 -0.06 7.55
CA HIS A 81 1.85 1.35 7.20
C HIS A 81 0.42 1.91 7.26
N LEU A 82 -0.52 1.07 6.85
CA LEU A 82 -1.92 1.46 6.87
C LEU A 82 -2.32 1.88 8.28
N SER A 83 -2.84 3.09 8.40
CA SER A 83 -3.26 3.62 9.68
C SER A 83 -4.63 4.28 9.55
N PRO A 84 -5.29 4.46 10.72
CA PRO A 84 -6.61 5.09 10.75
C PRO A 84 -6.50 6.60 10.55
N PRO A 85 -7.23 7.09 9.50
CA PRO A 85 -7.22 8.51 9.19
C PRO A 85 -8.06 9.29 10.19
N PRO A 86 -8.00 10.64 10.06
CA PRO A 86 -8.75 11.52 10.95
C PRO A 86 -10.24 11.51 10.59
N PRO A 87 -11.09 11.79 11.62
CA PRO A 87 -12.52 11.82 11.43
C PRO A 87 -12.96 13.09 10.70
N SER A 88 -14.26 13.22 10.53
CA SER A 88 -14.82 14.39 9.86
C SER A 88 -16.34 14.28 9.79
N GLY A 89 -16.98 14.56 10.91
CA GLY A 89 -18.42 14.49 10.99
C GLY A 89 -19.05 15.85 10.72
N PRO A 90 -20.39 15.85 10.48
CA PRO A 90 -21.12 17.07 10.21
C PRO A 90 -21.32 17.88 11.50
N SER A 91 -21.88 17.22 12.49
CA SER A 91 -22.15 17.86 13.77
C SER A 91 -22.29 16.80 14.87
N SER A 92 -21.17 16.46 15.47
CA SER A 92 -21.17 15.46 16.54
C SER A 92 -22.36 15.68 17.47
N GLY A 93 -22.42 16.88 18.03
CA GLY A 93 -23.50 17.24 18.94
C GLY A 93 -23.02 17.21 20.39
N GLY A 1 -26.11 -18.98 -2.95
CA GLY A 1 -26.68 -17.66 -2.70
C GLY A 1 -27.05 -17.52 -1.22
N SER A 2 -26.50 -16.48 -0.60
CA SER A 2 -26.77 -16.21 0.80
C SER A 2 -26.41 -14.77 1.13
N SER A 3 -25.16 -14.42 0.89
CA SER A 3 -24.69 -13.08 1.16
C SER A 3 -24.86 -12.75 2.65
N GLY A 4 -24.17 -11.69 3.07
CA GLY A 4 -24.24 -11.27 4.46
C GLY A 4 -24.77 -9.83 4.56
N SER A 5 -23.90 -8.97 5.08
CA SER A 5 -24.27 -7.56 5.24
C SER A 5 -23.59 -6.72 4.16
N SER A 6 -22.29 -6.96 3.98
CA SER A 6 -21.53 -6.25 2.98
C SER A 6 -21.47 -4.76 3.34
N GLY A 7 -20.63 -4.45 4.31
CA GLY A 7 -20.48 -3.07 4.76
C GLY A 7 -19.55 -2.30 3.82
N VAL A 8 -19.76 -0.98 3.79
CA VAL A 8 -18.96 -0.12 2.95
C VAL A 8 -17.48 -0.29 3.31
N PRO A 9 -16.60 -0.03 2.31
CA PRO A 9 -15.17 -0.15 2.51
C PRO A 9 -14.64 1.03 3.32
N GLU A 10 -13.43 0.86 3.85
CA GLU A 10 -12.79 1.90 4.64
C GLU A 10 -11.54 2.41 3.93
N LYS A 11 -10.82 3.28 4.62
CA LYS A 11 -9.60 3.85 4.08
C LYS A 11 -8.52 3.87 5.16
N PHE A 12 -7.27 3.87 4.70
CA PHE A 12 -6.15 3.88 5.62
C PHE A 12 -5.13 4.96 5.22
N LYS A 13 -4.53 5.56 6.25
CA LYS A 13 -3.54 6.60 6.03
C LYS A 13 -2.28 5.99 5.42
N LEU A 14 -1.49 6.84 4.79
CA LEU A 14 -0.25 6.41 4.17
C LEU A 14 0.93 6.97 4.94
N SER A 15 2.07 6.31 4.81
CA SER A 15 3.27 6.74 5.49
C SER A 15 4.00 7.81 4.65
N THR A 16 4.95 8.47 5.30
CA THR A 16 5.71 9.51 4.62
C THR A 16 6.36 8.96 3.36
N ALA A 17 6.93 7.76 3.49
CA ALA A 17 7.59 7.12 2.37
C ALA A 17 6.53 6.56 1.42
N LEU A 18 5.56 5.88 1.99
CA LEU A 18 4.49 5.29 1.21
C LEU A 18 3.75 6.39 0.45
N MET A 19 3.79 7.58 1.02
CA MET A 19 3.13 8.73 0.41
C MET A 19 3.91 9.22 -0.81
N ASP A 20 5.22 9.21 -0.68
CA ASP A 20 6.09 9.64 -1.76
C ASP A 20 6.22 8.51 -2.79
N VAL A 21 5.74 7.34 -2.40
CA VAL A 21 5.81 6.18 -3.27
C VAL A 21 4.67 6.25 -4.29
N LEU A 22 3.51 6.70 -3.81
CA LEU A 22 2.34 6.83 -4.65
C LEU A 22 1.95 8.30 -4.77
N GLY A 23 1.62 8.87 -3.63
CA GLY A 23 1.22 10.28 -3.59
C GLY A 23 -0.20 10.42 -3.03
N ILE A 24 -0.52 9.57 -2.07
CA ILE A 24 -1.83 9.60 -1.45
C ILE A 24 -1.67 9.76 0.06
N GLU A 25 -2.70 10.29 0.68
CA GLU A 25 -2.70 10.50 2.12
C GLU A 25 -3.74 9.60 2.80
N VAL A 26 -4.74 9.22 2.02
CA VAL A 26 -5.79 8.37 2.52
C VAL A 26 -6.34 7.50 1.38
N GLU A 27 -5.94 6.24 1.40
CA GLU A 27 -6.38 5.30 0.38
C GLU A 27 -6.88 4.01 1.03
N THR A 28 -7.38 3.12 0.18
CA THR A 28 -7.89 1.84 0.66
C THR A 28 -6.80 0.77 0.61
N ARG A 29 -7.21 -0.46 0.89
CA ARG A 29 -6.27 -1.57 0.89
C ARG A 29 -6.06 -2.08 -0.54
N PRO A 30 -7.19 -2.21 -1.28
CA PRO A 30 -7.13 -2.69 -2.65
C PRO A 30 -6.62 -1.59 -3.58
N ARG A 31 -6.51 -0.39 -3.03
CA ARG A 31 -6.03 0.76 -3.79
C ARG A 31 -4.51 0.85 -3.71
N ILE A 32 -4.02 0.81 -2.48
CA ILE A 32 -2.58 0.90 -2.25
C ILE A 32 -1.89 -0.29 -2.92
N ILE A 33 -2.26 -1.48 -2.46
CA ILE A 33 -1.67 -2.70 -3.00
C ILE A 33 -1.53 -2.55 -4.52
N ALA A 34 -2.60 -2.12 -5.16
CA ALA A 34 -2.60 -1.94 -6.60
C ALA A 34 -1.65 -0.80 -6.96
N ALA A 35 -1.85 0.33 -6.28
CA ALA A 35 -1.03 1.49 -6.53
C ALA A 35 0.44 1.08 -6.63
N ILE A 36 0.80 0.09 -5.81
CA ILE A 36 2.16 -0.43 -5.80
C ILE A 36 2.36 -1.32 -7.02
N TRP A 37 1.35 -2.12 -7.31
CA TRP A 37 1.42 -3.03 -8.45
C TRP A 37 1.78 -2.21 -9.69
N HIS A 38 1.10 -1.08 -9.84
CA HIS A 38 1.35 -0.21 -10.97
C HIS A 38 2.74 0.40 -10.86
N TYR A 39 2.96 1.12 -9.78
CA TYR A 39 4.25 1.75 -9.54
C TYR A 39 5.39 0.85 -9.99
N VAL A 40 5.42 -0.36 -9.43
CA VAL A 40 6.46 -1.31 -9.77
C VAL A 40 6.49 -1.50 -11.30
N LYS A 41 5.32 -1.73 -11.86
CA LYS A 41 5.21 -1.93 -13.30
C LYS A 41 5.77 -0.69 -14.02
N ALA A 42 5.29 0.47 -13.58
CA ALA A 42 5.72 1.73 -14.17
C ALA A 42 7.24 1.85 -14.04
N ARG A 43 7.70 1.82 -12.80
CA ARG A 43 9.13 1.93 -12.53
C ARG A 43 9.87 0.74 -13.13
N LYS A 44 9.10 -0.26 -13.55
CA LYS A 44 9.67 -1.46 -14.15
C LYS A 44 10.48 -2.21 -13.08
N LEU A 45 9.91 -2.29 -11.90
CA LEU A 45 10.56 -2.97 -10.80
C LEU A 45 10.24 -4.47 -10.86
N GLN A 46 9.15 -4.77 -11.55
CA GLN A 46 8.71 -6.14 -11.70
C GLN A 46 9.92 -7.06 -11.93
N ASN A 47 9.88 -8.20 -11.25
CA ASN A 47 10.96 -9.17 -11.37
C ASN A 47 10.66 -10.11 -12.54
N PRO A 48 11.71 -10.32 -13.40
CA PRO A 48 11.57 -11.18 -14.55
C PRO A 48 11.58 -12.65 -14.13
N ASN A 49 12.42 -12.94 -13.14
CA ASN A 49 12.53 -14.30 -12.65
C ASN A 49 11.16 -14.78 -12.13
N ASP A 50 10.60 -13.99 -11.23
CA ASP A 50 9.31 -14.32 -10.66
C ASP A 50 8.35 -13.14 -10.88
N PRO A 51 7.18 -13.46 -11.51
CA PRO A 51 6.19 -12.43 -11.77
C PRO A 51 5.43 -12.06 -10.50
N SER A 52 5.60 -12.89 -9.48
CA SER A 52 4.95 -12.65 -8.20
C SER A 52 5.78 -11.67 -7.37
N PHE A 53 7.07 -11.66 -7.64
CA PHE A 53 7.98 -10.78 -6.92
C PHE A 53 8.42 -9.61 -7.80
N PHE A 54 9.17 -8.70 -7.19
CA PHE A 54 9.65 -7.53 -7.89
C PHE A 54 10.80 -6.86 -7.12
N ASN A 55 11.66 -6.20 -7.87
CA ASN A 55 12.80 -5.52 -7.27
C ASN A 55 12.30 -4.34 -6.44
N CYS A 56 13.06 -4.02 -5.40
CA CYS A 56 12.71 -2.93 -4.53
C CYS A 56 13.38 -1.65 -5.05
N ASP A 57 12.99 -0.53 -4.46
CA ASP A 57 13.54 0.75 -4.86
C ASP A 57 14.02 1.51 -3.61
N ALA A 58 14.47 2.73 -3.84
CA ALA A 58 14.96 3.56 -2.75
C ALA A 58 13.77 4.15 -1.99
N ALA A 59 12.57 3.80 -2.46
CA ALA A 59 11.35 4.28 -1.83
C ALA A 59 10.62 3.11 -1.18
N LEU A 60 10.50 2.03 -1.93
CA LEU A 60 9.83 0.84 -1.44
C LEU A 60 10.62 0.27 -0.26
N GLN A 61 11.93 0.43 -0.33
CA GLN A 61 12.80 -0.06 0.72
C GLN A 61 12.45 0.61 2.05
N LYS A 62 12.52 1.93 2.05
CA LYS A 62 12.22 2.69 3.25
C LYS A 62 10.94 2.16 3.88
N VAL A 63 10.09 1.58 3.02
CA VAL A 63 8.83 1.03 3.48
C VAL A 63 9.04 -0.42 3.94
N PHE A 64 9.27 -1.28 2.95
CA PHE A 64 9.49 -2.69 3.23
C PHE A 64 10.87 -2.92 3.84
N GLY A 65 11.89 -2.68 3.02
CA GLY A 65 13.27 -2.85 3.45
C GLY A 65 13.86 -4.14 2.88
N GLU A 66 13.06 -4.82 2.07
CA GLU A 66 13.50 -6.06 1.46
C GLU A 66 13.86 -5.83 -0.01
N GLU A 67 15.00 -6.36 -0.40
CA GLU A 67 15.47 -6.22 -1.77
C GLU A 67 14.30 -6.36 -2.75
N LYS A 68 13.44 -7.33 -2.46
CA LYS A 68 12.28 -7.57 -3.29
C LYS A 68 11.07 -7.90 -2.41
N LEU A 69 9.93 -8.06 -3.06
CA LEU A 69 8.70 -8.36 -2.34
C LEU A 69 7.67 -8.92 -3.32
N LYS A 70 6.77 -9.74 -2.80
CA LYS A 70 5.73 -10.33 -3.62
C LYS A 70 4.67 -9.28 -3.95
N PHE A 71 3.76 -9.65 -4.83
CA PHE A 71 2.70 -8.75 -5.25
C PHE A 71 1.41 -9.03 -4.47
N THR A 72 1.45 -10.10 -3.69
CA THR A 72 0.29 -10.49 -2.90
C THR A 72 0.59 -10.34 -1.40
N MET A 73 1.87 -10.42 -1.08
CA MET A 73 2.30 -10.30 0.30
C MET A 73 2.45 -8.82 0.70
N VAL A 74 2.26 -7.95 -0.28
CA VAL A 74 2.36 -6.53 -0.05
C VAL A 74 1.45 -6.14 1.11
N SER A 75 0.18 -6.45 0.95
CA SER A 75 -0.80 -6.15 1.98
C SER A 75 -0.21 -6.41 3.37
N GLN A 76 0.09 -7.67 3.62
CA GLN A 76 0.66 -8.07 4.89
C GLN A 76 1.72 -7.06 5.34
N LYS A 77 2.39 -6.47 4.35
CA LYS A 77 3.42 -5.49 4.62
C LYS A 77 2.78 -4.11 4.77
N ILE A 78 2.49 -3.51 3.63
CA ILE A 78 1.88 -2.19 3.62
C ILE A 78 0.89 -2.08 4.77
N SER A 79 0.18 -3.17 5.01
CA SER A 79 -0.80 -3.21 6.08
C SER A 79 -0.28 -2.46 7.30
N HIS A 80 0.89 -2.89 7.78
CA HIS A 80 1.51 -2.27 8.93
C HIS A 80 1.45 -0.75 8.78
N HIS A 81 1.86 -0.28 7.61
CA HIS A 81 1.86 1.15 7.34
C HIS A 81 0.42 1.68 7.39
N LEU A 82 -0.49 0.90 6.84
CA LEU A 82 -1.89 1.28 6.82
C LEU A 82 -2.33 1.66 8.23
N SER A 83 -3.00 2.80 8.32
CA SER A 83 -3.48 3.29 9.59
C SER A 83 -4.85 3.93 9.43
N PRO A 84 -5.60 4.00 10.56
CA PRO A 84 -6.93 4.59 10.55
C PRO A 84 -6.85 6.12 10.49
N PRO A 85 -7.53 6.68 9.46
CA PRO A 85 -7.54 8.13 9.28
C PRO A 85 -8.45 8.80 10.30
N PRO A 86 -8.40 10.16 10.31
CA PRO A 86 -9.21 10.94 11.23
C PRO A 86 -10.67 10.96 10.78
N PRO A 87 -11.57 10.63 11.75
CA PRO A 87 -13.01 10.60 11.47
C PRO A 87 -13.56 12.02 11.39
N SER A 88 -13.61 12.55 10.17
CA SER A 88 -14.12 13.88 9.95
C SER A 88 -14.03 14.23 8.46
N GLY A 89 -15.19 14.50 7.87
CA GLY A 89 -15.25 14.84 6.46
C GLY A 89 -14.79 13.68 5.59
N PRO A 90 -15.80 13.03 4.91
CA PRO A 90 -15.51 11.90 4.05
C PRO A 90 -14.88 12.37 2.73
N SER A 91 -13.80 11.70 2.36
CA SER A 91 -13.10 12.03 1.13
C SER A 91 -12.47 13.42 1.25
N SER A 92 -11.37 13.47 1.98
CA SER A 92 -10.66 14.73 2.18
C SER A 92 -11.49 15.65 3.09
N GLY A 93 -10.81 16.21 4.08
CA GLY A 93 -11.45 17.11 5.01
C GLY A 93 -11.35 18.56 4.54
#